data_4ZYA
# 
_entry.id   4ZYA 
# 
_audit_conform.dict_name       mmcif_pdbx.dic 
_audit_conform.dict_version    5.397 
_audit_conform.dict_location   http://mmcif.pdb.org/dictionaries/ascii/mmcif_pdbx.dic 
# 
loop_
_database_2.database_id 
_database_2.database_code 
_database_2.pdbx_database_accession 
_database_2.pdbx_DOI 
PDB   4ZYA         pdb_00004zya 10.2210/pdb4zya/pdb 
WWPDB D_1000210012 ?            ?                   
# 
loop_
_pdbx_audit_revision_history.ordinal 
_pdbx_audit_revision_history.data_content_type 
_pdbx_audit_revision_history.major_revision 
_pdbx_audit_revision_history.minor_revision 
_pdbx_audit_revision_history.revision_date 
1 'Structure model' 1 0 2016-05-25 
2 'Structure model' 1 1 2019-04-24 
3 'Structure model' 1 2 2024-10-16 
# 
_pdbx_audit_revision_details.ordinal             1 
_pdbx_audit_revision_details.revision_ordinal    1 
_pdbx_audit_revision_details.data_content_type   'Structure model' 
_pdbx_audit_revision_details.provider            repository 
_pdbx_audit_revision_details.type                'Initial release' 
_pdbx_audit_revision_details.description         ? 
_pdbx_audit_revision_details.details             ? 
# 
loop_
_pdbx_audit_revision_group.ordinal 
_pdbx_audit_revision_group.revision_ordinal 
_pdbx_audit_revision_group.data_content_type 
_pdbx_audit_revision_group.group 
1 2 'Structure model' 'Data collection'      
2 2 'Structure model' 'Database references'  
3 2 'Structure model' 'Derived calculations' 
4 3 'Structure model' 'Data collection'      
5 3 'Structure model' 'Database references'  
6 3 'Structure model' 'Derived calculations' 
7 3 'Structure model' 'Structure summary'    
# 
loop_
_pdbx_audit_revision_category.ordinal 
_pdbx_audit_revision_category.revision_ordinal 
_pdbx_audit_revision_category.data_content_type 
_pdbx_audit_revision_category.category 
1  2 'Structure model' citation                  
2  2 'Structure model' citation_author           
3  2 'Structure model' pdbx_struct_oper_list     
4  3 'Structure model' chem_comp_atom            
5  3 'Structure model' chem_comp_bond            
6  3 'Structure model' database_2                
7  3 'Structure model' pdbx_entry_details        
8  3 'Structure model' pdbx_modification_feature 
9  3 'Structure model' pdbx_struct_conn_angle    
10 3 'Structure model' struct_conn               
# 
loop_
_pdbx_audit_revision_item.ordinal 
_pdbx_audit_revision_item.revision_ordinal 
_pdbx_audit_revision_item.data_content_type 
_pdbx_audit_revision_item.item 
1  2 'Structure model' '_citation.country'                           
2  2 'Structure model' '_citation.journal_abbrev'                    
3  2 'Structure model' '_citation.journal_id_ASTM'                   
4  2 'Structure model' '_citation.journal_id_CSD'                    
5  2 'Structure model' '_citation.journal_id_ISSN'                   
6  2 'Structure model' '_citation.journal_volume'                    
7  2 'Structure model' '_citation.page_first'                        
8  2 'Structure model' '_citation.page_last'                         
9  2 'Structure model' '_citation.pdbx_database_id_DOI'              
10 2 'Structure model' '_citation.pdbx_database_id_PubMed'           
11 2 'Structure model' '_citation.title'                             
12 2 'Structure model' '_citation.year'                              
13 2 'Structure model' '_pdbx_struct_oper_list.symmetry_operation'   
14 3 'Structure model' '_database_2.pdbx_DOI'                        
15 3 'Structure model' '_database_2.pdbx_database_accession'         
16 3 'Structure model' '_pdbx_struct_conn_angle.ptnr1_auth_comp_id'  
17 3 'Structure model' '_pdbx_struct_conn_angle.ptnr1_auth_seq_id'   
18 3 'Structure model' '_pdbx_struct_conn_angle.ptnr1_label_atom_id' 
19 3 'Structure model' '_pdbx_struct_conn_angle.ptnr1_label_comp_id' 
20 3 'Structure model' '_pdbx_struct_conn_angle.ptnr1_label_seq_id'  
21 3 'Structure model' '_pdbx_struct_conn_angle.ptnr2_symmetry'      
22 3 'Structure model' '_pdbx_struct_conn_angle.ptnr3_auth_comp_id'  
23 3 'Structure model' '_pdbx_struct_conn_angle.ptnr3_auth_seq_id'   
24 3 'Structure model' '_pdbx_struct_conn_angle.ptnr3_label_atom_id' 
25 3 'Structure model' '_pdbx_struct_conn_angle.ptnr3_label_comp_id' 
26 3 'Structure model' '_pdbx_struct_conn_angle.ptnr3_label_seq_id'  
27 3 'Structure model' '_pdbx_struct_conn_angle.value'               
28 3 'Structure model' '_struct_conn.conn_type_id'                   
29 3 'Structure model' '_struct_conn.id'                             
30 3 'Structure model' '_struct_conn.pdbx_dist_value'                
31 3 'Structure model' '_struct_conn.pdbx_leaving_atom_flag'         
32 3 'Structure model' '_struct_conn.pdbx_ptnr1_label_alt_id'        
33 3 'Structure model' '_struct_conn.pdbx_ptnr2_label_alt_id'        
34 3 'Structure model' '_struct_conn.ptnr1_auth_asym_id'             
35 3 'Structure model' '_struct_conn.ptnr1_auth_comp_id'             
36 3 'Structure model' '_struct_conn.ptnr1_auth_seq_id'              
37 3 'Structure model' '_struct_conn.ptnr1_label_asym_id'            
38 3 'Structure model' '_struct_conn.ptnr1_label_atom_id'            
39 3 'Structure model' '_struct_conn.ptnr1_label_comp_id'            
40 3 'Structure model' '_struct_conn.ptnr1_label_seq_id'             
41 3 'Structure model' '_struct_conn.ptnr2_auth_asym_id'             
42 3 'Structure model' '_struct_conn.ptnr2_auth_comp_id'             
43 3 'Structure model' '_struct_conn.ptnr2_auth_seq_id'              
44 3 'Structure model' '_struct_conn.ptnr2_label_asym_id'            
45 3 'Structure model' '_struct_conn.ptnr2_label_atom_id'            
46 3 'Structure model' '_struct_conn.ptnr2_label_comp_id'            
47 3 'Structure model' '_struct_conn.ptnr2_label_seq_id'             
48 3 'Structure model' '_struct_conn.ptnr2_symmetry'                 
# 
_pdbx_database_status.status_code                     REL 
_pdbx_database_status.status_code_sf                  REL 
_pdbx_database_status.status_code_mr                  ? 
_pdbx_database_status.entry_id                        4ZYA 
_pdbx_database_status.recvd_initial_deposition_date   2015-05-21 
_pdbx_database_status.SG_entry                        N 
_pdbx_database_status.deposit_site                    RCSB 
_pdbx_database_status.process_site                    PDBJ 
_pdbx_database_status.status_code_cs                  ? 
_pdbx_database_status.methods_development_category    ? 
_pdbx_database_status.pdb_format_compatible           Y 
_pdbx_database_status.status_code_nmr_data            ? 
# 
_pdbx_database_related.db_name        PDB 
_pdbx_database_related.details        . 
_pdbx_database_related.db_id          4ZWF 
_pdbx_database_related.content_type   unspecified 
# 
loop_
_audit_author.name 
_audit_author.pdbx_ordinal 
'Park, J.S.'    1 
'Park, M.C.'    2 
'Goughnour, P.' 3 
'Kim, H.S.'     4 
'Kim, S.J.'     5 
'Kim, H.J.'     6 
'Kim, S.H.'     7 
'Han, B.W.'     8 
# 
_citation.abstract                  ? 
_citation.abstract_id_CAS           ? 
_citation.book_id_ISBN              ? 
_citation.book_publisher            ? 
_citation.book_publisher_city       ? 
_citation.book_title                ? 
_citation.coordinate_linkage        ? 
_citation.country                   UK 
_citation.database_id_Medline       ? 
_citation.details                   ? 
_citation.id                        primary 
_citation.journal_abbrev            'Int. J. Biol. Macromol.' 
_citation.journal_id_ASTM           IJBMDR 
_citation.journal_id_CSD            0708 
_citation.journal_id_ISSN           1879-0003 
_citation.journal_full              ? 
_citation.journal_issue             ? 
_citation.journal_volume            120 
_citation.language                  ? 
_citation.page_first                835 
_citation.page_last                 845 
_citation.title                     
'Unique N-terminal extension domain of human asparaginyl-tRNA synthetase elicits CCR3-mediated chemokine activity.' 
_citation.year                      2018 
_citation.database_id_CSD           ? 
_citation.pdbx_database_id_DOI      10.1016/j.ijbiomac.2018.08.171 
_citation.pdbx_database_id_PubMed   30171954 
_citation.unpublished_flag          ? 
# 
loop_
_citation_author.citation_id 
_citation_author.name 
_citation_author.ordinal 
_citation_author.identifier_ORCID 
primary 'Park, J.S.'      1  ? 
primary 'Park, M.C.'      2  ? 
primary 'Lee, K.Y.'       3  ? 
primary 'Goughnour, P.C.' 4  ? 
primary 'Jeong, S.J.'     5  ? 
primary 'Kim, H.S.'       6  ? 
primary 'Kim, H.J.'       7  ? 
primary 'Lee, B.J.'       8  ? 
primary 'Kim, S.'         9  ? 
primary 'Han, B.W.'       10 ? 
# 
loop_
_entity.id 
_entity.type 
_entity.src_method 
_entity.pdbx_description 
_entity.formula_weight 
_entity.pdbx_number_of_molecules 
_entity.pdbx_ec 
_entity.pdbx_mutation 
_entity.pdbx_fragment 
_entity.details 
1 polymer     man 'Asparagine--tRNA ligase, cytoplasmic' 9046.690 2   6.1.1.22 ? 'UNP residues 4-77' ? 
2 non-polymer syn 'ZINC ION'                             65.409   2   ?        ? ?                   ? 
3 non-polymer syn GLYCEROL                               92.094   1   ?        ? ?                   ? 
4 non-polymer syn 'CHLORIDE ION'                         35.453   1   ?        ? ?                   ? 
5 water       nat water                                  18.015   135 ?        ? ?                   ? 
# 
_entity_name_com.entity_id   1 
_entity_name_com.name        'Asparaginyl-tRNA synthetase,AsnRS' 
# 
_entity_poly.entity_id                      1 
_entity_poly.type                           'polypeptide(L)' 
_entity_poly.nstd_linkage                   no 
_entity_poly.nstd_monomer                   yes 
_entity_poly.pdbx_seq_one_letter_code       
;GH(MSE)AELYVSDREGSDATGDGTKEKPFKTGLKAL(MSE)TVGKEPFPTIYVDSQKENERWNVISKSQLKNIKK
(MSE)WHREQ(MSE)KS
;
_entity_poly.pdbx_seq_one_letter_code_can   GHMAELYVSDREGSDATGDGTKEKPFKTGLKALMTVGKEPFPTIYVDSQKENERWNVISKSQLKNIKKMWHREQMKS 
_entity_poly.pdbx_strand_id                 A,B 
_entity_poly.pdbx_target_identifier         ? 
# 
loop_
_pdbx_entity_nonpoly.entity_id 
_pdbx_entity_nonpoly.name 
_pdbx_entity_nonpoly.comp_id 
2 'ZINC ION'     ZN  
3 GLYCEROL       GOL 
4 'CHLORIDE ION' CL  
5 water          HOH 
# 
loop_
_entity_poly_seq.entity_id 
_entity_poly_seq.num 
_entity_poly_seq.mon_id 
_entity_poly_seq.hetero 
1 1  GLY n 
1 2  HIS n 
1 3  MSE n 
1 4  ALA n 
1 5  GLU n 
1 6  LEU n 
1 7  TYR n 
1 8  VAL n 
1 9  SER n 
1 10 ASP n 
1 11 ARG n 
1 12 GLU n 
1 13 GLY n 
1 14 SER n 
1 15 ASP n 
1 16 ALA n 
1 17 THR n 
1 18 GLY n 
1 19 ASP n 
1 20 GLY n 
1 21 THR n 
1 22 LYS n 
1 23 GLU n 
1 24 LYS n 
1 25 PRO n 
1 26 PHE n 
1 27 LYS n 
1 28 THR n 
1 29 GLY n 
1 30 LEU n 
1 31 LYS n 
1 32 ALA n 
1 33 LEU n 
1 34 MSE n 
1 35 THR n 
1 36 VAL n 
1 37 GLY n 
1 38 LYS n 
1 39 GLU n 
1 40 PRO n 
1 41 PHE n 
1 42 PRO n 
1 43 THR n 
1 44 ILE n 
1 45 TYR n 
1 46 VAL n 
1 47 ASP n 
1 48 SER n 
1 49 GLN n 
1 50 LYS n 
1 51 GLU n 
1 52 ASN n 
1 53 GLU n 
1 54 ARG n 
1 55 TRP n 
1 56 ASN n 
1 57 VAL n 
1 58 ILE n 
1 59 SER n 
1 60 LYS n 
1 61 SER n 
1 62 GLN n 
1 63 LEU n 
1 64 LYS n 
1 65 ASN n 
1 66 ILE n 
1 67 LYS n 
1 68 LYS n 
1 69 MSE n 
1 70 TRP n 
1 71 HIS n 
1 72 ARG n 
1 73 GLU n 
1 74 GLN n 
1 75 MSE n 
1 76 LYS n 
1 77 SER n 
# 
_entity_src_gen.entity_id                          1 
_entity_src_gen.pdbx_src_id                        1 
_entity_src_gen.pdbx_alt_source_flag               sample 
_entity_src_gen.pdbx_seq_type                      'Biological sequence' 
_entity_src_gen.pdbx_beg_seq_num                   1 
_entity_src_gen.pdbx_end_seq_num                   77 
_entity_src_gen.gene_src_common_name               Human 
_entity_src_gen.gene_src_genus                     ? 
_entity_src_gen.pdbx_gene_src_gene                 NARS 
_entity_src_gen.gene_src_species                   ? 
_entity_src_gen.gene_src_strain                    ? 
_entity_src_gen.gene_src_tissue                    ? 
_entity_src_gen.gene_src_tissue_fraction           ? 
_entity_src_gen.gene_src_details                   ? 
_entity_src_gen.pdbx_gene_src_fragment             ? 
_entity_src_gen.pdbx_gene_src_scientific_name      'Homo sapiens' 
_entity_src_gen.pdbx_gene_src_ncbi_taxonomy_id     9606 
_entity_src_gen.pdbx_gene_src_variant              ? 
_entity_src_gen.pdbx_gene_src_cell_line            ? 
_entity_src_gen.pdbx_gene_src_atcc                 ? 
_entity_src_gen.pdbx_gene_src_organ                ? 
_entity_src_gen.pdbx_gene_src_organelle            ? 
_entity_src_gen.pdbx_gene_src_cell                 ? 
_entity_src_gen.pdbx_gene_src_cellular_location    ? 
_entity_src_gen.host_org_common_name               ? 
_entity_src_gen.pdbx_host_org_scientific_name      'Escherichia coli' 
_entity_src_gen.pdbx_host_org_ncbi_taxonomy_id     562 
_entity_src_gen.host_org_genus                     ? 
_entity_src_gen.pdbx_host_org_gene                 ? 
_entity_src_gen.pdbx_host_org_organ                ? 
_entity_src_gen.host_org_species                   ? 
_entity_src_gen.pdbx_host_org_tissue               ? 
_entity_src_gen.pdbx_host_org_tissue_fraction      ? 
_entity_src_gen.pdbx_host_org_strain               ? 
_entity_src_gen.pdbx_host_org_variant              ? 
_entity_src_gen.pdbx_host_org_cell_line            ? 
_entity_src_gen.pdbx_host_org_atcc                 ? 
_entity_src_gen.pdbx_host_org_culture_collection   ? 
_entity_src_gen.pdbx_host_org_cell                 ? 
_entity_src_gen.pdbx_host_org_organelle            ? 
_entity_src_gen.pdbx_host_org_cellular_location    ? 
_entity_src_gen.pdbx_host_org_vector_type          ? 
_entity_src_gen.pdbx_host_org_vector               ? 
_entity_src_gen.host_org_details                   ? 
_entity_src_gen.expression_system_id               ? 
_entity_src_gen.plasmid_name                       ? 
_entity_src_gen.plasmid_details                    ? 
_entity_src_gen.pdbx_description                   ? 
# 
loop_
_chem_comp.id 
_chem_comp.type 
_chem_comp.mon_nstd_flag 
_chem_comp.name 
_chem_comp.pdbx_synonyms 
_chem_comp.formula 
_chem_comp.formula_weight 
ALA 'L-peptide linking' y ALANINE          ?                               'C3 H7 N O2'     89.093  
ARG 'L-peptide linking' y ARGININE         ?                               'C6 H15 N4 O2 1' 175.209 
ASN 'L-peptide linking' y ASPARAGINE       ?                               'C4 H8 N2 O3'    132.118 
ASP 'L-peptide linking' y 'ASPARTIC ACID'  ?                               'C4 H7 N O4'     133.103 
CL  non-polymer         . 'CHLORIDE ION'   ?                               'Cl -1'          35.453  
GLN 'L-peptide linking' y GLUTAMINE        ?                               'C5 H10 N2 O3'   146.144 
GLU 'L-peptide linking' y 'GLUTAMIC ACID'  ?                               'C5 H9 N O4'     147.129 
GLY 'peptide linking'   y GLYCINE          ?                               'C2 H5 N O2'     75.067  
GOL non-polymer         . GLYCEROL         'GLYCERIN; PROPANE-1,2,3-TRIOL' 'C3 H8 O3'       92.094  
HIS 'L-peptide linking' y HISTIDINE        ?                               'C6 H10 N3 O2 1' 156.162 
HOH non-polymer         . WATER            ?                               'H2 O'           18.015  
ILE 'L-peptide linking' y ISOLEUCINE       ?                               'C6 H13 N O2'    131.173 
LEU 'L-peptide linking' y LEUCINE          ?                               'C6 H13 N O2'    131.173 
LYS 'L-peptide linking' y LYSINE           ?                               'C6 H15 N2 O2 1' 147.195 
MSE 'L-peptide linking' n SELENOMETHIONINE ?                               'C5 H11 N O2 Se' 196.106 
PHE 'L-peptide linking' y PHENYLALANINE    ?                               'C9 H11 N O2'    165.189 
PRO 'L-peptide linking' y PROLINE          ?                               'C5 H9 N O2'     115.130 
SER 'L-peptide linking' y SERINE           ?                               'C3 H7 N O3'     105.093 
THR 'L-peptide linking' y THREONINE        ?                               'C4 H9 N O3'     119.119 
TRP 'L-peptide linking' y TRYPTOPHAN       ?                               'C11 H12 N2 O2'  204.225 
TYR 'L-peptide linking' y TYROSINE         ?                               'C9 H11 N O3'    181.189 
VAL 'L-peptide linking' y VALINE           ?                               'C5 H11 N O2'    117.146 
ZN  non-polymer         . 'ZINC ION'       ?                               'Zn 2'           65.409  
# 
loop_
_pdbx_poly_seq_scheme.asym_id 
_pdbx_poly_seq_scheme.entity_id 
_pdbx_poly_seq_scheme.seq_id 
_pdbx_poly_seq_scheme.mon_id 
_pdbx_poly_seq_scheme.ndb_seq_num 
_pdbx_poly_seq_scheme.pdb_seq_num 
_pdbx_poly_seq_scheme.auth_seq_num 
_pdbx_poly_seq_scheme.pdb_mon_id 
_pdbx_poly_seq_scheme.auth_mon_id 
_pdbx_poly_seq_scheme.pdb_strand_id 
_pdbx_poly_seq_scheme.pdb_ins_code 
_pdbx_poly_seq_scheme.hetero 
A 1 1  GLY 1  1  ?  ?   ?   A . n 
A 1 2  HIS 2  2  ?  ?   ?   A . n 
A 1 3  MSE 3  3  3  MSE MSE A . n 
A 1 4  ALA 4  4  4  ALA ALA A . n 
A 1 5  GLU 5  5  5  GLU GLU A . n 
A 1 6  LEU 6  6  6  LEU LEU A . n 
A 1 7  TYR 7  7  7  TYR TYR A . n 
A 1 8  VAL 8  8  8  VAL VAL A . n 
A 1 9  SER 9  9  9  SER SER A . n 
A 1 10 ASP 10 10 10 ASP ASP A . n 
A 1 11 ARG 11 11 11 ARG ARG A . n 
A 1 12 GLU 12 12 12 GLU GLU A . n 
A 1 13 GLY 13 13 13 GLY GLY A . n 
A 1 14 SER 14 14 14 SER SER A . n 
A 1 15 ASP 15 15 15 ASP ASP A . n 
A 1 16 ALA 16 16 16 ALA ALA A . n 
A 1 17 THR 17 17 17 THR THR A . n 
A 1 18 GLY 18 18 18 GLY GLY A . n 
A 1 19 ASP 19 19 19 ASP ASP A . n 
A 1 20 GLY 20 20 20 GLY GLY A . n 
A 1 21 THR 21 21 21 THR THR A . n 
A 1 22 LYS 22 22 22 LYS LYS A . n 
A 1 23 GLU 23 23 23 GLU GLU A . n 
A 1 24 LYS 24 24 24 LYS LYS A . n 
A 1 25 PRO 25 25 25 PRO PRO A . n 
A 1 26 PHE 26 26 26 PHE PHE A . n 
A 1 27 LYS 27 27 27 LYS LYS A . n 
A 1 28 THR 28 28 28 THR THR A . n 
A 1 29 GLY 29 29 29 GLY GLY A . n 
A 1 30 LEU 30 30 30 LEU LEU A . n 
A 1 31 LYS 31 31 31 LYS LYS A . n 
A 1 32 ALA 32 32 32 ALA ALA A . n 
A 1 33 LEU 33 33 33 LEU LEU A . n 
A 1 34 MSE 34 34 34 MSE MSE A . n 
A 1 35 THR 35 35 35 THR THR A . n 
A 1 36 VAL 36 36 36 VAL VAL A . n 
A 1 37 GLY 37 37 37 GLY GLY A . n 
A 1 38 LYS 38 38 38 LYS LYS A . n 
A 1 39 GLU 39 39 39 GLU GLU A . n 
A 1 40 PRO 40 40 40 PRO PRO A . n 
A 1 41 PHE 41 41 41 PHE PHE A . n 
A 1 42 PRO 42 42 42 PRO PRO A . n 
A 1 43 THR 43 43 43 THR THR A . n 
A 1 44 ILE 44 44 44 ILE ILE A . n 
A 1 45 TYR 45 45 45 TYR TYR A . n 
A 1 46 VAL 46 46 46 VAL VAL A . n 
A 1 47 ASP 47 47 47 ASP ASP A . n 
A 1 48 SER 48 48 48 SER SER A . n 
A 1 49 GLN 49 49 ?  ?   ?   A . n 
A 1 50 LYS 50 50 ?  ?   ?   A . n 
A 1 51 GLU 51 51 ?  ?   ?   A . n 
A 1 52 ASN 52 52 ?  ?   ?   A . n 
A 1 53 GLU 53 53 ?  ?   ?   A . n 
A 1 54 ARG 54 54 54 ARG ARG A . n 
A 1 55 TRP 55 55 55 TRP TRP A . n 
A 1 56 ASN 56 56 56 ASN ASN A . n 
A 1 57 VAL 57 57 57 VAL VAL A . n 
A 1 58 ILE 58 58 58 ILE ILE A . n 
A 1 59 SER 59 59 59 SER SER A . n 
A 1 60 LYS 60 60 60 LYS LYS A . n 
A 1 61 SER 61 61 61 SER SER A . n 
A 1 62 GLN 62 62 62 GLN GLN A . n 
A 1 63 LEU 63 63 63 LEU LEU A . n 
A 1 64 LYS 64 64 64 LYS LYS A . n 
A 1 65 ASN 65 65 65 ASN ASN A . n 
A 1 66 ILE 66 66 66 ILE ILE A . n 
A 1 67 LYS 67 67 67 LYS LYS A . n 
A 1 68 LYS 68 68 68 LYS LYS A . n 
A 1 69 MSE 69 69 69 MSE MSE A . n 
A 1 70 TRP 70 70 70 TRP TRP A . n 
A 1 71 HIS 71 71 71 HIS HIS A . n 
A 1 72 ARG 72 72 72 ARG ARG A . n 
A 1 73 GLU 73 73 73 GLU GLU A . n 
A 1 74 GLN 74 74 74 GLN GLN A . n 
A 1 75 MSE 75 75 75 MSE MSE A . n 
A 1 76 LYS 76 76 76 LYS LYS A . n 
A 1 77 SER 77 77 ?  ?   ?   A . n 
B 1 1  GLY 1  1  1  GLY GLY B . n 
B 1 2  HIS 2  2  2  HIS HIS B . n 
B 1 3  MSE 3  3  3  MSE MSE B . n 
B 1 4  ALA 4  4  4  ALA ALA B . n 
B 1 5  GLU 5  5  5  GLU GLU B . n 
B 1 6  LEU 6  6  6  LEU LEU B . n 
B 1 7  TYR 7  7  7  TYR TYR B . n 
B 1 8  VAL 8  8  8  VAL VAL B . n 
B 1 9  SER 9  9  9  SER SER B . n 
B 1 10 ASP 10 10 10 ASP ASP B . n 
B 1 11 ARG 11 11 11 ARG ARG B . n 
B 1 12 GLU 12 12 12 GLU GLU B . n 
B 1 13 GLY 13 13 13 GLY GLY B . n 
B 1 14 SER 14 14 14 SER SER B . n 
B 1 15 ASP 15 15 15 ASP ASP B . n 
B 1 16 ALA 16 16 16 ALA ALA B . n 
B 1 17 THR 17 17 17 THR THR B . n 
B 1 18 GLY 18 18 18 GLY GLY B . n 
B 1 19 ASP 19 19 19 ASP ASP B . n 
B 1 20 GLY 20 20 20 GLY GLY B . n 
B 1 21 THR 21 21 21 THR THR B . n 
B 1 22 LYS 22 22 22 LYS LYS B . n 
B 1 23 GLU 23 23 23 GLU GLU B . n 
B 1 24 LYS 24 24 24 LYS LYS B . n 
B 1 25 PRO 25 25 25 PRO PRO B . n 
B 1 26 PHE 26 26 26 PHE PHE B . n 
B 1 27 LYS 27 27 27 LYS LYS B . n 
B 1 28 THR 28 28 28 THR THR B . n 
B 1 29 GLY 29 29 29 GLY GLY B . n 
B 1 30 LEU 30 30 30 LEU LEU B . n 
B 1 31 LYS 31 31 31 LYS LYS B . n 
B 1 32 ALA 32 32 32 ALA ALA B . n 
B 1 33 LEU 33 33 33 LEU LEU B . n 
B 1 34 MSE 34 34 34 MSE MSE B . n 
B 1 35 THR 35 35 35 THR THR B . n 
B 1 36 VAL 36 36 36 VAL VAL B . n 
B 1 37 GLY 37 37 37 GLY GLY B . n 
B 1 38 LYS 38 38 38 LYS LYS B . n 
B 1 39 GLU 39 39 39 GLU GLU B . n 
B 1 40 PRO 40 40 40 PRO PRO B . n 
B 1 41 PHE 41 41 41 PHE PHE B . n 
B 1 42 PRO 42 42 42 PRO PRO B . n 
B 1 43 THR 43 43 43 THR THR B . n 
B 1 44 ILE 44 44 44 ILE ILE B . n 
B 1 45 TYR 45 45 45 TYR TYR B . n 
B 1 46 VAL 46 46 46 VAL VAL B . n 
B 1 47 ASP 47 47 47 ASP ASP B . n 
B 1 48 SER 48 48 48 SER SER B . n 
B 1 49 GLN 49 49 49 GLN GLN B . n 
B 1 50 LYS 50 50 50 LYS LYS B . n 
B 1 51 GLU 51 51 51 GLU GLU B . n 
B 1 52 ASN 52 52 52 ASN ASN B . n 
B 1 53 GLU 53 53 53 GLU GLU B . n 
B 1 54 ARG 54 54 54 ARG ARG B . n 
B 1 55 TRP 55 55 55 TRP TRP B . n 
B 1 56 ASN 56 56 56 ASN ASN B . n 
B 1 57 VAL 57 57 57 VAL VAL B . n 
B 1 58 ILE 58 58 58 ILE ILE B . n 
B 1 59 SER 59 59 59 SER SER B . n 
B 1 60 LYS 60 60 60 LYS LYS B . n 
B 1 61 SER 61 61 61 SER SER B . n 
B 1 62 GLN 62 62 62 GLN GLN B . n 
B 1 63 LEU 63 63 63 LEU LEU B . n 
B 1 64 LYS 64 64 64 LYS LYS B . n 
B 1 65 ASN 65 65 65 ASN ASN B . n 
B 1 66 ILE 66 66 66 ILE ILE B . n 
B 1 67 LYS 67 67 67 LYS LYS B . n 
B 1 68 LYS 68 68 68 LYS LYS B . n 
B 1 69 MSE 69 69 69 MSE MSE B . n 
B 1 70 TRP 70 70 70 TRP TRP B . n 
B 1 71 HIS 71 71 71 HIS HIS B . n 
B 1 72 ARG 72 72 72 ARG ARG B . n 
B 1 73 GLU 73 73 73 GLU GLU B . n 
B 1 74 GLN 74 74 74 GLN GLN B . n 
B 1 75 MSE 75 75 75 MSE MSE B . n 
B 1 76 LYS 76 76 76 LYS LYS B . n 
B 1 77 SER 77 77 ?  ?   ?   B . n 
# 
loop_
_pdbx_nonpoly_scheme.asym_id 
_pdbx_nonpoly_scheme.entity_id 
_pdbx_nonpoly_scheme.mon_id 
_pdbx_nonpoly_scheme.ndb_seq_num 
_pdbx_nonpoly_scheme.pdb_seq_num 
_pdbx_nonpoly_scheme.auth_seq_num 
_pdbx_nonpoly_scheme.pdb_mon_id 
_pdbx_nonpoly_scheme.auth_mon_id 
_pdbx_nonpoly_scheme.pdb_strand_id 
_pdbx_nonpoly_scheme.pdb_ins_code 
C 2 ZN  1  101 1002 ZN  ZN  A . 
D 2 ZN  1  101 1003 ZN  ZN  B . 
E 3 GOL 1  102 1501 GOL GOL B . 
F 4 CL  1  103 1    CL  CL  B . 
G 5 HOH 1  201 102  HOH HOH A . 
G 5 HOH 2  202 82   HOH HOH A . 
G 5 HOH 3  203 108  HOH HOH A . 
G 5 HOH 4  204 60   HOH HOH A . 
G 5 HOH 5  205 105  HOH HOH A . 
G 5 HOH 6  206 71   HOH HOH A . 
G 5 HOH 7  207 78   HOH HOH A . 
G 5 HOH 8  208 133  HOH HOH A . 
G 5 HOH 9  209 94   HOH HOH A . 
G 5 HOH 10 210 56   HOH HOH A . 
G 5 HOH 11 211 106  HOH HOH A . 
G 5 HOH 12 212 130  HOH HOH A . 
G 5 HOH 13 213 73   HOH HOH A . 
G 5 HOH 14 214 34   HOH HOH A . 
G 5 HOH 15 215 128  HOH HOH A . 
G 5 HOH 16 216 125  HOH HOH A . 
G 5 HOH 17 217 70   HOH HOH A . 
G 5 HOH 18 218 120  HOH HOH A . 
G 5 HOH 19 219 52   HOH HOH A . 
G 5 HOH 20 220 19   HOH HOH A . 
G 5 HOH 21 221 28   HOH HOH A . 
G 5 HOH 22 222 54   HOH HOH A . 
G 5 HOH 23 223 9    HOH HOH A . 
G 5 HOH 24 224 76   HOH HOH A . 
G 5 HOH 25 225 107  HOH HOH A . 
G 5 HOH 26 226 51   HOH HOH A . 
G 5 HOH 27 227 99   HOH HOH A . 
G 5 HOH 28 228 5    HOH HOH A . 
G 5 HOH 29 229 95   HOH HOH A . 
G 5 HOH 30 230 72   HOH HOH A . 
G 5 HOH 31 231 6    HOH HOH A . 
G 5 HOH 32 232 32   HOH HOH A . 
G 5 HOH 33 233 2    HOH HOH A . 
G 5 HOH 34 234 40   HOH HOH A . 
G 5 HOH 35 235 123  HOH HOH A . 
G 5 HOH 36 236 63   HOH HOH A . 
G 5 HOH 37 237 4    HOH HOH A . 
G 5 HOH 38 238 126  HOH HOH A . 
G 5 HOH 39 239 92   HOH HOH A . 
G 5 HOH 40 240 18   HOH HOH A . 
G 5 HOH 41 241 11   HOH HOH A . 
G 5 HOH 42 242 22   HOH HOH A . 
G 5 HOH 43 243 27   HOH HOH A . 
G 5 HOH 44 244 91   HOH HOH A . 
G 5 HOH 45 245 103  HOH HOH A . 
G 5 HOH 46 246 87   HOH HOH A . 
G 5 HOH 47 247 12   HOH HOH A . 
G 5 HOH 48 248 75   HOH HOH A . 
G 5 HOH 49 249 68   HOH HOH A . 
G 5 HOH 50 250 111  HOH HOH A . 
G 5 HOH 51 251 36   HOH HOH A . 
G 5 HOH 52 252 97   HOH HOH A . 
G 5 HOH 53 253 118  HOH HOH A . 
G 5 HOH 54 254 81   HOH HOH A . 
G 5 HOH 55 255 100  HOH HOH A . 
G 5 HOH 56 256 104  HOH HOH A . 
G 5 HOH 57 257 64   HOH HOH A . 
H 5 HOH 1  201 112  HOH HOH B . 
H 5 HOH 2  202 124  HOH HOH B . 
H 5 HOH 3  203 127  HOH HOH B . 
H 5 HOH 4  204 122  HOH HOH B . 
H 5 HOH 5  205 84   HOH HOH B . 
H 5 HOH 6  206 15   HOH HOH B . 
H 5 HOH 7  207 134  HOH HOH B . 
H 5 HOH 8  208 38   HOH HOH B . 
H 5 HOH 9  209 135  HOH HOH B . 
H 5 HOH 10 210 114  HOH HOH B . 
H 5 HOH 11 211 110  HOH HOH B . 
H 5 HOH 12 212 17   HOH HOH B . 
H 5 HOH 13 213 109  HOH HOH B . 
H 5 HOH 14 214 69   HOH HOH B . 
H 5 HOH 15 215 57   HOH HOH B . 
H 5 HOH 16 216 96   HOH HOH B . 
H 5 HOH 17 217 30   HOH HOH B . 
H 5 HOH 18 218 14   HOH HOH B . 
H 5 HOH 19 219 101  HOH HOH B . 
H 5 HOH 20 220 53   HOH HOH B . 
H 5 HOH 21 221 61   HOH HOH B . 
H 5 HOH 22 222 16   HOH HOH B . 
H 5 HOH 23 223 13   HOH HOH B . 
H 5 HOH 24 224 117  HOH HOH B . 
H 5 HOH 25 225 131  HOH HOH B . 
H 5 HOH 26 226 21   HOH HOH B . 
H 5 HOH 27 227 98   HOH HOH B . 
H 5 HOH 28 228 48   HOH HOH B . 
H 5 HOH 29 229 45   HOH HOH B . 
H 5 HOH 30 230 58   HOH HOH B . 
H 5 HOH 31 231 29   HOH HOH B . 
H 5 HOH 32 232 86   HOH HOH B . 
H 5 HOH 33 233 50   HOH HOH B . 
H 5 HOH 34 234 20   HOH HOH B . 
H 5 HOH 35 235 89   HOH HOH B . 
H 5 HOH 36 236 59   HOH HOH B . 
H 5 HOH 37 237 31   HOH HOH B . 
H 5 HOH 38 238 90   HOH HOH B . 
H 5 HOH 39 239 79   HOH HOH B . 
H 5 HOH 40 240 77   HOH HOH B . 
H 5 HOH 41 241 85   HOH HOH B . 
H 5 HOH 42 242 10   HOH HOH B . 
H 5 HOH 43 243 62   HOH HOH B . 
H 5 HOH 44 244 49   HOH HOH B . 
H 5 HOH 45 245 26   HOH HOH B . 
H 5 HOH 46 246 1    HOH HOH B . 
H 5 HOH 47 247 3    HOH HOH B . 
H 5 HOH 48 248 67   HOH HOH B . 
H 5 HOH 49 249 66   HOH HOH B . 
H 5 HOH 50 250 7    HOH HOH B . 
H 5 HOH 51 251 43   HOH HOH B . 
H 5 HOH 52 252 37   HOH HOH B . 
H 5 HOH 53 253 8    HOH HOH B . 
H 5 HOH 54 254 25   HOH HOH B . 
H 5 HOH 55 255 33   HOH HOH B . 
H 5 HOH 56 256 46   HOH HOH B . 
H 5 HOH 57 257 41   HOH HOH B . 
H 5 HOH 58 258 116  HOH HOH B . 
H 5 HOH 59 259 113  HOH HOH B . 
H 5 HOH 60 260 115  HOH HOH B . 
H 5 HOH 61 261 121  HOH HOH B . 
H 5 HOH 62 262 132  HOH HOH B . 
H 5 HOH 63 263 55   HOH HOH B . 
H 5 HOH 64 264 24   HOH HOH B . 
H 5 HOH 65 265 39   HOH HOH B . 
H 5 HOH 66 266 23   HOH HOH B . 
H 5 HOH 67 267 80   HOH HOH B . 
H 5 HOH 68 268 35   HOH HOH B . 
H 5 HOH 69 269 93   HOH HOH B . 
H 5 HOH 70 270 65   HOH HOH B . 
H 5 HOH 71 271 119  HOH HOH B . 
H 5 HOH 72 272 74   HOH HOH B . 
H 5 HOH 73 273 88   HOH HOH B . 
H 5 HOH 74 274 44   HOH HOH B . 
H 5 HOH 75 275 83   HOH HOH B . 
H 5 HOH 76 276 42   HOH HOH B . 
H 5 HOH 77 277 47   HOH HOH B . 
H 5 HOH 78 278 129  HOH HOH B . 
# 
loop_
_software.citation_id 
_software.classification 
_software.compiler_name 
_software.compiler_version 
_software.contact_author 
_software.contact_author_email 
_software.date 
_software.description 
_software.dependencies 
_software.hardware 
_software.language 
_software.location 
_software.mods 
_software.name 
_software.os 
_software.os_version 
_software.type 
_software.version 
_software.pdbx_ordinal 
? refinement       ? ? ? ? ? ? ? ? ? ? ? PHENIX   ? ? ? 1.9_1692 1 
? 'data reduction' ? ? ? ? ? ? ? ? ? ? ? HKL-2000 ? ? ? .        2 
? 'data scaling'   ? ? ? ? ? ? ? ? ? ? ? HKL-2000 ? ? ? .        3 
? phasing          ? ? ? ? ? ? ? ? ? ? ? PHENIX   ? ? ? .        4 
? phasing          ? ? ? ? ? ? ? ? ? ? ? PHASER   ? ? ? .        5 
# 
_cell.entry_id           4ZYA 
_cell.length_a           32.626 
_cell.length_b           32.626 
_cell.length_c           215.921 
_cell.angle_alpha        90.00 
_cell.angle_beta         90.00 
_cell.angle_gamma        120.00 
_cell.Z_PDB              12 
_cell.pdbx_unique_axis   ? 
# 
_symmetry.entry_id                         4ZYA 
_symmetry.space_group_name_H-M             'P 65' 
_symmetry.pdbx_full_space_group_name_H-M   ? 
_symmetry.cell_setting                     ? 
_symmetry.Int_Tables_number                170 
# 
_exptl.absorpt_coefficient_mu     ? 
_exptl.absorpt_correction_T_max   ? 
_exptl.absorpt_correction_T_min   ? 
_exptl.absorpt_correction_type    ? 
_exptl.absorpt_process_details    ? 
_exptl.entry_id                   4ZYA 
_exptl.crystals_number            ? 
_exptl.details                    ? 
_exptl.method                     'X-RAY DIFFRACTION' 
_exptl.method_details             ? 
# 
_exptl_crystal.colour                      ? 
_exptl_crystal.density_diffrn              ? 
_exptl_crystal.density_Matthews            1.83 
_exptl_crystal.density_method              ? 
_exptl_crystal.density_percent_sol         32.92 
_exptl_crystal.description                 ? 
_exptl_crystal.F_000                       ? 
_exptl_crystal.id                          1 
_exptl_crystal.preparation                 ? 
_exptl_crystal.size_max                    ? 
_exptl_crystal.size_mid                    ? 
_exptl_crystal.size_min                    ? 
_exptl_crystal.size_rad                    ? 
_exptl_crystal.colour_lustre               ? 
_exptl_crystal.colour_modifier             ? 
_exptl_crystal.colour_primary              ? 
_exptl_crystal.density_meas                ? 
_exptl_crystal.density_meas_esd            ? 
_exptl_crystal.density_meas_gt             ? 
_exptl_crystal.density_meas_lt             ? 
_exptl_crystal.density_meas_temp           ? 
_exptl_crystal.density_meas_temp_esd       ? 
_exptl_crystal.density_meas_temp_gt        ? 
_exptl_crystal.density_meas_temp_lt        ? 
_exptl_crystal.pdbx_crystal_image_url      ? 
_exptl_crystal.pdbx_crystal_image_format   ? 
_exptl_crystal.pdbx_mosaicity              ? 
_exptl_crystal.pdbx_mosaicity_esd          ? 
# 
_exptl_crystal_grow.apparatus       ? 
_exptl_crystal_grow.atmosphere      ? 
_exptl_crystal_grow.crystal_id      1 
_exptl_crystal_grow.details         ? 
_exptl_crystal_grow.method          'VAPOR DIFFUSION, HANGING DROP' 
_exptl_crystal_grow.method_ref      ? 
_exptl_crystal_grow.pH              ? 
_exptl_crystal_grow.pressure        ? 
_exptl_crystal_grow.pressure_esd    ? 
_exptl_crystal_grow.seeding         ? 
_exptl_crystal_grow.seeding_ref     ? 
_exptl_crystal_grow.temp            295 
_exptl_crystal_grow.temp_details    ? 
_exptl_crystal_grow.temp_esd        ? 
_exptl_crystal_grow.time            ? 
_exptl_crystal_grow.pdbx_details    'zinc sulfate, MES, PEG 550 MME' 
_exptl_crystal_grow.pdbx_pH_range   6.5 
# 
_diffrn.ambient_environment    ? 
_diffrn.ambient_temp           100 
_diffrn.ambient_temp_details   ? 
_diffrn.ambient_temp_esd       ? 
_diffrn.crystal_id             1 
_diffrn.crystal_support        ? 
_diffrn.crystal_treatment      ? 
_diffrn.details                ? 
_diffrn.id                     1 
_diffrn.ambient_pressure       ? 
_diffrn.ambient_pressure_esd   ? 
_diffrn.ambient_pressure_gt    ? 
_diffrn.ambient_pressure_lt    ? 
_diffrn.ambient_temp_gt        ? 
_diffrn.ambient_temp_lt        ? 
# 
_diffrn_detector.details                      ? 
_diffrn_detector.detector                     CCD 
_diffrn_detector.diffrn_id                    1 
_diffrn_detector.type                         'ADSC QUANTUM 270' 
_diffrn_detector.area_resol_mean              ? 
_diffrn_detector.dtime                        ? 
_diffrn_detector.pdbx_frames_total            ? 
_diffrn_detector.pdbx_collection_time_total   ? 
_diffrn_detector.pdbx_collection_date         2014-10-23 
# 
_diffrn_radiation.collimation                      ? 
_diffrn_radiation.diffrn_id                        1 
_diffrn_radiation.filter_edge                      ? 
_diffrn_radiation.inhomogeneity                    ? 
_diffrn_radiation.monochromator                    ? 
_diffrn_radiation.polarisn_norm                    ? 
_diffrn_radiation.polarisn_ratio                   ? 
_diffrn_radiation.probe                            ? 
_diffrn_radiation.type                             ? 
_diffrn_radiation.xray_symbol                      ? 
_diffrn_radiation.wavelength_id                    1 
_diffrn_radiation.pdbx_monochromatic_or_laue_m_l   M 
_diffrn_radiation.pdbx_wavelength_list             ? 
_diffrn_radiation.pdbx_wavelength                  ? 
_diffrn_radiation.pdbx_diffrn_protocol             'SINGLE WAVELENGTH' 
_diffrn_radiation.pdbx_analyzer                    ? 
_diffrn_radiation.pdbx_scattering_type             x-ray 
# 
_diffrn_radiation_wavelength.id           1 
_diffrn_radiation_wavelength.wavelength   1.0 
_diffrn_radiation_wavelength.wt           1.0 
# 
_diffrn_source.current                     ? 
_diffrn_source.details                     ? 
_diffrn_source.diffrn_id                   1 
_diffrn_source.power                       ? 
_diffrn_source.size                        ? 
_diffrn_source.source                      SYNCHROTRON 
_diffrn_source.target                      ? 
_diffrn_source.type                        'PAL/PLS BEAMLINE 7A (6B, 6C1)' 
_diffrn_source.voltage                     ? 
_diffrn_source.take-off_angle              ? 
_diffrn_source.pdbx_wavelength_list        1.0 
_diffrn_source.pdbx_wavelength             ? 
_diffrn_source.pdbx_synchrotron_beamline   '7A (6B, 6C1)' 
_diffrn_source.pdbx_synchrotron_site       PAL/PLS 
# 
_reflns.B_iso_Wilson_estimate            ? 
_reflns.entry_id                         4ZYA 
_reflns.data_reduction_details           ? 
_reflns.data_reduction_method            ? 
_reflns.d_resolution_high                1.65 
_reflns.d_resolution_low                 50 
_reflns.details                          ? 
_reflns.limit_h_max                      ? 
_reflns.limit_h_min                      ? 
_reflns.limit_k_max                      ? 
_reflns.limit_k_min                      ? 
_reflns.limit_l_max                      ? 
_reflns.limit_l_min                      ? 
_reflns.number_all                       ? 
_reflns.number_obs                       14574 
_reflns.observed_criterion               ? 
_reflns.observed_criterion_F_max         ? 
_reflns.observed_criterion_F_min         ? 
_reflns.observed_criterion_I_max         ? 
_reflns.observed_criterion_I_min         ? 
_reflns.observed_criterion_sigma_F       ? 
_reflns.observed_criterion_sigma_I       ? 
_reflns.percent_possible_obs             97.1 
_reflns.R_free_details                   ? 
_reflns.Rmerge_F_all                     ? 
_reflns.Rmerge_F_obs                     ? 
_reflns.Friedel_coverage                 ? 
_reflns.number_gt                        ? 
_reflns.threshold_expression             ? 
_reflns.pdbx_redundancy                  11.7 
_reflns.pdbx_Rmerge_I_obs                ? 
_reflns.pdbx_Rmerge_I_all                ? 
_reflns.pdbx_Rsym_value                  0.107 
_reflns.pdbx_netI_over_av_sigmaI         ? 
_reflns.pdbx_netI_over_sigmaI            17.9 
_reflns.pdbx_res_netI_over_av_sigmaI_2   ? 
_reflns.pdbx_res_netI_over_sigmaI_2      ? 
_reflns.pdbx_chi_squared                 ? 
_reflns.pdbx_scaling_rejects             ? 
_reflns.pdbx_d_res_high_opt              ? 
_reflns.pdbx_d_res_low_opt               ? 
_reflns.pdbx_d_res_opt_method            ? 
_reflns.phase_calculation_details        ? 
_reflns.pdbx_Rrim_I_all                  ? 
_reflns.pdbx_Rpim_I_all                  ? 
_reflns.pdbx_d_opt                       ? 
_reflns.pdbx_number_measured_all         ? 
_reflns.pdbx_diffrn_id                   1 
_reflns.pdbx_ordinal                     1 
_reflns.pdbx_CC_half                     ? 
_reflns.pdbx_R_split                     ? 
# 
_reflns_shell.d_res_high                  1.65 
_reflns_shell.d_res_low                   1.68 
_reflns_shell.meanI_over_sigI_all         ? 
_reflns_shell.meanI_over_sigI_obs         5.1 
_reflns_shell.number_measured_all         ? 
_reflns_shell.number_measured_obs         ? 
_reflns_shell.number_possible             ? 
_reflns_shell.number_unique_all           ? 
_reflns_shell.number_unique_obs           ? 
_reflns_shell.percent_possible_all        99.1 
_reflns_shell.percent_possible_obs        ? 
_reflns_shell.Rmerge_F_all                ? 
_reflns_shell.Rmerge_F_obs                ? 
_reflns_shell.Rmerge_I_all                ? 
_reflns_shell.Rmerge_I_obs                0.497 
_reflns_shell.meanI_over_sigI_gt          ? 
_reflns_shell.meanI_over_uI_all           ? 
_reflns_shell.meanI_over_uI_gt            ? 
_reflns_shell.number_measured_gt          ? 
_reflns_shell.number_unique_gt            ? 
_reflns_shell.percent_possible_gt         ? 
_reflns_shell.Rmerge_F_gt                 ? 
_reflns_shell.Rmerge_I_gt                 ? 
_reflns_shell.pdbx_redundancy             10.7 
_reflns_shell.pdbx_Rsym_value             ? 
_reflns_shell.pdbx_chi_squared            ? 
_reflns_shell.pdbx_netI_over_sigmaI_all   ? 
_reflns_shell.pdbx_netI_over_sigmaI_obs   ? 
_reflns_shell.pdbx_Rrim_I_all             ? 
_reflns_shell.pdbx_Rpim_I_all             ? 
_reflns_shell.pdbx_rejects                ? 
_reflns_shell.pdbx_ordinal                1 
_reflns_shell.pdbx_diffrn_id              1 
_reflns_shell.pdbx_CC_half                ? 
_reflns_shell.pdbx_R_split                ? 
# 
_refine.pdbx_refine_id                           'X-RAY DIFFRACTION' 
_refine.entry_id                                 4ZYA 
_refine.pdbx_diffrn_id                           1 
_refine.pdbx_TLS_residual_ADP_flag               ? 
_refine.ls_number_reflns_obs                     14574 
_refine.ls_number_reflns_all                     ? 
_refine.pdbx_ls_sigma_I                          ? 
_refine.pdbx_ls_sigma_F                          1.61 
_refine.pdbx_data_cutoff_high_absF               ? 
_refine.pdbx_data_cutoff_low_absF                ? 
_refine.pdbx_data_cutoff_high_rms_absF           ? 
_refine.ls_d_res_low                             28.016 
_refine.ls_d_res_high                            1.650 
_refine.ls_percent_reflns_obs                    93.71 
_refine.ls_R_factor_obs                          0.2105 
_refine.ls_R_factor_all                          ? 
_refine.ls_R_factor_R_work                       0.2063 
_refine.ls_R_factor_R_free                       0.2541 
_refine.ls_R_factor_R_free_error                 ? 
_refine.ls_R_factor_R_free_error_details         ? 
_refine.ls_percent_reflns_R_free                 5.23 
_refine.ls_number_reflns_R_free                  762 
_refine.ls_number_parameters                     ? 
_refine.ls_number_restraints                     ? 
_refine.occupancy_min                            ? 
_refine.occupancy_max                            ? 
_refine.correlation_coeff_Fo_to_Fc               ? 
_refine.correlation_coeff_Fo_to_Fc_free          ? 
_refine.B_iso_mean                               ? 
_refine.aniso_B[1][1]                            ? 
_refine.aniso_B[2][2]                            ? 
_refine.aniso_B[3][3]                            ? 
_refine.aniso_B[1][2]                            ? 
_refine.aniso_B[1][3]                            ? 
_refine.aniso_B[2][3]                            ? 
_refine.solvent_model_details                    'FLAT BULK SOLVENT MODEL' 
_refine.solvent_model_param_ksol                 ? 
_refine.solvent_model_param_bsol                 ? 
_refine.pdbx_solvent_vdw_probe_radii             1.11 
_refine.pdbx_solvent_ion_probe_radii             ? 
_refine.pdbx_solvent_shrinkage_radii             0.90 
_refine.pdbx_ls_cross_valid_method               'FREE R-VALUE' 
_refine.details                                  ? 
_refine.pdbx_starting_model                      ? 
_refine.pdbx_method_to_determine_struct          'MOLECULAR REPLACEMENT' 
_refine.pdbx_isotropic_thermal_model             ? 
_refine.pdbx_stereochemistry_target_values       TWIN_LSQ_F 
_refine.pdbx_stereochem_target_val_spec_case     ? 
_refine.pdbx_R_Free_selection_details            ? 
_refine.pdbx_overall_ESU_R                       ? 
_refine.pdbx_overall_ESU_R_Free                  ? 
_refine.overall_SU_ML                            . 
_refine.pdbx_overall_phase_error                 29.18 
_refine.overall_SU_B                             ? 
_refine.overall_SU_R_Cruickshank_DPI             ? 
_refine.pdbx_overall_SU_R_free_Cruickshank_DPI   ? 
_refine.pdbx_overall_SU_R_Blow_DPI               ? 
_refine.pdbx_overall_SU_R_free_Blow_DPI          ? 
# 
_refine_hist.pdbx_refine_id                   'X-RAY DIFFRACTION' 
_refine_hist.cycle_id                         LAST 
_refine_hist.pdbx_number_atoms_protein        1168 
_refine_hist.pdbx_number_atoms_nucleic_acid   0 
_refine_hist.pdbx_number_atoms_ligand         9 
_refine_hist.number_atoms_solvent             135 
_refine_hist.number_atoms_total               1312 
_refine_hist.d_res_high                       1.650 
_refine_hist.d_res_low                        28.016 
# 
loop_
_refine_ls_restr.type 
_refine_ls_restr.dev_ideal 
_refine_ls_restr.dev_ideal_target 
_refine_ls_restr.weight 
_refine_ls_restr.number 
_refine_ls_restr.pdbx_refine_id 
_refine_ls_restr.pdbx_restraint_function 
f_bond_d           0.010  ? ? 1213 'X-RAY DIFFRACTION' ? 
f_angle_d          1.120  ? ? 1620 'X-RAY DIFFRACTION' ? 
f_dihedral_angle_d 17.921 ? ? 477  'X-RAY DIFFRACTION' ? 
f_chiral_restr     0.043  ? ? 168  'X-RAY DIFFRACTION' ? 
f_plane_restr      0.004  ? ? 203  'X-RAY DIFFRACTION' ? 
# 
loop_
_refine_ls_shell.pdbx_refine_id 
_refine_ls_shell.pdbx_total_number_of_bins_used 
_refine_ls_shell.d_res_high 
_refine_ls_shell.d_res_low 
_refine_ls_shell.number_reflns_R_work 
_refine_ls_shell.R_factor_R_work 
_refine_ls_shell.percent_reflns_obs 
_refine_ls_shell.R_factor_R_free 
_refine_ls_shell.R_factor_R_free_error 
_refine_ls_shell.percent_reflns_R_free 
_refine_ls_shell.number_reflns_R_free 
_refine_ls_shell.number_reflns_all 
_refine_ls_shell.R_factor_all 
_refine_ls_shell.R_factor_obs 
_refine_ls_shell.number_reflns_obs 
'X-RAY DIFFRACTION' . 1.6551 1.7827  2670 0.3283 88.00 0.3272 . . 150 . . . . 
'X-RAY DIFFRACTION' . 1.7827 1.9616  2684 0.3063 87.00 0.3141 . . 151 . . . . 
'X-RAY DIFFRACTION' . 1.9616 2.2443  2719 0.2606 89.00 0.3165 . . 138 . . . . 
'X-RAY DIFFRACTION' . 2.2443 2.8235  2766 0.2272 90.00 0.2319 . . 148 . . . . 
'X-RAY DIFFRACTION' . 2.8235 13.6676 2854 0.1545 92.00 0.2408 . . 145 . . . . 
# 
_struct.entry_id                     4ZYA 
_struct.title                        'The N-terminal extension domain of human asparaginyl-tRNA synthetase' 
_struct.pdbx_model_details           ? 
_struct.pdbx_formula_weight          ? 
_struct.pdbx_formula_weight_method   ? 
_struct.pdbx_model_type_details      ? 
_struct.pdbx_CASP_flag               ? 
# 
_struct_keywords.entry_id        4ZYA 
_struct_keywords.text            'asparaginyl-tRNA synthetase, LIGASE' 
_struct_keywords.pdbx_keywords   LIGASE 
# 
loop_
_struct_asym.id 
_struct_asym.pdbx_blank_PDB_chainid_flag 
_struct_asym.pdbx_modified 
_struct_asym.entity_id 
_struct_asym.details 
A N N 1 ? 
B N N 1 ? 
C N N 2 ? 
D N N 2 ? 
E N N 3 ? 
F N N 4 ? 
G N N 5 ? 
H N N 5 ? 
# 
_struct_ref.id                         1 
_struct_ref.db_name                    UNP 
_struct_ref.db_code                    SYNC_HUMAN 
_struct_ref.pdbx_db_accession          O43776 
_struct_ref.pdbx_db_isoform            ? 
_struct_ref.entity_id                  1 
_struct_ref.pdbx_seq_one_letter_code   AELYVSDREGSDATGDGTKEKPFKTGLKALMTVGKEPFPTIYVDSQKENERWNVISKSQLKNIKKMWHREQMKS 
_struct_ref.pdbx_align_begin           4 
# 
loop_
_struct_ref_seq.align_id 
_struct_ref_seq.ref_id 
_struct_ref_seq.pdbx_PDB_id_code 
_struct_ref_seq.pdbx_strand_id 
_struct_ref_seq.seq_align_beg 
_struct_ref_seq.pdbx_seq_align_beg_ins_code 
_struct_ref_seq.seq_align_end 
_struct_ref_seq.pdbx_seq_align_end_ins_code 
_struct_ref_seq.pdbx_db_accession 
_struct_ref_seq.db_align_beg 
_struct_ref_seq.pdbx_db_align_beg_ins_code 
_struct_ref_seq.db_align_end 
_struct_ref_seq.pdbx_db_align_end_ins_code 
_struct_ref_seq.pdbx_auth_seq_align_beg 
_struct_ref_seq.pdbx_auth_seq_align_end 
1 1 4ZYA A 4 ? 77 ? O43776 4 ? 77 ? 4 77 
2 1 4ZYA B 4 ? 77 ? O43776 4 ? 77 ? 4 77 
# 
loop_
_struct_ref_seq_dif.align_id 
_struct_ref_seq_dif.pdbx_pdb_id_code 
_struct_ref_seq_dif.mon_id 
_struct_ref_seq_dif.pdbx_pdb_strand_id 
_struct_ref_seq_dif.seq_num 
_struct_ref_seq_dif.pdbx_pdb_ins_code 
_struct_ref_seq_dif.pdbx_seq_db_name 
_struct_ref_seq_dif.pdbx_seq_db_accession_code 
_struct_ref_seq_dif.db_mon_id 
_struct_ref_seq_dif.pdbx_seq_db_seq_num 
_struct_ref_seq_dif.details 
_struct_ref_seq_dif.pdbx_auth_seq_num 
_struct_ref_seq_dif.pdbx_ordinal 
1 4ZYA GLY A 1 ? UNP O43776 ? ? 'expression tag' 1 1 
1 4ZYA HIS A 2 ? UNP O43776 ? ? 'expression tag' 2 2 
1 4ZYA MSE A 3 ? UNP O43776 ? ? 'expression tag' 3 3 
2 4ZYA GLY B 1 ? UNP O43776 ? ? 'expression tag' 1 4 
2 4ZYA HIS B 2 ? UNP O43776 ? ? 'expression tag' 2 5 
2 4ZYA MSE B 3 ? UNP O43776 ? ? 'expression tag' 3 6 
# 
_pdbx_struct_assembly.id                   1 
_pdbx_struct_assembly.details              author_and_software_defined_assembly 
_pdbx_struct_assembly.method_details       PISA 
_pdbx_struct_assembly.oligomeric_details   dimeric 
_pdbx_struct_assembly.oligomeric_count     2 
# 
loop_
_pdbx_struct_assembly_prop.biol_id 
_pdbx_struct_assembly_prop.type 
_pdbx_struct_assembly_prop.value 
_pdbx_struct_assembly_prop.details 
1 'ABSA (A^2)' 1990 ? 
1 MORE         -70  ? 
1 'SSA (A^2)'  8870 ? 
# 
_pdbx_struct_assembly_gen.assembly_id       1 
_pdbx_struct_assembly_gen.oper_expression   1 
_pdbx_struct_assembly_gen.asym_id_list      A,B,C,D,E,F,G,H 
# 
_pdbx_struct_oper_list.id                   1 
_pdbx_struct_oper_list.type                 'identity operation' 
_pdbx_struct_oper_list.name                 1_555 
_pdbx_struct_oper_list.symmetry_operation   x,y,z 
_pdbx_struct_oper_list.matrix[1][1]         1.0000000000 
_pdbx_struct_oper_list.matrix[1][2]         0.0000000000 
_pdbx_struct_oper_list.matrix[1][3]         0.0000000000 
_pdbx_struct_oper_list.vector[1]            0.0000000000 
_pdbx_struct_oper_list.matrix[2][1]         0.0000000000 
_pdbx_struct_oper_list.matrix[2][2]         1.0000000000 
_pdbx_struct_oper_list.matrix[2][3]         0.0000000000 
_pdbx_struct_oper_list.vector[2]            0.0000000000 
_pdbx_struct_oper_list.matrix[3][1]         0.0000000000 
_pdbx_struct_oper_list.matrix[3][2]         0.0000000000 
_pdbx_struct_oper_list.matrix[3][3]         1.0000000000 
_pdbx_struct_oper_list.vector[3]            0.0000000000 
# 
loop_
_struct_conf.conf_type_id 
_struct_conf.id 
_struct_conf.pdbx_PDB_helix_id 
_struct_conf.beg_label_comp_id 
_struct_conf.beg_label_asym_id 
_struct_conf.beg_label_seq_id 
_struct_conf.pdbx_beg_PDB_ins_code 
_struct_conf.end_label_comp_id 
_struct_conf.end_label_asym_id 
_struct_conf.end_label_seq_id 
_struct_conf.pdbx_end_PDB_ins_code 
_struct_conf.beg_auth_comp_id 
_struct_conf.beg_auth_asym_id 
_struct_conf.beg_auth_seq_id 
_struct_conf.end_auth_comp_id 
_struct_conf.end_auth_asym_id 
_struct_conf.end_auth_seq_id 
_struct_conf.pdbx_PDB_helix_class 
_struct_conf.details 
_struct_conf.pdbx_PDB_helix_length 
HELX_P HELX_P1 AA1 THR A 28 ? THR A 35 ? THR A 28 THR A 35 1 ? 8  
HELX_P HELX_P2 AA2 SER A 59 ? GLN A 74 ? SER A 59 GLN A 74 1 ? 16 
HELX_P HELX_P3 AA3 THR B 28 ? VAL B 36 ? THR B 28 VAL B 36 1 ? 9  
HELX_P HELX_P4 AA4 SER B 59 ? GLN B 74 ? SER B 59 GLN B 74 1 ? 16 
# 
_struct_conf_type.id          HELX_P 
_struct_conf_type.criteria    ? 
_struct_conf_type.reference   ? 
# 
loop_
_struct_conn.id 
_struct_conn.conn_type_id 
_struct_conn.pdbx_leaving_atom_flag 
_struct_conn.pdbx_PDB_id 
_struct_conn.ptnr1_label_asym_id 
_struct_conn.ptnr1_label_comp_id 
_struct_conn.ptnr1_label_seq_id 
_struct_conn.ptnr1_label_atom_id 
_struct_conn.pdbx_ptnr1_label_alt_id 
_struct_conn.pdbx_ptnr1_PDB_ins_code 
_struct_conn.pdbx_ptnr1_standard_comp_id 
_struct_conn.ptnr1_symmetry 
_struct_conn.ptnr2_label_asym_id 
_struct_conn.ptnr2_label_comp_id 
_struct_conn.ptnr2_label_seq_id 
_struct_conn.ptnr2_label_atom_id 
_struct_conn.pdbx_ptnr2_label_alt_id 
_struct_conn.pdbx_ptnr2_PDB_ins_code 
_struct_conn.ptnr1_auth_asym_id 
_struct_conn.ptnr1_auth_comp_id 
_struct_conn.ptnr1_auth_seq_id 
_struct_conn.ptnr2_auth_asym_id 
_struct_conn.ptnr2_auth_comp_id 
_struct_conn.ptnr2_auth_seq_id 
_struct_conn.ptnr2_symmetry 
_struct_conn.pdbx_ptnr3_label_atom_id 
_struct_conn.pdbx_ptnr3_label_seq_id 
_struct_conn.pdbx_ptnr3_label_comp_id 
_struct_conn.pdbx_ptnr3_label_asym_id 
_struct_conn.pdbx_ptnr3_label_alt_id 
_struct_conn.pdbx_ptnr3_PDB_ins_code 
_struct_conn.details 
_struct_conn.pdbx_dist_value 
_struct_conn.pdbx_value_order 
_struct_conn.pdbx_role 
covale1  covale both ? A MSE 3  C   ? ? ? 1_555 A ALA 4  N  ? ? A MSE 3   A ALA 4   1_555 ? ? ? ? ? ? ? 1.327 ? ? 
covale2  covale both ? A LEU 33 C   ? ? ? 1_555 A MSE 34 N  A ? A LEU 33  A MSE 34  1_555 ? ? ? ? ? ? ? 1.331 ? ? 
covale3  covale both ? A LEU 33 C   ? ? ? 1_555 A MSE 34 N  B ? A LEU 33  A MSE 34  1_555 ? ? ? ? ? ? ? 1.333 ? ? 
covale4  covale both ? A MSE 34 C   A ? ? 1_555 A THR 35 N  ? ? A MSE 34  A THR 35  1_555 ? ? ? ? ? ? ? 1.329 ? ? 
covale5  covale both ? A MSE 34 C   B ? ? 1_555 A THR 35 N  ? ? A MSE 34  A THR 35  1_555 ? ? ? ? ? ? ? 1.325 ? ? 
covale6  covale both ? A LYS 68 C   ? ? ? 1_555 A MSE 69 N  A ? A LYS 68  A MSE 69  1_555 ? ? ? ? ? ? ? 1.340 ? ? 
covale7  covale both ? A LYS 68 C   ? ? ? 1_555 A MSE 69 N  B ? A LYS 68  A MSE 69  1_555 ? ? ? ? ? ? ? 1.337 ? ? 
covale8  covale both ? A MSE 69 C   A ? ? 1_555 A TRP 70 N  ? ? A MSE 69  A TRP 70  1_555 ? ? ? ? ? ? ? 1.328 ? ? 
covale9  covale both ? A MSE 69 C   B ? ? 1_555 A TRP 70 N  ? ? A MSE 69  A TRP 70  1_555 ? ? ? ? ? ? ? 1.331 ? ? 
covale10 covale both ? A GLN 74 C   ? ? ? 1_555 A MSE 75 N  ? ? A GLN 74  A MSE 75  1_555 ? ? ? ? ? ? ? 1.325 ? ? 
covale11 covale both ? A MSE 75 C   ? ? ? 1_555 A LYS 76 N  ? ? A MSE 75  A LYS 76  1_555 ? ? ? ? ? ? ? 1.333 ? ? 
covale12 covale both ? B HIS 2  C   ? ? ? 1_555 B MSE 3  N  ? ? B HIS 2   B MSE 3   1_555 ? ? ? ? ? ? ? 1.330 ? ? 
covale13 covale both ? B MSE 3  C   ? ? ? 1_555 B ALA 4  N  ? ? B MSE 3   B ALA 4   1_555 ? ? ? ? ? ? ? 1.327 ? ? 
covale14 covale both ? B LEU 33 C   ? ? ? 1_555 B MSE 34 N  ? ? B LEU 33  B MSE 34  1_555 ? ? ? ? ? ? ? 1.330 ? ? 
covale15 covale both ? B MSE 34 C   ? ? ? 1_555 B THR 35 N  ? ? B MSE 34  B THR 35  1_555 ? ? ? ? ? ? ? 1.312 ? ? 
covale16 covale both ? B LYS 68 C   ? ? ? 1_555 B MSE 69 N  ? ? B LYS 68  B MSE 69  1_555 ? ? ? ? ? ? ? 1.319 ? ? 
covale17 covale both ? B MSE 69 C   ? ? ? 1_555 B TRP 70 N  ? ? B MSE 69  B TRP 70  1_555 ? ? ? ? ? ? ? 1.328 ? ? 
covale18 covale both ? B GLN 74 C   ? ? ? 1_555 B MSE 75 N  ? ? B GLN 74  B MSE 75  1_555 ? ? ? ? ? ? ? 1.330 ? ? 
covale19 covale both ? B MSE 75 C   ? ? ? 1_555 B LYS 76 N  ? ? B MSE 75  B LYS 76  1_555 ? ? ? ? ? ? ? 1.336 ? ? 
metalc1  metalc ?    ? A GLU 23 OE1 ? ? ? 1_555 C ZN  .  ZN ? ? A GLU 23  A ZN  101 1_545 ? ? ? ? ? ? ? 1.976 ? ? 
metalc2  metalc ?    ? A GLU 39 OE2 ? ? ? 1_555 C ZN  .  ZN ? ? A GLU 39  A ZN  101 1_555 ? ? ? ? ? ? ? 1.922 ? ? 
metalc3  metalc ?    ? A HIS 71 NE2 ? ? ? 1_555 C ZN  .  ZN ? ? A HIS 71  A ZN  101 1_555 ? ? ? ? ? ? ? 2.036 ? ? 
metalc4  metalc ?    ? C ZN  .  ZN  ? ? ? 1_555 G HOH .  O  ? ? A ZN  101 A HOH 227 1_565 ? ? ? ? ? ? ? 2.262 ? ? 
metalc5  metalc ?    ? B GLU 23 OE1 ? ? ? 1_555 D ZN  .  ZN ? ? B GLU 23  B ZN  101 1_445 ? ? ? ? ? ? ? 2.192 ? ? 
metalc6  metalc ?    ? B GLU 23 OE2 ? ? ? 1_555 D ZN  .  ZN ? ? B GLU 23  B ZN  101 1_445 ? ? ? ? ? ? ? 2.440 ? ? 
metalc7  metalc ?    ? B GLU 39 OE2 ? ? ? 1_555 D ZN  .  ZN ? ? B GLU 39  B ZN  101 1_555 ? ? ? ? ? ? ? 1.921 ? ? 
metalc8  metalc ?    ? B HIS 71 NE2 ? ? ? 1_555 D ZN  .  ZN ? ? B HIS 71  B ZN  101 1_555 ? ? ? ? ? ? ? 1.994 ? ? 
metalc9  metalc ?    ? D ZN  .  ZN  ? ? ? 1_555 H HOH .  O  ? ? B ZN  101 B HOH 244 1_665 ? ? ? ? ? ? ? 2.623 ? ? 
# 
loop_
_struct_conn_type.id 
_struct_conn_type.criteria 
_struct_conn_type.reference 
covale ? ? 
metalc ? ? 
# 
loop_
_pdbx_struct_conn_angle.id 
_pdbx_struct_conn_angle.ptnr1_label_atom_id 
_pdbx_struct_conn_angle.ptnr1_label_alt_id 
_pdbx_struct_conn_angle.ptnr1_label_asym_id 
_pdbx_struct_conn_angle.ptnr1_label_comp_id 
_pdbx_struct_conn_angle.ptnr1_label_seq_id 
_pdbx_struct_conn_angle.ptnr1_auth_atom_id 
_pdbx_struct_conn_angle.ptnr1_auth_asym_id 
_pdbx_struct_conn_angle.ptnr1_auth_comp_id 
_pdbx_struct_conn_angle.ptnr1_auth_seq_id 
_pdbx_struct_conn_angle.ptnr1_PDB_ins_code 
_pdbx_struct_conn_angle.ptnr1_symmetry 
_pdbx_struct_conn_angle.ptnr2_label_atom_id 
_pdbx_struct_conn_angle.ptnr2_label_alt_id 
_pdbx_struct_conn_angle.ptnr2_label_asym_id 
_pdbx_struct_conn_angle.ptnr2_label_comp_id 
_pdbx_struct_conn_angle.ptnr2_label_seq_id 
_pdbx_struct_conn_angle.ptnr2_auth_atom_id 
_pdbx_struct_conn_angle.ptnr2_auth_asym_id 
_pdbx_struct_conn_angle.ptnr2_auth_comp_id 
_pdbx_struct_conn_angle.ptnr2_auth_seq_id 
_pdbx_struct_conn_angle.ptnr2_PDB_ins_code 
_pdbx_struct_conn_angle.ptnr2_symmetry 
_pdbx_struct_conn_angle.ptnr3_label_atom_id 
_pdbx_struct_conn_angle.ptnr3_label_alt_id 
_pdbx_struct_conn_angle.ptnr3_label_asym_id 
_pdbx_struct_conn_angle.ptnr3_label_comp_id 
_pdbx_struct_conn_angle.ptnr3_label_seq_id 
_pdbx_struct_conn_angle.ptnr3_auth_atom_id 
_pdbx_struct_conn_angle.ptnr3_auth_asym_id 
_pdbx_struct_conn_angle.ptnr3_auth_comp_id 
_pdbx_struct_conn_angle.ptnr3_auth_seq_id 
_pdbx_struct_conn_angle.ptnr3_PDB_ins_code 
_pdbx_struct_conn_angle.ptnr3_symmetry 
_pdbx_struct_conn_angle.value 
_pdbx_struct_conn_angle.value_esd 
1  OE1 ? A GLU 23 ? A GLU 23 ? 1_555 ZN ? C ZN . ? A ZN 101 ? 1_545 OE2 ? A GLU 39 ? A GLU 39  ? 1_555 32.8 ? 
2  OE1 ? A GLU 23 ? A GLU 23 ? 1_555 ZN ? C ZN . ? A ZN 101 ? 1_545 NE2 ? A HIS 71 ? A HIS 71  ? 1_555 37.1 ? 
3  OE2 ? A GLU 39 ? A GLU 39 ? 1_555 ZN ? C ZN . ? A ZN 101 ? 1_545 NE2 ? A HIS 71 ? A HIS 71  ? 1_555 5.5  ? 
4  OE1 ? A GLU 23 ? A GLU 23 ? 1_555 ZN ? C ZN . ? A ZN 101 ? 1_545 O   ? G HOH .  ? A HOH 227 ? 1_565 37.0 ? 
5  OE2 ? A GLU 39 ? A GLU 39 ? 1_555 ZN ? C ZN . ? A ZN 101 ? 1_545 O   ? G HOH .  ? A HOH 227 ? 1_565 4.7  ? 
6  NE2 ? A HIS 71 ? A HIS 71 ? 1_555 ZN ? C ZN . ? A ZN 101 ? 1_545 O   ? G HOH .  ? A HOH 227 ? 1_565 5.8  ? 
7  OE1 ? B GLU 23 ? B GLU 23 ? 1_555 ZN ? D ZN . ? B ZN 101 ? 1_445 OE2 ? B GLU 23 ? B GLU 23  ? 1_555 56.3 ? 
8  OE1 ? B GLU 23 ? B GLU 23 ? 1_555 ZN ? D ZN . ? B ZN 101 ? 1_445 OE2 ? B GLU 39 ? B GLU 39  ? 1_555 24.5 ? 
9  OE2 ? B GLU 23 ? B GLU 23 ? 1_555 ZN ? D ZN . ? B ZN 101 ? 1_445 OE2 ? B GLU 39 ? B GLU 39  ? 1_555 59.3 ? 
10 OE1 ? B GLU 23 ? B GLU 23 ? 1_555 ZN ? D ZN . ? B ZN 101 ? 1_445 NE2 ? B HIS 71 ? B HIS 71  ? 1_555 29.7 ? 
11 OE2 ? B GLU 23 ? B GLU 23 ? 1_555 ZN ? D ZN . ? B ZN 101 ? 1_445 NE2 ? B HIS 71 ? B HIS 71  ? 1_555 60.7 ? 
12 OE2 ? B GLU 39 ? B GLU 39 ? 1_555 ZN ? D ZN . ? B ZN 101 ? 1_445 NE2 ? B HIS 71 ? B HIS 71  ? 1_555 5.3  ? 
13 OE1 ? B GLU 23 ? B GLU 23 ? 1_555 ZN ? D ZN . ? B ZN 101 ? 1_445 O   ? H HOH .  ? B HOH 244 ? 1_665 26.8 ? 
14 OE2 ? B GLU 23 ? B GLU 23 ? 1_555 ZN ? D ZN . ? B ZN 101 ? 1_445 O   ? H HOH .  ? B HOH 244 ? 1_665 64.9 ? 
15 OE2 ? B GLU 39 ? B GLU 39 ? 1_555 ZN ? D ZN . ? B ZN 101 ? 1_445 O   ? H HOH .  ? B HOH 244 ? 1_665 5.7  ? 
16 NE2 ? B HIS 71 ? B HIS 71 ? 1_555 ZN ? D ZN . ? B ZN 101 ? 1_445 O   ? H HOH .  ? B HOH 244 ? 1_665 6.4  ? 
# 
loop_
_pdbx_modification_feature.ordinal 
_pdbx_modification_feature.label_comp_id 
_pdbx_modification_feature.label_asym_id 
_pdbx_modification_feature.label_seq_id 
_pdbx_modification_feature.label_alt_id 
_pdbx_modification_feature.modified_residue_label_comp_id 
_pdbx_modification_feature.modified_residue_label_asym_id 
_pdbx_modification_feature.modified_residue_label_seq_id 
_pdbx_modification_feature.modified_residue_label_alt_id 
_pdbx_modification_feature.auth_comp_id 
_pdbx_modification_feature.auth_asym_id 
_pdbx_modification_feature.auth_seq_id 
_pdbx_modification_feature.PDB_ins_code 
_pdbx_modification_feature.symmetry 
_pdbx_modification_feature.modified_residue_auth_comp_id 
_pdbx_modification_feature.modified_residue_auth_asym_id 
_pdbx_modification_feature.modified_residue_auth_seq_id 
_pdbx_modification_feature.modified_residue_PDB_ins_code 
_pdbx_modification_feature.modified_residue_symmetry 
_pdbx_modification_feature.comp_id_linking_atom 
_pdbx_modification_feature.modified_residue_id_linking_atom 
_pdbx_modification_feature.modified_residue_id 
_pdbx_modification_feature.ref_pcm_id 
_pdbx_modification_feature.ref_comp_id 
_pdbx_modification_feature.type 
_pdbx_modification_feature.category 
1  MSE A 3  ? . . . . MSE A 3  ? 1_555 . . . . . . . MET 1 MSE Selenomethionine 'Named protein modification' 
2  MSE A 34 A . . . . MSE A 34 ? 1_555 . . . . . . . MET 1 MSE Selenomethionine 'Named protein modification' 
3  MSE A 34 B . . . . MSE A 34 ? 1_555 . . . . . . . MET 1 MSE Selenomethionine 'Named protein modification' 
4  MSE A 69 A . . . . MSE A 69 ? 1_555 . . . . . . . MET 1 MSE Selenomethionine 'Named protein modification' 
5  MSE A 69 B . . . . MSE A 69 ? 1_555 . . . . . . . MET 1 MSE Selenomethionine 'Named protein modification' 
6  MSE A 75 ? . . . . MSE A 75 ? 1_555 . . . . . . . MET 1 MSE Selenomethionine 'Named protein modification' 
7  MSE B 3  ? . . . . MSE B 3  ? 1_555 . . . . . . . MET 1 MSE Selenomethionine 'Named protein modification' 
8  MSE B 34 ? . . . . MSE B 34 ? 1_555 . . . . . . . MET 1 MSE Selenomethionine 'Named protein modification' 
9  MSE B 69 ? . . . . MSE B 69 ? 1_555 . . . . . . . MET 1 MSE Selenomethionine 'Named protein modification' 
10 MSE B 75 ? . . . . MSE B 75 ? 1_555 . . . . . . . MET 1 MSE Selenomethionine 'Named protein modification' 
# 
loop_
_struct_mon_prot_cis.pdbx_id 
_struct_mon_prot_cis.label_comp_id 
_struct_mon_prot_cis.label_seq_id 
_struct_mon_prot_cis.label_asym_id 
_struct_mon_prot_cis.label_alt_id 
_struct_mon_prot_cis.pdbx_PDB_ins_code 
_struct_mon_prot_cis.auth_comp_id 
_struct_mon_prot_cis.auth_seq_id 
_struct_mon_prot_cis.auth_asym_id 
_struct_mon_prot_cis.pdbx_label_comp_id_2 
_struct_mon_prot_cis.pdbx_label_seq_id_2 
_struct_mon_prot_cis.pdbx_label_asym_id_2 
_struct_mon_prot_cis.pdbx_PDB_ins_code_2 
_struct_mon_prot_cis.pdbx_auth_comp_id_2 
_struct_mon_prot_cis.pdbx_auth_seq_id_2 
_struct_mon_prot_cis.pdbx_auth_asym_id_2 
_struct_mon_prot_cis.pdbx_PDB_model_num 
_struct_mon_prot_cis.pdbx_omega_angle 
1 GLU 39 A . ? GLU 39 A PRO 40 A ? PRO 40 A 1 -0.41 
2 GLU 39 B . ? GLU 39 B PRO 40 B ? PRO 40 B 1 7.19  
# 
loop_
_struct_sheet.id 
_struct_sheet.type 
_struct_sheet.number_strands 
_struct_sheet.details 
AA1 ? 3 ? 
AA2 ? 3 ? 
# 
loop_
_struct_sheet_order.sheet_id 
_struct_sheet_order.range_id_1 
_struct_sheet_order.range_id_2 
_struct_sheet_order.offset 
_struct_sheet_order.sense 
AA1 1 2 ? parallel      
AA1 2 3 ? anti-parallel 
AA2 1 2 ? parallel      
AA2 2 3 ? anti-parallel 
# 
loop_
_struct_sheet_range.sheet_id 
_struct_sheet_range.id 
_struct_sheet_range.beg_label_comp_id 
_struct_sheet_range.beg_label_asym_id 
_struct_sheet_range.beg_label_seq_id 
_struct_sheet_range.pdbx_beg_PDB_ins_code 
_struct_sheet_range.end_label_comp_id 
_struct_sheet_range.end_label_asym_id 
_struct_sheet_range.end_label_seq_id 
_struct_sheet_range.pdbx_end_PDB_ins_code 
_struct_sheet_range.beg_auth_comp_id 
_struct_sheet_range.beg_auth_asym_id 
_struct_sheet_range.beg_auth_seq_id 
_struct_sheet_range.end_auth_comp_id 
_struct_sheet_range.end_auth_asym_id 
_struct_sheet_range.end_auth_seq_id 
AA1 1 GLU A 5  ? VAL A 8  ? GLU A 5  VAL A 8  
AA1 2 THR A 43 ? VAL A 46 ? THR A 43 VAL A 46 
AA1 3 ASN A 56 ? VAL A 57 ? ASN A 56 VAL A 57 
AA2 1 GLU B 5  ? TYR B 7  ? GLU B 5  TYR B 7  
AA2 2 THR B 43 ? ASP B 47 ? THR B 43 ASP B 47 
AA2 3 TRP B 55 ? VAL B 57 ? TRP B 55 VAL B 57 
# 
loop_
_pdbx_struct_sheet_hbond.sheet_id 
_pdbx_struct_sheet_hbond.range_id_1 
_pdbx_struct_sheet_hbond.range_id_2 
_pdbx_struct_sheet_hbond.range_1_label_atom_id 
_pdbx_struct_sheet_hbond.range_1_label_comp_id 
_pdbx_struct_sheet_hbond.range_1_label_asym_id 
_pdbx_struct_sheet_hbond.range_1_label_seq_id 
_pdbx_struct_sheet_hbond.range_1_PDB_ins_code 
_pdbx_struct_sheet_hbond.range_1_auth_atom_id 
_pdbx_struct_sheet_hbond.range_1_auth_comp_id 
_pdbx_struct_sheet_hbond.range_1_auth_asym_id 
_pdbx_struct_sheet_hbond.range_1_auth_seq_id 
_pdbx_struct_sheet_hbond.range_2_label_atom_id 
_pdbx_struct_sheet_hbond.range_2_label_comp_id 
_pdbx_struct_sheet_hbond.range_2_label_asym_id 
_pdbx_struct_sheet_hbond.range_2_label_seq_id 
_pdbx_struct_sheet_hbond.range_2_PDB_ins_code 
_pdbx_struct_sheet_hbond.range_2_auth_atom_id 
_pdbx_struct_sheet_hbond.range_2_auth_comp_id 
_pdbx_struct_sheet_hbond.range_2_auth_asym_id 
_pdbx_struct_sheet_hbond.range_2_auth_seq_id 
AA1 1 2 N LEU A 6  ? N LEU A 6  O THR A 43 ? O THR A 43 
AA1 2 3 N VAL A 46 ? N VAL A 46 O ASN A 56 ? O ASN A 56 
AA2 1 2 N LEU B 6  ? N LEU B 6  O TYR B 45 ? O TYR B 45 
AA2 2 3 N VAL B 46 ? N VAL B 46 O ASN B 56 ? O ASN B 56 
# 
loop_
_struct_site.id 
_struct_site.pdbx_evidence_code 
_struct_site.pdbx_auth_asym_id 
_struct_site.pdbx_auth_comp_id 
_struct_site.pdbx_auth_seq_id 
_struct_site.pdbx_auth_ins_code 
_struct_site.pdbx_num_residues 
_struct_site.details 
AC1 Software A ZN  101 ? 4 'binding site for residue ZN A 101'  
AC2 Software B ZN  101 ? 4 'binding site for residue ZN B 101'  
AC3 Software B GOL 102 ? 4 'binding site for residue GOL B 102' 
AC4 Software B CL  103 ? 4 'binding site for residue CL B 103'  
# 
loop_
_struct_site_gen.id 
_struct_site_gen.site_id 
_struct_site_gen.pdbx_num_res 
_struct_site_gen.label_comp_id 
_struct_site_gen.label_asym_id 
_struct_site_gen.label_seq_id 
_struct_site_gen.pdbx_auth_ins_code 
_struct_site_gen.auth_comp_id 
_struct_site_gen.auth_asym_id 
_struct_site_gen.auth_seq_id 
_struct_site_gen.label_atom_id 
_struct_site_gen.label_alt_id 
_struct_site_gen.symmetry 
_struct_site_gen.details 
1  AC1 4 GLU A 23 ? GLU A 23  . ? 1_565 ? 
2  AC1 4 GLU A 39 ? GLU A 39  . ? 1_555 ? 
3  AC1 4 HIS A 71 ? HIS A 71  . ? 1_555 ? 
4  AC1 4 HOH G .  ? HOH A 227 . ? 1_565 ? 
5  AC2 4 GLU B 23 ? GLU B 23  . ? 1_665 ? 
6  AC2 4 GLU B 39 ? GLU B 39  . ? 1_555 ? 
7  AC2 4 HIS B 71 ? HIS B 71  . ? 1_555 ? 
8  AC2 4 HOH H .  ? HOH B 244 . ? 1_665 ? 
9  AC3 4 LYS A 38 ? LYS A 38  . ? 5_455 ? 
10 AC3 4 GLY B 37 ? GLY B 37  . ? 1_555 ? 
11 AC3 4 GLU B 53 ? GLU B 53  . ? 1_565 ? 
12 AC3 4 HOH H .  ? HOH B 207 . ? 1_555 ? 
13 AC4 4 LEU A 30 ? LEU A 30  . ? 1_555 ? 
14 AC4 4 GLY B 29 ? GLY B 29  . ? 1_555 ? 
15 AC4 4 LEU B 30 ? LEU B 30  . ? 1_555 ? 
16 AC4 4 HOH H .  ? HOH B 245 . ? 1_555 ? 
# 
_pdbx_entry_details.entry_id                   4ZYA 
_pdbx_entry_details.compound_details           ? 
_pdbx_entry_details.source_details             ? 
_pdbx_entry_details.nonpolymer_details         ? 
_pdbx_entry_details.sequence_details           ? 
_pdbx_entry_details.has_ligand_of_interest     ? 
_pdbx_entry_details.has_protein_modification   Y 
# 
loop_
_pdbx_validate_close_contact.id 
_pdbx_validate_close_contact.PDB_model_num 
_pdbx_validate_close_contact.auth_atom_id_1 
_pdbx_validate_close_contact.auth_asym_id_1 
_pdbx_validate_close_contact.auth_comp_id_1 
_pdbx_validate_close_contact.auth_seq_id_1 
_pdbx_validate_close_contact.PDB_ins_code_1 
_pdbx_validate_close_contact.label_alt_id_1 
_pdbx_validate_close_contact.auth_atom_id_2 
_pdbx_validate_close_contact.auth_asym_id_2 
_pdbx_validate_close_contact.auth_comp_id_2 
_pdbx_validate_close_contact.auth_seq_id_2 
_pdbx_validate_close_contact.PDB_ins_code_2 
_pdbx_validate_close_contact.label_alt_id_2 
_pdbx_validate_close_contact.dist 
1  1 OG  B SER 61  ? ? O   B HOH 201 ? ? 1.86 
2  1 O   A ASP 15  ? ? O   A HOH 201 ? ? 1.95 
3  1 O   A HOH 255 ? ? O   A HOH 256 ? ? 2.01 
4  1 O   B HOH 258 ? ? O   B HOH 260 ? ? 2.01 
5  1 O   B HOH 221 ? ? O   B HOH 269 ? ? 2.02 
6  1 O   A HOH 202 ? ? O   A HOH 216 ? ? 2.08 
7  1 O   A HOH 217 ? ? O   A HOH 253 ? ? 2.14 
8  1 O   B HOH 235 ? ? O   B HOH 244 ? ? 2.14 
9  1 OG  B SER 14  ? ? O   B HOH 202 ? ? 2.14 
10 1 OD1 B ASP 19  ? ? OG1 B THR 21  ? ? 2.15 
11 1 OD1 B ASP 47  ? ? O   B HOH 203 ? ? 2.17 
12 1 NH2 B ARG 11  ? ? O   B HOH 204 ? ? 2.18 
13 1 OE1 B GLN 62  ? ? O   B HOH 205 ? ? 2.18 
14 1 O   A SER 61  ? ? O   A HOH 202 ? ? 2.18 
15 1 O   B GLU 23  ? ? O   B HOH 206 ? ? 2.19 
# 
loop_
_pdbx_validate_symm_contact.id 
_pdbx_validate_symm_contact.PDB_model_num 
_pdbx_validate_symm_contact.auth_atom_id_1 
_pdbx_validate_symm_contact.auth_asym_id_1 
_pdbx_validate_symm_contact.auth_comp_id_1 
_pdbx_validate_symm_contact.auth_seq_id_1 
_pdbx_validate_symm_contact.PDB_ins_code_1 
_pdbx_validate_symm_contact.label_alt_id_1 
_pdbx_validate_symm_contact.site_symmetry_1 
_pdbx_validate_symm_contact.auth_atom_id_2 
_pdbx_validate_symm_contact.auth_asym_id_2 
_pdbx_validate_symm_contact.auth_comp_id_2 
_pdbx_validate_symm_contact.auth_seq_id_2 
_pdbx_validate_symm_contact.PDB_ins_code_2 
_pdbx_validate_symm_contact.label_alt_id_2 
_pdbx_validate_symm_contact.site_symmetry_2 
_pdbx_validate_symm_contact.dist 
1 1 O A HOH 221 ? ? 1_555 O A HOH 231 ? ? 1_545 2.10 
2 1 O A HOH 248 ? ? 1_555 O A HOH 257 ? ? 1_565 2.11 
3 1 O B HOH 218 ? ? 1_555 O B HOH 251 ? ? 1_665 2.13 
# 
loop_
_pdbx_struct_mod_residue.id 
_pdbx_struct_mod_residue.label_asym_id 
_pdbx_struct_mod_residue.label_comp_id 
_pdbx_struct_mod_residue.label_seq_id 
_pdbx_struct_mod_residue.auth_asym_id 
_pdbx_struct_mod_residue.auth_comp_id 
_pdbx_struct_mod_residue.auth_seq_id 
_pdbx_struct_mod_residue.PDB_ins_code 
_pdbx_struct_mod_residue.parent_comp_id 
_pdbx_struct_mod_residue.details 
1 A MSE 34 A MSE 34 ? MET 'modified residue' 
2 A MSE 69 A MSE 69 ? MET 'modified residue' 
3 A MSE 75 A MSE 75 ? MET 'modified residue' 
4 B MSE 34 B MSE 34 ? MET 'modified residue' 
5 B MSE 69 B MSE 69 ? MET 'modified residue' 
6 B MSE 75 B MSE 75 ? MET 'modified residue' 
# 
loop_
_pdbx_unobs_or_zero_occ_residues.id 
_pdbx_unobs_or_zero_occ_residues.PDB_model_num 
_pdbx_unobs_or_zero_occ_residues.polymer_flag 
_pdbx_unobs_or_zero_occ_residues.occupancy_flag 
_pdbx_unobs_or_zero_occ_residues.auth_asym_id 
_pdbx_unobs_or_zero_occ_residues.auth_comp_id 
_pdbx_unobs_or_zero_occ_residues.auth_seq_id 
_pdbx_unobs_or_zero_occ_residues.PDB_ins_code 
_pdbx_unobs_or_zero_occ_residues.label_asym_id 
_pdbx_unobs_or_zero_occ_residues.label_comp_id 
_pdbx_unobs_or_zero_occ_residues.label_seq_id 
1 1 Y 1 A GLY 1  ? A GLY 1  
2 1 Y 1 A HIS 2  ? A HIS 2  
3 1 Y 1 A GLN 49 ? A GLN 49 
4 1 Y 1 A LYS 50 ? A LYS 50 
5 1 Y 1 A GLU 51 ? A GLU 51 
6 1 Y 1 A ASN 52 ? A ASN 52 
7 1 Y 1 A GLU 53 ? A GLU 53 
8 1 Y 1 A SER 77 ? A SER 77 
9 1 Y 1 B SER 77 ? B SER 77 
# 
loop_
_chem_comp_atom.comp_id 
_chem_comp_atom.atom_id 
_chem_comp_atom.type_symbol 
_chem_comp_atom.pdbx_aromatic_flag 
_chem_comp_atom.pdbx_stereo_config 
_chem_comp_atom.pdbx_ordinal 
ALA N    N  N N 1   
ALA CA   C  N S 2   
ALA C    C  N N 3   
ALA O    O  N N 4   
ALA CB   C  N N 5   
ALA OXT  O  N N 6   
ALA H    H  N N 7   
ALA H2   H  N N 8   
ALA HA   H  N N 9   
ALA HB1  H  N N 10  
ALA HB2  H  N N 11  
ALA HB3  H  N N 12  
ALA HXT  H  N N 13  
ARG N    N  N N 14  
ARG CA   C  N S 15  
ARG C    C  N N 16  
ARG O    O  N N 17  
ARG CB   C  N N 18  
ARG CG   C  N N 19  
ARG CD   C  N N 20  
ARG NE   N  N N 21  
ARG CZ   C  N N 22  
ARG NH1  N  N N 23  
ARG NH2  N  N N 24  
ARG OXT  O  N N 25  
ARG H    H  N N 26  
ARG H2   H  N N 27  
ARG HA   H  N N 28  
ARG HB2  H  N N 29  
ARG HB3  H  N N 30  
ARG HG2  H  N N 31  
ARG HG3  H  N N 32  
ARG HD2  H  N N 33  
ARG HD3  H  N N 34  
ARG HE   H  N N 35  
ARG HH11 H  N N 36  
ARG HH12 H  N N 37  
ARG HH21 H  N N 38  
ARG HH22 H  N N 39  
ARG HXT  H  N N 40  
ASN N    N  N N 41  
ASN CA   C  N S 42  
ASN C    C  N N 43  
ASN O    O  N N 44  
ASN CB   C  N N 45  
ASN CG   C  N N 46  
ASN OD1  O  N N 47  
ASN ND2  N  N N 48  
ASN OXT  O  N N 49  
ASN H    H  N N 50  
ASN H2   H  N N 51  
ASN HA   H  N N 52  
ASN HB2  H  N N 53  
ASN HB3  H  N N 54  
ASN HD21 H  N N 55  
ASN HD22 H  N N 56  
ASN HXT  H  N N 57  
ASP N    N  N N 58  
ASP CA   C  N S 59  
ASP C    C  N N 60  
ASP O    O  N N 61  
ASP CB   C  N N 62  
ASP CG   C  N N 63  
ASP OD1  O  N N 64  
ASP OD2  O  N N 65  
ASP OXT  O  N N 66  
ASP H    H  N N 67  
ASP H2   H  N N 68  
ASP HA   H  N N 69  
ASP HB2  H  N N 70  
ASP HB3  H  N N 71  
ASP HD2  H  N N 72  
ASP HXT  H  N N 73  
CL  CL   CL N N 74  
GLN N    N  N N 75  
GLN CA   C  N S 76  
GLN C    C  N N 77  
GLN O    O  N N 78  
GLN CB   C  N N 79  
GLN CG   C  N N 80  
GLN CD   C  N N 81  
GLN OE1  O  N N 82  
GLN NE2  N  N N 83  
GLN OXT  O  N N 84  
GLN H    H  N N 85  
GLN H2   H  N N 86  
GLN HA   H  N N 87  
GLN HB2  H  N N 88  
GLN HB3  H  N N 89  
GLN HG2  H  N N 90  
GLN HG3  H  N N 91  
GLN HE21 H  N N 92  
GLN HE22 H  N N 93  
GLN HXT  H  N N 94  
GLU N    N  N N 95  
GLU CA   C  N S 96  
GLU C    C  N N 97  
GLU O    O  N N 98  
GLU CB   C  N N 99  
GLU CG   C  N N 100 
GLU CD   C  N N 101 
GLU OE1  O  N N 102 
GLU OE2  O  N N 103 
GLU OXT  O  N N 104 
GLU H    H  N N 105 
GLU H2   H  N N 106 
GLU HA   H  N N 107 
GLU HB2  H  N N 108 
GLU HB3  H  N N 109 
GLU HG2  H  N N 110 
GLU HG3  H  N N 111 
GLU HE2  H  N N 112 
GLU HXT  H  N N 113 
GLY N    N  N N 114 
GLY CA   C  N N 115 
GLY C    C  N N 116 
GLY O    O  N N 117 
GLY OXT  O  N N 118 
GLY H    H  N N 119 
GLY H2   H  N N 120 
GLY HA2  H  N N 121 
GLY HA3  H  N N 122 
GLY HXT  H  N N 123 
GOL C1   C  N N 124 
GOL O1   O  N N 125 
GOL C2   C  N N 126 
GOL O2   O  N N 127 
GOL C3   C  N N 128 
GOL O3   O  N N 129 
GOL H11  H  N N 130 
GOL H12  H  N N 131 
GOL HO1  H  N N 132 
GOL H2   H  N N 133 
GOL HO2  H  N N 134 
GOL H31  H  N N 135 
GOL H32  H  N N 136 
GOL HO3  H  N N 137 
HIS N    N  N N 138 
HIS CA   C  N S 139 
HIS C    C  N N 140 
HIS O    O  N N 141 
HIS CB   C  N N 142 
HIS CG   C  Y N 143 
HIS ND1  N  Y N 144 
HIS CD2  C  Y N 145 
HIS CE1  C  Y N 146 
HIS NE2  N  Y N 147 
HIS OXT  O  N N 148 
HIS H    H  N N 149 
HIS H2   H  N N 150 
HIS HA   H  N N 151 
HIS HB2  H  N N 152 
HIS HB3  H  N N 153 
HIS HD1  H  N N 154 
HIS HD2  H  N N 155 
HIS HE1  H  N N 156 
HIS HE2  H  N N 157 
HIS HXT  H  N N 158 
HOH O    O  N N 159 
HOH H1   H  N N 160 
HOH H2   H  N N 161 
ILE N    N  N N 162 
ILE CA   C  N S 163 
ILE C    C  N N 164 
ILE O    O  N N 165 
ILE CB   C  N S 166 
ILE CG1  C  N N 167 
ILE CG2  C  N N 168 
ILE CD1  C  N N 169 
ILE OXT  O  N N 170 
ILE H    H  N N 171 
ILE H2   H  N N 172 
ILE HA   H  N N 173 
ILE HB   H  N N 174 
ILE HG12 H  N N 175 
ILE HG13 H  N N 176 
ILE HG21 H  N N 177 
ILE HG22 H  N N 178 
ILE HG23 H  N N 179 
ILE HD11 H  N N 180 
ILE HD12 H  N N 181 
ILE HD13 H  N N 182 
ILE HXT  H  N N 183 
LEU N    N  N N 184 
LEU CA   C  N S 185 
LEU C    C  N N 186 
LEU O    O  N N 187 
LEU CB   C  N N 188 
LEU CG   C  N N 189 
LEU CD1  C  N N 190 
LEU CD2  C  N N 191 
LEU OXT  O  N N 192 
LEU H    H  N N 193 
LEU H2   H  N N 194 
LEU HA   H  N N 195 
LEU HB2  H  N N 196 
LEU HB3  H  N N 197 
LEU HG   H  N N 198 
LEU HD11 H  N N 199 
LEU HD12 H  N N 200 
LEU HD13 H  N N 201 
LEU HD21 H  N N 202 
LEU HD22 H  N N 203 
LEU HD23 H  N N 204 
LEU HXT  H  N N 205 
LYS N    N  N N 206 
LYS CA   C  N S 207 
LYS C    C  N N 208 
LYS O    O  N N 209 
LYS CB   C  N N 210 
LYS CG   C  N N 211 
LYS CD   C  N N 212 
LYS CE   C  N N 213 
LYS NZ   N  N N 214 
LYS OXT  O  N N 215 
LYS H    H  N N 216 
LYS H2   H  N N 217 
LYS HA   H  N N 218 
LYS HB2  H  N N 219 
LYS HB3  H  N N 220 
LYS HG2  H  N N 221 
LYS HG3  H  N N 222 
LYS HD2  H  N N 223 
LYS HD3  H  N N 224 
LYS HE2  H  N N 225 
LYS HE3  H  N N 226 
LYS HZ1  H  N N 227 
LYS HZ2  H  N N 228 
LYS HZ3  H  N N 229 
LYS HXT  H  N N 230 
MSE N    N  N N 231 
MSE CA   C  N S 232 
MSE C    C  N N 233 
MSE O    O  N N 234 
MSE OXT  O  N N 235 
MSE CB   C  N N 236 
MSE CG   C  N N 237 
MSE SE   SE N N 238 
MSE CE   C  N N 239 
MSE H    H  N N 240 
MSE H2   H  N N 241 
MSE HA   H  N N 242 
MSE HXT  H  N N 243 
MSE HB2  H  N N 244 
MSE HB3  H  N N 245 
MSE HG2  H  N N 246 
MSE HG3  H  N N 247 
MSE HE1  H  N N 248 
MSE HE2  H  N N 249 
MSE HE3  H  N N 250 
PHE N    N  N N 251 
PHE CA   C  N S 252 
PHE C    C  N N 253 
PHE O    O  N N 254 
PHE CB   C  N N 255 
PHE CG   C  Y N 256 
PHE CD1  C  Y N 257 
PHE CD2  C  Y N 258 
PHE CE1  C  Y N 259 
PHE CE2  C  Y N 260 
PHE CZ   C  Y N 261 
PHE OXT  O  N N 262 
PHE H    H  N N 263 
PHE H2   H  N N 264 
PHE HA   H  N N 265 
PHE HB2  H  N N 266 
PHE HB3  H  N N 267 
PHE HD1  H  N N 268 
PHE HD2  H  N N 269 
PHE HE1  H  N N 270 
PHE HE2  H  N N 271 
PHE HZ   H  N N 272 
PHE HXT  H  N N 273 
PRO N    N  N N 274 
PRO CA   C  N S 275 
PRO C    C  N N 276 
PRO O    O  N N 277 
PRO CB   C  N N 278 
PRO CG   C  N N 279 
PRO CD   C  N N 280 
PRO OXT  O  N N 281 
PRO H    H  N N 282 
PRO HA   H  N N 283 
PRO HB2  H  N N 284 
PRO HB3  H  N N 285 
PRO HG2  H  N N 286 
PRO HG3  H  N N 287 
PRO HD2  H  N N 288 
PRO HD3  H  N N 289 
PRO HXT  H  N N 290 
SER N    N  N N 291 
SER CA   C  N S 292 
SER C    C  N N 293 
SER O    O  N N 294 
SER CB   C  N N 295 
SER OG   O  N N 296 
SER OXT  O  N N 297 
SER H    H  N N 298 
SER H2   H  N N 299 
SER HA   H  N N 300 
SER HB2  H  N N 301 
SER HB3  H  N N 302 
SER HG   H  N N 303 
SER HXT  H  N N 304 
THR N    N  N N 305 
THR CA   C  N S 306 
THR C    C  N N 307 
THR O    O  N N 308 
THR CB   C  N R 309 
THR OG1  O  N N 310 
THR CG2  C  N N 311 
THR OXT  O  N N 312 
THR H    H  N N 313 
THR H2   H  N N 314 
THR HA   H  N N 315 
THR HB   H  N N 316 
THR HG1  H  N N 317 
THR HG21 H  N N 318 
THR HG22 H  N N 319 
THR HG23 H  N N 320 
THR HXT  H  N N 321 
TRP N    N  N N 322 
TRP CA   C  N S 323 
TRP C    C  N N 324 
TRP O    O  N N 325 
TRP CB   C  N N 326 
TRP CG   C  Y N 327 
TRP CD1  C  Y N 328 
TRP CD2  C  Y N 329 
TRP NE1  N  Y N 330 
TRP CE2  C  Y N 331 
TRP CE3  C  Y N 332 
TRP CZ2  C  Y N 333 
TRP CZ3  C  Y N 334 
TRP CH2  C  Y N 335 
TRP OXT  O  N N 336 
TRP H    H  N N 337 
TRP H2   H  N N 338 
TRP HA   H  N N 339 
TRP HB2  H  N N 340 
TRP HB3  H  N N 341 
TRP HD1  H  N N 342 
TRP HE1  H  N N 343 
TRP HE3  H  N N 344 
TRP HZ2  H  N N 345 
TRP HZ3  H  N N 346 
TRP HH2  H  N N 347 
TRP HXT  H  N N 348 
TYR N    N  N N 349 
TYR CA   C  N S 350 
TYR C    C  N N 351 
TYR O    O  N N 352 
TYR CB   C  N N 353 
TYR CG   C  Y N 354 
TYR CD1  C  Y N 355 
TYR CD2  C  Y N 356 
TYR CE1  C  Y N 357 
TYR CE2  C  Y N 358 
TYR CZ   C  Y N 359 
TYR OH   O  N N 360 
TYR OXT  O  N N 361 
TYR H    H  N N 362 
TYR H2   H  N N 363 
TYR HA   H  N N 364 
TYR HB2  H  N N 365 
TYR HB3  H  N N 366 
TYR HD1  H  N N 367 
TYR HD2  H  N N 368 
TYR HE1  H  N N 369 
TYR HE2  H  N N 370 
TYR HH   H  N N 371 
TYR HXT  H  N N 372 
VAL N    N  N N 373 
VAL CA   C  N S 374 
VAL C    C  N N 375 
VAL O    O  N N 376 
VAL CB   C  N N 377 
VAL CG1  C  N N 378 
VAL CG2  C  N N 379 
VAL OXT  O  N N 380 
VAL H    H  N N 381 
VAL H2   H  N N 382 
VAL HA   H  N N 383 
VAL HB   H  N N 384 
VAL HG11 H  N N 385 
VAL HG12 H  N N 386 
VAL HG13 H  N N 387 
VAL HG21 H  N N 388 
VAL HG22 H  N N 389 
VAL HG23 H  N N 390 
VAL HXT  H  N N 391 
ZN  ZN   ZN N N 392 
# 
loop_
_chem_comp_bond.comp_id 
_chem_comp_bond.atom_id_1 
_chem_comp_bond.atom_id_2 
_chem_comp_bond.value_order 
_chem_comp_bond.pdbx_aromatic_flag 
_chem_comp_bond.pdbx_stereo_config 
_chem_comp_bond.pdbx_ordinal 
ALA N   CA   sing N N 1   
ALA N   H    sing N N 2   
ALA N   H2   sing N N 3   
ALA CA  C    sing N N 4   
ALA CA  CB   sing N N 5   
ALA CA  HA   sing N N 6   
ALA C   O    doub N N 7   
ALA C   OXT  sing N N 8   
ALA CB  HB1  sing N N 9   
ALA CB  HB2  sing N N 10  
ALA CB  HB3  sing N N 11  
ALA OXT HXT  sing N N 12  
ARG N   CA   sing N N 13  
ARG N   H    sing N N 14  
ARG N   H2   sing N N 15  
ARG CA  C    sing N N 16  
ARG CA  CB   sing N N 17  
ARG CA  HA   sing N N 18  
ARG C   O    doub N N 19  
ARG C   OXT  sing N N 20  
ARG CB  CG   sing N N 21  
ARG CB  HB2  sing N N 22  
ARG CB  HB3  sing N N 23  
ARG CG  CD   sing N N 24  
ARG CG  HG2  sing N N 25  
ARG CG  HG3  sing N N 26  
ARG CD  NE   sing N N 27  
ARG CD  HD2  sing N N 28  
ARG CD  HD3  sing N N 29  
ARG NE  CZ   sing N N 30  
ARG NE  HE   sing N N 31  
ARG CZ  NH1  sing N N 32  
ARG CZ  NH2  doub N N 33  
ARG NH1 HH11 sing N N 34  
ARG NH1 HH12 sing N N 35  
ARG NH2 HH21 sing N N 36  
ARG NH2 HH22 sing N N 37  
ARG OXT HXT  sing N N 38  
ASN N   CA   sing N N 39  
ASN N   H    sing N N 40  
ASN N   H2   sing N N 41  
ASN CA  C    sing N N 42  
ASN CA  CB   sing N N 43  
ASN CA  HA   sing N N 44  
ASN C   O    doub N N 45  
ASN C   OXT  sing N N 46  
ASN CB  CG   sing N N 47  
ASN CB  HB2  sing N N 48  
ASN CB  HB3  sing N N 49  
ASN CG  OD1  doub N N 50  
ASN CG  ND2  sing N N 51  
ASN ND2 HD21 sing N N 52  
ASN ND2 HD22 sing N N 53  
ASN OXT HXT  sing N N 54  
ASP N   CA   sing N N 55  
ASP N   H    sing N N 56  
ASP N   H2   sing N N 57  
ASP CA  C    sing N N 58  
ASP CA  CB   sing N N 59  
ASP CA  HA   sing N N 60  
ASP C   O    doub N N 61  
ASP C   OXT  sing N N 62  
ASP CB  CG   sing N N 63  
ASP CB  HB2  sing N N 64  
ASP CB  HB3  sing N N 65  
ASP CG  OD1  doub N N 66  
ASP CG  OD2  sing N N 67  
ASP OD2 HD2  sing N N 68  
ASP OXT HXT  sing N N 69  
GLN N   CA   sing N N 70  
GLN N   H    sing N N 71  
GLN N   H2   sing N N 72  
GLN CA  C    sing N N 73  
GLN CA  CB   sing N N 74  
GLN CA  HA   sing N N 75  
GLN C   O    doub N N 76  
GLN C   OXT  sing N N 77  
GLN CB  CG   sing N N 78  
GLN CB  HB2  sing N N 79  
GLN CB  HB3  sing N N 80  
GLN CG  CD   sing N N 81  
GLN CG  HG2  sing N N 82  
GLN CG  HG3  sing N N 83  
GLN CD  OE1  doub N N 84  
GLN CD  NE2  sing N N 85  
GLN NE2 HE21 sing N N 86  
GLN NE2 HE22 sing N N 87  
GLN OXT HXT  sing N N 88  
GLU N   CA   sing N N 89  
GLU N   H    sing N N 90  
GLU N   H2   sing N N 91  
GLU CA  C    sing N N 92  
GLU CA  CB   sing N N 93  
GLU CA  HA   sing N N 94  
GLU C   O    doub N N 95  
GLU C   OXT  sing N N 96  
GLU CB  CG   sing N N 97  
GLU CB  HB2  sing N N 98  
GLU CB  HB3  sing N N 99  
GLU CG  CD   sing N N 100 
GLU CG  HG2  sing N N 101 
GLU CG  HG3  sing N N 102 
GLU CD  OE1  doub N N 103 
GLU CD  OE2  sing N N 104 
GLU OE2 HE2  sing N N 105 
GLU OXT HXT  sing N N 106 
GLY N   CA   sing N N 107 
GLY N   H    sing N N 108 
GLY N   H2   sing N N 109 
GLY CA  C    sing N N 110 
GLY CA  HA2  sing N N 111 
GLY CA  HA3  sing N N 112 
GLY C   O    doub N N 113 
GLY C   OXT  sing N N 114 
GLY OXT HXT  sing N N 115 
GOL C1  O1   sing N N 116 
GOL C1  C2   sing N N 117 
GOL C1  H11  sing N N 118 
GOL C1  H12  sing N N 119 
GOL O1  HO1  sing N N 120 
GOL C2  O2   sing N N 121 
GOL C2  C3   sing N N 122 
GOL C2  H2   sing N N 123 
GOL O2  HO2  sing N N 124 
GOL C3  O3   sing N N 125 
GOL C3  H31  sing N N 126 
GOL C3  H32  sing N N 127 
GOL O3  HO3  sing N N 128 
HIS N   CA   sing N N 129 
HIS N   H    sing N N 130 
HIS N   H2   sing N N 131 
HIS CA  C    sing N N 132 
HIS CA  CB   sing N N 133 
HIS CA  HA   sing N N 134 
HIS C   O    doub N N 135 
HIS C   OXT  sing N N 136 
HIS CB  CG   sing N N 137 
HIS CB  HB2  sing N N 138 
HIS CB  HB3  sing N N 139 
HIS CG  ND1  sing Y N 140 
HIS CG  CD2  doub Y N 141 
HIS ND1 CE1  doub Y N 142 
HIS ND1 HD1  sing N N 143 
HIS CD2 NE2  sing Y N 144 
HIS CD2 HD2  sing N N 145 
HIS CE1 NE2  sing Y N 146 
HIS CE1 HE1  sing N N 147 
HIS NE2 HE2  sing N N 148 
HIS OXT HXT  sing N N 149 
HOH O   H1   sing N N 150 
HOH O   H2   sing N N 151 
ILE N   CA   sing N N 152 
ILE N   H    sing N N 153 
ILE N   H2   sing N N 154 
ILE CA  C    sing N N 155 
ILE CA  CB   sing N N 156 
ILE CA  HA   sing N N 157 
ILE C   O    doub N N 158 
ILE C   OXT  sing N N 159 
ILE CB  CG1  sing N N 160 
ILE CB  CG2  sing N N 161 
ILE CB  HB   sing N N 162 
ILE CG1 CD1  sing N N 163 
ILE CG1 HG12 sing N N 164 
ILE CG1 HG13 sing N N 165 
ILE CG2 HG21 sing N N 166 
ILE CG2 HG22 sing N N 167 
ILE CG2 HG23 sing N N 168 
ILE CD1 HD11 sing N N 169 
ILE CD1 HD12 sing N N 170 
ILE CD1 HD13 sing N N 171 
ILE OXT HXT  sing N N 172 
LEU N   CA   sing N N 173 
LEU N   H    sing N N 174 
LEU N   H2   sing N N 175 
LEU CA  C    sing N N 176 
LEU CA  CB   sing N N 177 
LEU CA  HA   sing N N 178 
LEU C   O    doub N N 179 
LEU C   OXT  sing N N 180 
LEU CB  CG   sing N N 181 
LEU CB  HB2  sing N N 182 
LEU CB  HB3  sing N N 183 
LEU CG  CD1  sing N N 184 
LEU CG  CD2  sing N N 185 
LEU CG  HG   sing N N 186 
LEU CD1 HD11 sing N N 187 
LEU CD1 HD12 sing N N 188 
LEU CD1 HD13 sing N N 189 
LEU CD2 HD21 sing N N 190 
LEU CD2 HD22 sing N N 191 
LEU CD2 HD23 sing N N 192 
LEU OXT HXT  sing N N 193 
LYS N   CA   sing N N 194 
LYS N   H    sing N N 195 
LYS N   H2   sing N N 196 
LYS CA  C    sing N N 197 
LYS CA  CB   sing N N 198 
LYS CA  HA   sing N N 199 
LYS C   O    doub N N 200 
LYS C   OXT  sing N N 201 
LYS CB  CG   sing N N 202 
LYS CB  HB2  sing N N 203 
LYS CB  HB3  sing N N 204 
LYS CG  CD   sing N N 205 
LYS CG  HG2  sing N N 206 
LYS CG  HG3  sing N N 207 
LYS CD  CE   sing N N 208 
LYS CD  HD2  sing N N 209 
LYS CD  HD3  sing N N 210 
LYS CE  NZ   sing N N 211 
LYS CE  HE2  sing N N 212 
LYS CE  HE3  sing N N 213 
LYS NZ  HZ1  sing N N 214 
LYS NZ  HZ2  sing N N 215 
LYS NZ  HZ3  sing N N 216 
LYS OXT HXT  sing N N 217 
MSE N   CA   sing N N 218 
MSE N   H    sing N N 219 
MSE N   H2   sing N N 220 
MSE CA  C    sing N N 221 
MSE CA  CB   sing N N 222 
MSE CA  HA   sing N N 223 
MSE C   O    doub N N 224 
MSE C   OXT  sing N N 225 
MSE OXT HXT  sing N N 226 
MSE CB  CG   sing N N 227 
MSE CB  HB2  sing N N 228 
MSE CB  HB3  sing N N 229 
MSE CG  SE   sing N N 230 
MSE CG  HG2  sing N N 231 
MSE CG  HG3  sing N N 232 
MSE SE  CE   sing N N 233 
MSE CE  HE1  sing N N 234 
MSE CE  HE2  sing N N 235 
MSE CE  HE3  sing N N 236 
PHE N   CA   sing N N 237 
PHE N   H    sing N N 238 
PHE N   H2   sing N N 239 
PHE CA  C    sing N N 240 
PHE CA  CB   sing N N 241 
PHE CA  HA   sing N N 242 
PHE C   O    doub N N 243 
PHE C   OXT  sing N N 244 
PHE CB  CG   sing N N 245 
PHE CB  HB2  sing N N 246 
PHE CB  HB3  sing N N 247 
PHE CG  CD1  doub Y N 248 
PHE CG  CD2  sing Y N 249 
PHE CD1 CE1  sing Y N 250 
PHE CD1 HD1  sing N N 251 
PHE CD2 CE2  doub Y N 252 
PHE CD2 HD2  sing N N 253 
PHE CE1 CZ   doub Y N 254 
PHE CE1 HE1  sing N N 255 
PHE CE2 CZ   sing Y N 256 
PHE CE2 HE2  sing N N 257 
PHE CZ  HZ   sing N N 258 
PHE OXT HXT  sing N N 259 
PRO N   CA   sing N N 260 
PRO N   CD   sing N N 261 
PRO N   H    sing N N 262 
PRO CA  C    sing N N 263 
PRO CA  CB   sing N N 264 
PRO CA  HA   sing N N 265 
PRO C   O    doub N N 266 
PRO C   OXT  sing N N 267 
PRO CB  CG   sing N N 268 
PRO CB  HB2  sing N N 269 
PRO CB  HB3  sing N N 270 
PRO CG  CD   sing N N 271 
PRO CG  HG2  sing N N 272 
PRO CG  HG3  sing N N 273 
PRO CD  HD2  sing N N 274 
PRO CD  HD3  sing N N 275 
PRO OXT HXT  sing N N 276 
SER N   CA   sing N N 277 
SER N   H    sing N N 278 
SER N   H2   sing N N 279 
SER CA  C    sing N N 280 
SER CA  CB   sing N N 281 
SER CA  HA   sing N N 282 
SER C   O    doub N N 283 
SER C   OXT  sing N N 284 
SER CB  OG   sing N N 285 
SER CB  HB2  sing N N 286 
SER CB  HB3  sing N N 287 
SER OG  HG   sing N N 288 
SER OXT HXT  sing N N 289 
THR N   CA   sing N N 290 
THR N   H    sing N N 291 
THR N   H2   sing N N 292 
THR CA  C    sing N N 293 
THR CA  CB   sing N N 294 
THR CA  HA   sing N N 295 
THR C   O    doub N N 296 
THR C   OXT  sing N N 297 
THR CB  OG1  sing N N 298 
THR CB  CG2  sing N N 299 
THR CB  HB   sing N N 300 
THR OG1 HG1  sing N N 301 
THR CG2 HG21 sing N N 302 
THR CG2 HG22 sing N N 303 
THR CG2 HG23 sing N N 304 
THR OXT HXT  sing N N 305 
TRP N   CA   sing N N 306 
TRP N   H    sing N N 307 
TRP N   H2   sing N N 308 
TRP CA  C    sing N N 309 
TRP CA  CB   sing N N 310 
TRP CA  HA   sing N N 311 
TRP C   O    doub N N 312 
TRP C   OXT  sing N N 313 
TRP CB  CG   sing N N 314 
TRP CB  HB2  sing N N 315 
TRP CB  HB3  sing N N 316 
TRP CG  CD1  doub Y N 317 
TRP CG  CD2  sing Y N 318 
TRP CD1 NE1  sing Y N 319 
TRP CD1 HD1  sing N N 320 
TRP CD2 CE2  doub Y N 321 
TRP CD2 CE3  sing Y N 322 
TRP NE1 CE2  sing Y N 323 
TRP NE1 HE1  sing N N 324 
TRP CE2 CZ2  sing Y N 325 
TRP CE3 CZ3  doub Y N 326 
TRP CE3 HE3  sing N N 327 
TRP CZ2 CH2  doub Y N 328 
TRP CZ2 HZ2  sing N N 329 
TRP CZ3 CH2  sing Y N 330 
TRP CZ3 HZ3  sing N N 331 
TRP CH2 HH2  sing N N 332 
TRP OXT HXT  sing N N 333 
TYR N   CA   sing N N 334 
TYR N   H    sing N N 335 
TYR N   H2   sing N N 336 
TYR CA  C    sing N N 337 
TYR CA  CB   sing N N 338 
TYR CA  HA   sing N N 339 
TYR C   O    doub N N 340 
TYR C   OXT  sing N N 341 
TYR CB  CG   sing N N 342 
TYR CB  HB2  sing N N 343 
TYR CB  HB3  sing N N 344 
TYR CG  CD1  doub Y N 345 
TYR CG  CD2  sing Y N 346 
TYR CD1 CE1  sing Y N 347 
TYR CD1 HD1  sing N N 348 
TYR CD2 CE2  doub Y N 349 
TYR CD2 HD2  sing N N 350 
TYR CE1 CZ   doub Y N 351 
TYR CE1 HE1  sing N N 352 
TYR CE2 CZ   sing Y N 353 
TYR CE2 HE2  sing N N 354 
TYR CZ  OH   sing N N 355 
TYR OH  HH   sing N N 356 
TYR OXT HXT  sing N N 357 
VAL N   CA   sing N N 358 
VAL N   H    sing N N 359 
VAL N   H2   sing N N 360 
VAL CA  C    sing N N 361 
VAL CA  CB   sing N N 362 
VAL CA  HA   sing N N 363 
VAL C   O    doub N N 364 
VAL C   OXT  sing N N 365 
VAL CB  CG1  sing N N 366 
VAL CB  CG2  sing N N 367 
VAL CB  HB   sing N N 368 
VAL CG1 HG11 sing N N 369 
VAL CG1 HG12 sing N N 370 
VAL CG1 HG13 sing N N 371 
VAL CG2 HG21 sing N N 372 
VAL CG2 HG22 sing N N 373 
VAL CG2 HG23 sing N N 374 
VAL OXT HXT  sing N N 375 
# 
_pdbx_audit_support.funding_organization   'Ministry of Science, ICT and Future Planning of Korea' 
_pdbx_audit_support.country                'Korea, Republic Of' 
_pdbx_audit_support.grant_number           2013M3A6A4043695 
_pdbx_audit_support.ordinal                1 
# 
_atom_sites.entry_id                    4ZYA 
_atom_sites.fract_transf_matrix[1][1]   -0.02950230 
_atom_sites.fract_transf_matrix[1][2]   0.01832712 
_atom_sites.fract_transf_matrix[1][3]   -0.00680456 
_atom_sites.fract_transf_matrix[2][1]   -0.01889720 
_atom_sites.fract_transf_matrix[2][2]   -0.00704504 
_atom_sites.fract_transf_matrix[2][3]   -0.02908362 
_atom_sites.fract_transf_matrix[3][1]   -0.00248018 
_atom_sites.fract_transf_matrix[3][2]   -0.00311410 
_atom_sites.fract_transf_matrix[3][3]   0.00236585 
_atom_sites.fract_transf_vector[1]      -0.461449 
_atom_sites.fract_transf_vector[2]      0.071758 
_atom_sites.fract_transf_vector[3]      0.002426 
# 
loop_
_atom_type.symbol 
C  
CL 
N  
O  
S  
SE 
ZN 
# 
loop_
_atom_site.group_PDB 
_atom_site.id 
_atom_site.type_symbol 
_atom_site.label_atom_id 
_atom_site.label_alt_id 
_atom_site.label_comp_id 
_atom_site.label_asym_id 
_atom_site.label_entity_id 
_atom_site.label_seq_id 
_atom_site.pdbx_PDB_ins_code 
_atom_site.Cartn_x 
_atom_site.Cartn_y 
_atom_site.Cartn_z 
_atom_site.occupancy 
_atom_site.B_iso_or_equiv 
_atom_site.pdbx_formal_charge 
_atom_site.auth_seq_id 
_atom_site.auth_comp_id 
_atom_site.auth_asym_id 
_atom_site.auth_atom_id 
_atom_site.pdbx_PDB_model_num 
HETATM 1    N  N   . MSE A 1 3  ? 3.516   16.799  -11.123 1.00 55.93  ? 3   MSE A N   1 
HETATM 2    C  CA  . MSE A 1 3  ? 4.165   16.356  -9.882  1.00 47.29  ? 3   MSE A CA  1 
HETATM 3    C  C   . MSE A 1 3  ? 5.405   15.546  -10.243 1.00 33.37  ? 3   MSE A C   1 
HETATM 4    O  O   . MSE A 1 3  ? 5.339   14.647  -11.072 1.00 36.19  ? 3   MSE A O   1 
HETATM 5    C  CB  . MSE A 1 3  ? 3.206   15.529  -9.007  1.00 47.56  ? 3   MSE A CB  1 
HETATM 6    C  CG  . MSE A 1 3  ? 2.555   16.325  -7.873  1.00 60.82  ? 3   MSE A CG  1 
HETATM 7    SE SE  . MSE A 1 3  ? 2.069   15.329  -6.236  1.00 136.56 ? 3   MSE A SE  1 
HETATM 8    C  CE  . MSE A 1 3  ? 3.785   15.008  -5.537  1.00 56.10  ? 3   MSE A CE  1 
ATOM   9    N  N   . ALA A 1 4  ? 6.535   15.864  -9.624  1.00 28.00  ? 4   ALA A N   1 
ATOM   10   C  CA  . ALA A 1 4  ? 7.802   15.306  -10.065 1.00 26.72  ? 4   ALA A CA  1 
ATOM   11   C  C   . ALA A 1 4  ? 8.336   14.362  -9.001  1.00 26.25  ? 4   ALA A C   1 
ATOM   12   O  O   . ALA A 1 4  ? 9.113   13.444  -9.288  1.00 23.18  ? 4   ALA A O   1 
ATOM   13   C  CB  . ALA A 1 4  ? 8.810   16.415  -10.363 1.00 29.26  ? 4   ALA A CB  1 
ATOM   14   N  N   . GLU A 1 5  ? 7.923   14.615  -7.764  1.00 30.43  ? 5   GLU A N   1 
ATOM   15   C  CA  . GLU A 1 5  ? 8.326   13.821  -6.613  1.00 23.41  ? 5   GLU A CA  1 
ATOM   16   C  C   . GLU A 1 5  ? 7.107   13.583  -5.704  1.00 26.68  ? 5   GLU A C   1 
ATOM   17   O  O   . GLU A 1 5  ? 6.504   14.548  -5.216  1.00 27.83  ? 5   GLU A O   1 
ATOM   18   C  CB  . GLU A 1 5  ? 9.421   14.513  -5.818  1.00 21.98  ? 5   GLU A CB  1 
ATOM   19   C  CG  . GLU A 1 5  ? 10.675  14.883  -6.601  1.00 24.32  ? 5   GLU A CG  1 
ATOM   20   C  CD  . GLU A 1 5  ? 11.830  15.277  -5.714  1.00 25.39  ? 5   GLU A CD  1 
ATOM   21   O  OE1 . GLU A 1 5  ? 11.587  15.787  -4.607  1.00 30.51  ? 5   GLU A OE1 1 
ATOM   22   O  OE2 . GLU A 1 5  ? 12.988  15.074  -6.122  1.00 28.21  ? 5   GLU A OE2 1 
ATOM   23   N  N   . LEU A 1 6  ? 6.724   12.327  -5.460  1.00 23.31  ? 6   LEU A N   1 
ATOM   24   C  CA  . LEU A 1 6  ? 5.564   12.029  -4.587  1.00 21.74  ? 6   LEU A CA  1 
ATOM   25   C  C   . LEU A 1 6  ? 6.055   11.498  -3.237  1.00 16.89  ? 6   LEU A C   1 
ATOM   26   O  O   . LEU A 1 6  ? 6.950   10.647  -3.191  1.00 17.69  ? 6   LEU A O   1 
ATOM   27   C  CB  . LEU A 1 6  ? 4.646   11.000  -5.218  1.00 25.80  ? 6   LEU A CB  1 
ATOM   28   C  CG  . LEU A 1 6  ? 3.302   11.467  -5.677  1.00 24.98  ? 6   LEU A CG  1 
ATOM   29   C  CD1 . LEU A 1 6  ? 2.613   10.372  -6.459  1.00 23.09  ? 6   LEU A CD1 1 
ATOM   30   C  CD2 . LEU A 1 6  ? 2.517   11.815  -4.453  1.00 26.36  ? 6   LEU A CD2 1 
ATOM   31   N  N   . TYR A 1 7  ? 5.476   11.972  -2.137  1.00 17.47  ? 7   TYR A N   1 
ATOM   32   C  CA  . TYR A 1 7  ? 5.922   11.544  -0.811  1.00 17.79  ? 7   TYR A CA  1 
ATOM   33   C  C   . TYR A 1 7  ? 4.869   10.700  -0.127  1.00 14.99  ? 7   TYR A C   1 
ATOM   34   O  O   . TYR A 1 7  ? 3.706   11.053  -0.055  1.00 15.63  ? 7   TYR A O   1 
ATOM   35   C  CB  . TYR A 1 7  ? 6.283   12.738  0.072   1.00 17.25  ? 7   TYR A CB  1 
ATOM   36   C  CG  . TYR A 1 7  ? 7.533   13.458  -0.369  1.00 14.98  ? 7   TYR A CG  1 
ATOM   37   C  CD1 . TYR A 1 7  ? 8.737   13.272  0.284   1.00 15.27  ? 7   TYR A CD1 1 
ATOM   38   C  CD2 . TYR A 1 7  ? 7.507   14.304  -1.459  1.00 15.88  ? 7   TYR A CD2 1 
ATOM   39   C  CE1 . TYR A 1 7  ? 9.864   13.924  -0.130  1.00 19.43  ? 7   TYR A CE1 1 
ATOM   40   C  CE2 . TYR A 1 7  ? 8.622   14.951  -1.884  1.00 15.73  ? 7   TYR A CE2 1 
ATOM   41   C  CZ  . TYR A 1 7  ? 9.798   14.763  -1.222  1.00 20.20  ? 7   TYR A CZ  1 
ATOM   42   O  OH  . TYR A 1 7  ? 10.917  15.421  -1.659  1.00 22.44  ? 7   TYR A OH  1 
ATOM   43   N  N   . VAL A 1 8  ? 5.316   9.560   0.365   1.00 15.62  ? 8   VAL A N   1 
ATOM   44   C  CA  . VAL A 1 8  ? 4.448   8.569   0.961   1.00 19.99  ? 8   VAL A CA  1 
ATOM   45   C  C   . VAL A 1 8  ? 4.974   8.129   2.324   1.00 17.10  ? 8   VAL A C   1 
ATOM   46   O  O   . VAL A 1 8  ? 6.113   7.687   2.445   1.00 15.52  ? 8   VAL A O   1 
ATOM   47   C  CB  . VAL A 1 8  ? 4.313   7.350   0.048   1.00 17.37  ? 8   VAL A CB  1 
ATOM   48   C  CG1 . VAL A 1 8  ? 3.583   6.241   0.765   1.00 14.35  ? 8   VAL A CG1 1 
ATOM   49   C  CG2 . VAL A 1 8  ? 3.612   7.751   -1.240  1.00 14.52  ? 8   VAL A CG2 1 
ATOM   50   N  N   . SER A 1 9  ? 4.141   8.260   3.346   1.00 16.84  ? 9   SER A N   1 
ATOM   51   C  CA  . SER A 1 9  ? 4.578   8.005   4.709   1.00 24.73  ? 9   SER A CA  1 
ATOM   52   C  C   . SER A 1 9  ? 3.560   7.196   5.486   1.00 21.47  ? 9   SER A C   1 
ATOM   53   O  O   . SER A 1 9  ? 2.484   7.687   5.788   1.00 20.17  ? 9   SER A O   1 
ATOM   54   C  CB  . SER A 1 9  ? 4.843   9.316   5.438   1.00 20.21  ? 9   SER A CB  1 
ATOM   55   O  OG  . SER A 1 9  ? 5.332   9.042   6.732   1.00 21.93  ? 9   SER A OG  1 
ATOM   56   N  N   . ASP A 1 10 ? 3.902   5.955   5.812   1.00 24.60  ? 10  ASP A N   1 
ATOM   57   C  CA  . ASP A 1 10 ? 2.971   5.123   6.551   1.00 25.52  ? 10  ASP A CA  1 
ATOM   58   C  C   . ASP A 1 10 ? 2.821   5.640   7.970   1.00 24.48  ? 10  ASP A C   1 
ATOM   59   O  O   . ASP A 1 10 ? 1.706   5.725   8.490   1.00 23.35  ? 10  ASP A O   1 
ATOM   60   C  CB  . ASP A 1 10 ? 3.415   3.670   6.564   1.00 23.51  ? 10  ASP A CB  1 
ATOM   61   C  CG  . ASP A 1 10 ? 2.391   2.767   7.204   1.00 26.72  ? 10  ASP A CG  1 
ATOM   62   O  OD1 . ASP A 1 10 ? 1.394   2.423   6.530   1.00 25.05  ? 10  ASP A OD1 1 
ATOM   63   O  OD2 . ASP A 1 10 ? 2.581   2.413   8.389   1.00 30.79  ? 10  ASP A OD2 1 
ATOM   64   N  N   . ARG A 1 11 ? 3.940   6.019   8.579   1.00 30.25  ? 11  ARG A N   1 
ATOM   65   C  CA  . ARG A 1 11 ? 3.920   6.509   9.954   1.00 29.55  ? 11  ARG A CA  1 
ATOM   66   C  C   . ARG A 1 11 ? 3.241   7.867   10.093  1.00 29.81  ? 11  ARG A C   1 
ATOM   67   O  O   . ARG A 1 11 ? 2.508   8.097   11.055  1.00 32.96  ? 11  ARG A O   1 
ATOM   68   C  CB  . ARG A 1 11 ? 5.341   6.588   10.517  1.00 29.52  ? 11  ARG A CB  1 
ATOM   69   C  CG  . ARG A 1 11 ? 6.194   5.361   10.238  1.00 32.02  ? 11  ARG A CG  1 
ATOM   70   C  CD  . ARG A 1 11 ? 7.375   5.295   11.190  1.00 45.25  ? 11  ARG A CD  1 
ATOM   71   N  NE  . ARG A 1 11 ? 8.638   5.029   10.507  1.00 51.23  ? 11  ARG A NE  1 
ATOM   72   C  CZ  . ARG A 1 11 ? 9.645   5.891   10.458  1.00 43.60  ? 11  ARG A CZ  1 
ATOM   73   N  NH1 . ARG A 1 11 ? 9.525   7.073   11.043  1.00 56.16  ? 11  ARG A NH1 1 
ATOM   74   N  NH2 . ARG A 1 11 ? 10.762  5.580   9.819   1.00 36.57  ? 11  ARG A NH2 1 
ATOM   75   N  N   . GLU A 1 12 ? 3.476   8.768   9.142   1.00 21.94  ? 12  GLU A N   1 
ATOM   76   C  CA  . GLU A 1 12 ? 3.042   10.141  9.331   1.00 22.14  ? 12  GLU A CA  1 
ATOM   77   C  C   . GLU A 1 12 ? 2.105   10.661  8.256   1.00 22.56  ? 12  GLU A C   1 
ATOM   78   O  O   . GLU A 1 12 ? 1.533   11.736  8.406   1.00 28.33  ? 12  GLU A O   1 
ATOM   79   C  CB  . GLU A 1 12 ? 4.259   11.058  9.415   1.00 26.01  ? 12  GLU A CB  1 
ATOM   80   C  CG  . GLU A 1 12 ? 5.287   10.593  10.425  1.00 31.87  ? 12  GLU A CG  1 
ATOM   81   C  CD  . GLU A 1 12 ? 6.248   11.682  10.815  1.00 36.71  ? 12  GLU A CD  1 
ATOM   82   O  OE1 . GLU A 1 12 ? 5.884   12.874  10.691  1.00 29.93  ? 12  GLU A OE1 1 
ATOM   83   O  OE2 . GLU A 1 12 ? 7.371   11.343  11.250  1.00 45.00  ? 12  GLU A OE2 1 
ATOM   84   N  N   . GLY A 1 13 ? 1.937   9.914   7.177   1.00 17.69  ? 13  GLY A N   1 
ATOM   85   C  CA  . GLY A 1 13 ? 1.148   10.422  6.082   1.00 15.55  ? 13  GLY A CA  1 
ATOM   86   C  C   . GLY A 1 13 ? -0.321  10.109  6.187   1.00 17.21  ? 13  GLY A C   1 
ATOM   87   O  O   . GLY A 1 13 ? -0.739  9.359   7.056   1.00 16.39  ? 13  GLY A O   1 
ATOM   88   N  N   . SER A 1 14 ? -1.094  10.692  5.278   1.00 19.59  ? 14  SER A N   1 
ATOM   89   C  CA  . SER A 1 14 ? -2.527  10.492  5.213   1.00 19.36  ? 14  SER A CA  1 
ATOM   90   C  C   . SER A 1 14 ? -3.023  10.480  3.767   1.00 14.94  ? 14  SER A C   1 
ATOM   91   O  O   . SER A 1 14 ? -2.723  11.388  3.010   1.00 18.16  ? 14  SER A O   1 
ATOM   92   C  CB  . SER A 1 14 ? -3.248  11.590  5.996   1.00 19.93  ? 14  SER A CB  1 
ATOM   93   O  OG  . SER A 1 14 ? -4.655  11.485  5.857   1.00 20.60  ? 14  SER A OG  1 
ATOM   94   N  N   . ASP A 1 15 ? -3.780  9.453   3.391   1.00 18.21  ? 15  ASP A N   1 
ATOM   95   C  CA  . ASP A 1 15 ? -4.438  9.405   2.080   1.00 15.43  ? 15  ASP A CA  1 
ATOM   96   C  C   . ASP A 1 15 ? -5.654  10.328  2.105   1.00 19.89  ? 15  ASP A C   1 
ATOM   97   O  O   . ASP A 1 15 ? -6.117  10.820  1.074   1.00 19.63  ? 15  ASP A O   1 
ATOM   98   C  CB  . ASP A 1 15 ? -4.859  7.974   1.723   1.00 17.11  ? 15  ASP A CB  1 
ATOM   99   C  CG  . ASP A 1 15 ? -3.673  7.023   1.550   1.00 16.99  ? 15  ASP A CG  1 
ATOM   100  O  OD1 . ASP A 1 15 ? -2.544  7.504   1.358   1.00 14.97  ? 15  ASP A OD1 1 
ATOM   101  O  OD2 . ASP A 1 15 ? -3.874  5.787   1.585   1.00 16.97  ? 15  ASP A OD2 1 
ATOM   102  N  N   . ALA A 1 16 ? -6.145  10.576  3.313   1.00 23.34  ? 16  ALA A N   1 
ATOM   103  C  CA  . ALA A 1 16 ? -7.309  11.420  3.543   1.00 18.09  ? 16  ALA A CA  1 
ATOM   104  C  C   . ALA A 1 16 ? -7.029  12.919  3.408   1.00 20.33  ? 16  ALA A C   1 
ATOM   105  O  O   . ALA A 1 16 ? -7.702  13.602  2.636   1.00 20.90  ? 16  ALA A O   1 
ATOM   106  C  CB  . ALA A 1 16 ? -7.878  11.122  4.912   1.00 21.58  ? 16  ALA A CB  1 
ATOM   107  N  N   . THR A 1 17 ? -6.046  13.428  4.153   1.00 20.59  ? 17  THR A N   1 
ATOM   108  C  CA  . THR A 1 17 ? -5.754  14.865  4.169   1.00 20.26  ? 17  THR A CA  1 
ATOM   109  C  C   . THR A 1 17 ? -4.447  15.238  3.477   1.00 20.01  ? 17  THR A C   1 
ATOM   110  O  O   . THR A 1 17 ? -4.119  16.416  3.333   1.00 23.31  ? 17  THR A O   1 
ATOM   111  C  CB  . THR A 1 17 ? -5.682  15.392  5.589   1.00 21.46  ? 17  THR A CB  1 
ATOM   112  O  OG1 . THR A 1 17 ? -4.769  14.587  6.335   1.00 23.62  ? 17  THR A OG1 1 
ATOM   113  C  CG2 . THR A 1 17 ? -7.036  15.305  6.242   1.00 25.87  ? 17  THR A CG2 1 
ATOM   114  N  N   . GLY A 1 18 ? -3.698  14.222  3.071   1.00 22.47  ? 18  GLY A N   1 
ATOM   115  C  CA  . GLY A 1 18 ? -2.429  14.423  2.408   1.00 19.98  ? 18  GLY A CA  1 
ATOM   116  C  C   . GLY A 1 18 ? -2.601  14.621  0.921   1.00 18.57  ? 18  GLY A C   1 
ATOM   117  O  O   . GLY A 1 18 ? -3.655  14.331  0.354   1.00 20.95  ? 18  GLY A O   1 
ATOM   118  N  N   . ASP A 1 19 ? -1.557  15.131  0.288   1.00 18.55  ? 19  ASP A N   1 
ATOM   119  C  CA  . ASP A 1 19 ? -1.593  15.393  -1.132  1.00 14.27  ? 19  ASP A CA  1 
ATOM   120  C  C   . ASP A 1 19 ? -0.308  14.951  -1.776  1.00 17.49  ? 19  ASP A C   1 
ATOM   121  O  O   . ASP A 1 19 ? -0.032  15.322  -2.903  1.00 19.84  ? 19  ASP A O   1 
ATOM   122  C  CB  . ASP A 1 19 ? -1.820  16.869  -1.402  1.00 13.42  ? 19  ASP A CB  1 
ATOM   123  C  CG  . ASP A 1 19 ? -0.924  17.755  -0.572  1.00 16.55  ? 19  ASP A CG  1 
ATOM   124  O  OD1 . ASP A 1 19 ? 0.206   17.344  -0.255  1.00 19.62  ? 19  ASP A OD1 1 
ATOM   125  O  OD2 . ASP A 1 19 ? -1.352  18.868  -0.233  1.00 19.71  ? 19  ASP A OD2 1 
ATOM   126  N  N   . GLY A 1 20 ? 0.491   14.183  -1.040  1.00 16.89  ? 20  GLY A N   1 
ATOM   127  C  CA  . GLY A 1 20 ? 1.775   13.719  -1.523  1.00 15.52  ? 20  GLY A CA  1 
ATOM   128  C  C   . GLY A 1 20 ? 2.921   14.706  -1.434  1.00 14.55  ? 20  GLY A C   1 
ATOM   129  O  O   . GLY A 1 20 ? 4.021   14.388  -1.844  1.00 17.82  ? 20  GLY A O   1 
ATOM   130  N  N   . THR A 1 21 ? 2.671   15.904  -0.919  1.00 18.45  ? 21  THR A N   1 
ATOM   131  C  CA  . THR A 1 21 ? 3.746   16.859  -0.677  1.00 17.87  ? 21  THR A CA  1 
ATOM   132  C  C   . THR A 1 21 ? 4.652   16.309  0.428   1.00 15.41  ? 21  THR A C   1 
ATOM   133  O  O   . THR A 1 21 ? 4.272   15.393  1.141   1.00 15.59  ? 21  THR A O   1 
ATOM   134  C  CB  . THR A 1 21 ? 3.207   18.271  -0.296  1.00 17.25  ? 21  THR A CB  1 
ATOM   135  O  OG1 . THR A 1 21 ? 2.159   18.156  0.670   1.00 18.28  ? 21  THR A OG1 1 
ATOM   136  C  CG2 . THR A 1 21 ? 2.649   18.977  -1.500  1.00 14.17  ? 21  THR A CG2 1 
ATOM   137  N  N   . LYS A 1 22 ? 5.851   16.848  0.566   1.00 13.57  ? 22  LYS A N   1 
ATOM   138  C  CA  . LYS A 1 22 ? 6.708   16.397  1.651   1.00 16.55  ? 22  LYS A CA  1 
ATOM   139  C  C   . LYS A 1 22 ? 6.117   16.811  3.000   1.00 14.96  ? 22  LYS A C   1 
ATOM   140  O  O   . LYS A 1 22 ? 6.335   16.162  4.011   1.00 18.85  ? 22  LYS A O   1 
ATOM   141  C  CB  . LYS A 1 22 ? 8.127   16.937  1.495   1.00 17.07  ? 22  LYS A CB  1 
ATOM   142  C  CG  . LYS A 1 22 ? 9.098   16.417  2.533   1.00 17.16  ? 22  LYS A CG  1 
ATOM   143  C  CD  . LYS A 1 22 ? 10.473  16.993  2.304   1.00 21.36  ? 22  LYS A CD  1 
ATOM   144  C  CE  . LYS A 1 22 ? 10.380  18.476  2.042   1.00 25.36  ? 22  LYS A CE  1 
ATOM   145  N  NZ  . LYS A 1 22 ? 11.694  19.124  1.798   1.00 28.90  ? 22  LYS A NZ  1 
ATOM   146  N  N   . GLU A 1 23 ? 5.330   17.873  3.002   1.00 15.98  ? 23  GLU A N   1 
ATOM   147  C  CA  . GLU A 1 23 ? 4.681   18.341  4.217   1.00 15.77  ? 23  GLU A CA  1 
ATOM   148  C  C   . GLU A 1 23 ? 3.395   17.570  4.533   1.00 15.90  ? 23  GLU A C   1 
ATOM   149  O  O   . GLU A 1 23 ? 3.094   17.298  5.693   1.00 16.99  ? 23  GLU A O   1 
ATOM   150  C  CB  . GLU A 1 23 ? 4.386   19.828  4.094   1.00 15.45  ? 23  GLU A CB  1 
ATOM   151  C  CG  . GLU A 1 23 ? 5.580   20.712  4.350   1.00 18.10  ? 23  GLU A CG  1 
ATOM   152  C  CD  . GLU A 1 23 ? 5.980   20.746  5.813   1.00 22.04  ? 23  GLU A CD  1 
ATOM   153  O  OE1 . GLU A 1 23 ? 7.154   20.443  6.127   1.00 25.98  ? 23  GLU A OE1 1 
ATOM   154  O  OE2 . GLU A 1 23 ? 5.119   21.081  6.654   1.00 24.42  ? 23  GLU A OE2 1 
ATOM   155  N  N   . LYS A 1 24 ? 2.638   17.226  3.497   1.00 17.33  ? 24  LYS A N   1 
ATOM   156  C  CA  . LYS A 1 24 ? 1.446   16.404  3.645   1.00 14.60  ? 24  LYS A CA  1 
ATOM   157  C  C   . LYS A 1 24 ? 1.536   15.133  2.816   1.00 15.48  ? 24  LYS A C   1 
ATOM   158  O  O   . LYS A 1 24 ? 0.854   14.995  1.800   1.00 14.67  ? 24  LYS A O   1 
ATOM   159  C  CB  . LYS A 1 24 ? 0.192   17.186  3.253   1.00 17.56  ? 24  LYS A CB  1 
ATOM   160  C  CG  . LYS A 1 24 ? -0.211  18.284  4.222   1.00 19.93  ? 24  LYS A CG  1 
ATOM   161  C  CD  . LYS A 1 24 ? -1.462  18.976  3.724   1.00 22.94  ? 24  LYS A CD  1 
ATOM   162  C  CE  . LYS A 1 24 ? -1.864  20.134  4.620   1.00 33.14  ? 24  LYS A CE  1 
ATOM   163  N  NZ  . LYS A 1 24 ? -3.330  20.406  4.554   1.00 30.04  ? 24  LYS A NZ  1 
ATOM   164  N  N   . PRO A 1 25 ? 2.381   14.192  3.251   1.00 14.94  ? 25  PRO A N   1 
ATOM   165  C  CA  . PRO A 1 25 ? 2.505   12.982  2.449   1.00 16.00  ? 25  PRO A CA  1 
ATOM   166  C  C   . PRO A 1 25 ? 1.264   12.118  2.495   1.00 18.21  ? 25  PRO A C   1 
ATOM   167  O  O   . PRO A 1 25 ? 0.519   12.115  3.476   1.00 15.51  ? 25  PRO A O   1 
ATOM   168  C  CB  . PRO A 1 25 ? 3.697   12.258  3.084   1.00 13.99  ? 25  PRO A CB  1 
ATOM   169  C  CG  . PRO A 1 25 ? 3.800   12.797  4.437   1.00 16.64  ? 25  PRO A CG  1 
ATOM   170  C  CD  . PRO A 1 25 ? 3.343   14.207  4.369   1.00 14.43  ? 25  PRO A CD  1 
ATOM   171  N  N   . PHE A 1 26 ? 1.060   11.392  1.404   1.00 17.38  ? 26  PHE A N   1 
ATOM   172  C  CA  . PHE A 1 26 ? 0.133   10.282  1.364   1.00 16.10  ? 26  PHE A CA  1 
ATOM   173  C  C   . PHE A 1 26 ? 0.563   9.215   2.355   1.00 14.45  ? 26  PHE A C   1 
ATOM   174  O  O   . PHE A 1 26 ? 1.693   9.199   2.810   1.00 15.08  ? 26  PHE A O   1 
ATOM   175  C  CB  . PHE A 1 26 ? 0.078   9.713   -0.043  1.00 14.44  ? 26  PHE A CB  1 
ATOM   176  C  CG  . PHE A 1 26 ? -0.618  10.598  -1.016  1.00 16.35  ? 26  PHE A CG  1 
ATOM   177  C  CD1 . PHE A 1 26 ? -1.854  11.139  -0.712  1.00 15.04  ? 26  PHE A CD1 1 
ATOM   178  C  CD2 . PHE A 1 26 ? -0.044  10.892  -2.236  1.00 14.69  ? 26  PHE A CD2 1 
ATOM   179  C  CE1 . PHE A 1 26 ? -2.507  11.948  -1.604  1.00 14.17  ? 26  PHE A CE1 1 
ATOM   180  C  CE2 . PHE A 1 26 ? -0.696  11.698  -3.132  1.00 14.72  ? 26  PHE A CE2 1 
ATOM   181  C  CZ  . PHE A 1 26 ? -1.933  12.230  -2.811  1.00 16.99  ? 26  PHE A CZ  1 
ATOM   182  N  N   . LYS A 1 27 ? -0.341  8.315   2.693   1.00 15.45  ? 27  LYS A N   1 
ATOM   183  C  CA  . LYS A 1 27 ? -0.010  7.248   3.617   1.00 15.26  ? 27  LYS A CA  1 
ATOM   184  C  C   . LYS A 1 27 ? 0.523   6.011   2.870   1.00 15.74  ? 27  LYS A C   1 
ATOM   185  O  O   . LYS A 1 27 ? 1.438   5.332   3.345   1.00 17.58  ? 27  LYS A O   1 
ATOM   186  C  CB  . LYS A 1 27 ? -1.235  6.886   4.465   1.00 15.38  ? 27  LYS A CB  1 
ATOM   187  C  CG  . LYS A 1 27 ? -0.923  6.000   5.657   1.00 21.65  ? 27  LYS A CG  1 
ATOM   188  C  CD  . LYS A 1 27 ? -2.186  5.511   6.354   1.00 23.06  ? 27  LYS A CD  1 
ATOM   189  C  CE  . LYS A 1 27 ? -1.857  4.786   7.651   1.00 23.07  ? 27  LYS A CE  1 
ATOM   190  N  NZ  . LYS A 1 27 ? -0.924  3.652   7.448   1.00 22.57  ? 27  LYS A NZ  1 
ATOM   191  N  N   . THR A 1 28 ? -0.047  5.723   1.701   1.00 14.53  ? 28  THR A N   1 
ATOM   192  C  CA  . THR A 1 28 ? 0.307   4.515   0.967   1.00 14.02  ? 28  THR A CA  1 
ATOM   193  C  C   . THR A 1 28 ? 0.572   4.784   -0.496  1.00 15.72  ? 28  THR A C   1 
ATOM   194  O  O   . THR A 1 28 ? 0.122   5.786   -1.043  1.00 15.96  ? 28  THR A O   1 
ATOM   195  C  CB  . THR A 1 28 ? -0.794  3.457   1.057   1.00 17.59  ? 28  THR A CB  1 
ATOM   196  O  OG1 . THR A 1 28 ? -2.008  3.982   0.494   1.00 19.42  ? 28  THR A OG1 1 
ATOM   197  C  CG2 . THR A 1 28 ? -1.012  3.033   2.513   1.00 15.64  ? 28  THR A CG2 1 
ATOM   198  N  N   . GLY A 1 29 ? 1.301   3.869   -1.126  1.00 18.01  ? 29  GLY A N   1 
ATOM   199  C  CA  . GLY A 1 29 ? 1.549   3.938   -2.554  1.00 14.76  ? 29  GLY A CA  1 
ATOM   200  C  C   . GLY A 1 29 ? 0.269   3.684   -3.321  1.00 14.05  ? 29  GLY A C   1 
ATOM   201  O  O   . GLY A 1 29 ? 0.098   4.153   -4.418  1.00 15.34  ? 29  GLY A O   1 
ATOM   202  N  N   . LEU A 1 30 ? -0.624  2.921   -2.708  1.00 18.74  ? 30  LEU A N   1 
ATOM   203  C  CA  . LEU A 1 30 ? -1.968  2.669   -3.193  1.00 17.15  ? 30  LEU A CA  1 
ATOM   204  C  C   . LEU A 1 30 ? -2.662  3.969   -3.568  1.00 18.80  ? 30  LEU A C   1 
ATOM   205  O  O   . LEU A 1 30 ? -3.098  4.162   -4.701  1.00 21.30  ? 30  LEU A O   1 
ATOM   206  C  CB  . LEU A 1 30 ? -2.773  1.931   -2.109  1.00 22.81  ? 30  LEU A CB  1 
ATOM   207  C  CG  . LEU A 1 30 ? -3.902  0.994   -2.538  1.00 30.58  ? 30  LEU A CG  1 
ATOM   208  C  CD1 . LEU A 1 30 ? -3.303  -0.154  -3.268  1.00 28.10  ? 30  LEU A CD1 1 
ATOM   209  C  CD2 . LEU A 1 30 ? -4.685  0.491   -1.341  1.00 29.68  ? 30  LEU A CD2 1 
ATOM   210  N  N   . LYS A 1 31 ? -2.782  4.862   -2.603  1.00 15.31  ? 31  LYS A N   1 
ATOM   211  C  CA  . LYS A 1 31 ? -3.384  6.150   -2.869  1.00 18.37  ? 31  LYS A CA  1 
ATOM   212  C  C   . LYS A 1 31 ? -2.537  6.981   -3.813  1.00 19.85  ? 31  LYS A C   1 
ATOM   213  O  O   . LYS A 1 31 ? -3.075  7.658   -4.692  1.00 23.89  ? 31  LYS A O   1 
ATOM   214  C  CB  . LYS A 1 31 ? -3.607  6.920   -1.580  1.00 16.10  ? 31  LYS A CB  1 
ATOM   215  C  CG  . LYS A 1 31 ? -3.920  8.379   -1.771  1.00 14.26  ? 31  LYS A CG  1 
ATOM   216  C  CD  . LYS A 1 31 ? -5.311  8.577   -2.287  1.00 15.63  ? 31  LYS A CD  1 
ATOM   217  C  CE  . LYS A 1 31 ? -5.647  10.050  -2.314  1.00 18.93  ? 31  LYS A CE  1 
ATOM   218  N  NZ  . LYS A 1 31 ? -7.101  10.270  -2.157  1.00 20.94  ? 31  LYS A NZ  1 
ATOM   219  N  N   . ALA A 1 32 ? -1.221  6.944   -3.641  1.00 15.69  ? 32  ALA A N   1 
ATOM   220  C  CA  . ALA A 1 32 ? -0.354  7.769   -4.477  1.00 16.69  ? 32  ALA A CA  1 
ATOM   221  C  C   . ALA A 1 32 ? -0.544  7.484   -5.966  1.00 18.05  ? 32  ALA A C   1 
ATOM   222  O  O   . ALA A 1 32 ? -0.608  8.416   -6.759  1.00 17.23  ? 32  ALA A O   1 
ATOM   223  C  CB  . ALA A 1 32 ? 1.076   7.580   -4.099  1.00 14.70  ? 32  ALA A CB  1 
ATOM   224  N  N   . LEU A 1 33 ? -0.660  6.208   -6.340  1.00 20.60  ? 33  LEU A N   1 
ATOM   225  C  CA  . LEU A 1 33 ? -0.736  5.837   -7.757  1.00 18.31  ? 33  LEU A CA  1 
ATOM   226  C  C   . LEU A 1 33 ? -2.053  6.328   -8.329  1.00 22.29  ? 33  LEU A C   1 
ATOM   227  O  O   . LEU A 1 33 ? -2.137  6.699   -9.502  1.00 22.11  ? 33  LEU A O   1 
ATOM   228  C  CB  . LEU A 1 33 ? -0.562  4.321   -7.966  1.00 18.13  ? 33  LEU A CB  1 
ATOM   229  C  CG  . LEU A 1 33 ? -1.590  3.251   -7.574  1.00 21.22  ? 33  LEU A CG  1 
ATOM   230  C  CD1 . LEU A 1 33 ? -2.632  2.987   -8.671  1.00 17.67  ? 33  LEU A CD1 1 
ATOM   231  C  CD2 . LEU A 1 33 ? -0.901  1.959   -7.188  1.00 19.01  ? 33  LEU A CD2 1 
HETATM 232  N  N   A MSE A 1 34 ? -3.084  6.353   -7.488  0.34 21.38  ? 34  MSE A N   1 
HETATM 233  N  N   B MSE A 1 34 ? -3.069  6.353   -7.466  0.66 21.52  ? 34  MSE A N   1 
HETATM 234  C  CA  A MSE A 1 34 ? -4.408  6.775   -7.923  0.34 23.01  ? 34  MSE A CA  1 
HETATM 235  C  CA  B MSE A 1 34 ? -4.410  6.790   -7.824  0.66 22.95  ? 34  MSE A CA  1 
HETATM 236  C  C   A MSE A 1 34 ? -4.478  8.279   -8.202  0.34 22.90  ? 34  MSE A C   1 
HETATM 237  C  C   B MSE A 1 34 ? -4.470  8.271   -8.195  0.66 22.69  ? 34  MSE A C   1 
HETATM 238  O  O   A MSE A 1 34 ? -5.458  8.766   -8.767  0.34 22.48  ? 34  MSE A O   1 
HETATM 239  O  O   B MSE A 1 34 ? -5.432  8.735   -8.810  0.66 22.47  ? 34  MSE A O   1 
HETATM 240  C  CB  A MSE A 1 34 ? -5.457  6.378   -6.883  0.34 22.43  ? 34  MSE A CB  1 
HETATM 241  C  CB  B MSE A 1 34 ? -5.371  6.507   -6.670  0.66 22.07  ? 34  MSE A CB  1 
HETATM 242  C  CG  A MSE A 1 34 ? -6.111  5.029   -7.154  0.34 25.70  ? 34  MSE A CG  1 
HETATM 243  C  CG  B MSE A 1 34 ? -5.713  5.051   -6.488  0.66 24.47  ? 34  MSE A CG  1 
HETATM 244  SE SE  A MSE A 1 34 ? -7.246  5.019   -8.757  0.34 38.32  ? 34  MSE A SE  1 
HETATM 245  SE SE  B MSE A 1 34 ? -6.349  4.679   -4.686  0.66 59.52  ? 34  MSE A SE  1 
HETATM 246  C  CE  A MSE A 1 34 ? -8.512  6.398   -8.245  0.34 26.97  ? 34  MSE A CE  1 
HETATM 247  C  CE  B MSE A 1 34 ? -7.487  6.244   -4.398  0.66 35.66  ? 34  MSE A CE  1 
ATOM   248  N  N   . THR A 1 35 ? -3.434  9.009   -7.825  1.00 21.24  ? 35  THR A N   1 
ATOM   249  C  CA  . THR A 1 35 ? -3.411  10.439  -8.061  1.00 20.35  ? 35  THR A CA  1 
ATOM   250  C  C   . THR A 1 35 ? -2.472  10.779  -9.195  1.00 18.06  ? 35  THR A C   1 
ATOM   251  O  O   . THR A 1 35 ? -2.302  11.945  -9.509  1.00 24.87  ? 35  THR A O   1 
ATOM   252  C  CB  . THR A 1 35 ? -3.005  11.229  -6.785  1.00 21.19  ? 35  THR A CB  1 
ATOM   253  O  OG1 . THR A 1 35 ? -1.648  10.933  -6.431  1.00 19.91  ? 35  THR A OG1 1 
ATOM   254  C  CG2 . THR A 1 35 ? -3.924  10.861  -5.614  1.00 17.41  ? 35  THR A CG2 1 
ATOM   255  N  N   . VAL A 1 36 ? -1.863  9.768   -9.813  1.00 18.08  ? 36  VAL A N   1 
ATOM   256  C  CA  . VAL A 1 36 ? -1.055  9.999   -11.013 1.00 19.57  ? 36  VAL A CA  1 
ATOM   257  C  C   . VAL A 1 36 ? -1.855  9.674   -12.282 1.00 25.38  ? 36  VAL A C   1 
ATOM   258  O  O   . VAL A 1 36 ? -2.224  8.522   -12.508 1.00 26.29  ? 36  VAL A O   1 
ATOM   259  C  CB  . VAL A 1 36 ? 0.246   9.165   -11.017 1.00 21.54  ? 36  VAL A CB  1 
ATOM   260  C  CG1 . VAL A 1 36 ? 0.972   9.338   -12.338 1.00 16.61  ? 36  VAL A CG1 1 
ATOM   261  C  CG2 . VAL A 1 36 ? 1.158   9.563   -9.865  1.00 19.55  ? 36  VAL A CG2 1 
ATOM   262  N  N   . GLY A 1 37 ? -2.110  10.688  -13.110 1.00 23.50  ? 37  GLY A N   1 
ATOM   263  C  CA  . GLY A 1 37 ? -2.940  10.522  -14.294 1.00 22.72  ? 37  GLY A CA  1 
ATOM   264  C  C   . GLY A 1 37 ? -2.191  10.440  -15.611 1.00 23.40  ? 37  GLY A C   1 
ATOM   265  O  O   . GLY A 1 37 ? -2.789  10.193  -16.656 1.00 21.29  ? 37  GLY A O   1 
ATOM   266  N  N   . LYS A 1 38 ? -0.877  10.627  -15.550 1.00 21.50  ? 38  LYS A N   1 
ATOM   267  C  CA  . LYS A 1 38 ? -0.033  10.683  -16.736 1.00 23.90  ? 38  LYS A CA  1 
ATOM   268  C  C   . LYS A 1 38 ? 1.388   10.202  -16.426 1.00 21.31  ? 38  LYS A C   1 
ATOM   269  O  O   . LYS A 1 38 ? 1.832   10.254  -15.287 1.00 20.59  ? 38  LYS A O   1 
ATOM   270  C  CB  . LYS A 1 38 ? -0.006  12.116  -17.291 1.00 31.50  ? 38  LYS A CB  1 
ATOM   271  C  CG  . LYS A 1 38 ? 0.503   12.249  -18.718 1.00 29.32  ? 38  LYS A CG  1 
ATOM   272  C  CD  . LYS A 1 38 ? 0.586   13.700  -19.125 1.00 29.14  ? 38  LYS A CD  1 
ATOM   273  C  CE  . LYS A 1 38 ? 1.998   14.213  -18.909 1.00 33.33  ? 38  LYS A CE  1 
ATOM   274  N  NZ  . LYS A 1 38 ? 2.961   13.458  -19.752 1.00 30.14  ? 38  LYS A NZ  1 
ATOM   275  N  N   . GLU A 1 39 ? 2.080   9.715   -17.451 1.00 21.09  ? 39  GLU A N   1 
ATOM   276  C  CA  . GLU A 1 39 ? 3.485   9.329   -17.352 1.00 18.78  ? 39  GLU A CA  1 
ATOM   277  C  C   . GLU A 1 39 ? 4.376   10.429  -17.947 1.00 18.20  ? 39  GLU A C   1 
ATOM   278  O  O   . GLU A 1 39 ? 3.894   11.250  -18.716 1.00 22.06  ? 39  GLU A O   1 
ATOM   279  C  CB  . GLU A 1 39 ? 3.721   7.996   -18.062 1.00 19.69  ? 39  GLU A CB  1 
ATOM   280  C  CG  . GLU A 1 39 ? 3.046   6.837   -17.374 1.00 20.39  ? 39  GLU A CG  1 
ATOM   281  C  CD  . GLU A 1 39 ? 3.678   5.508   -17.707 1.00 19.28  ? 39  GLU A CD  1 
ATOM   282  O  OE1 . GLU A 1 39 ? 4.485   5.007   -16.893 1.00 25.12  ? 39  GLU A OE1 1 
ATOM   283  O  OE2 . GLU A 1 39 ? 3.361   4.962   -18.782 1.00 22.50  ? 39  GLU A OE2 1 
ATOM   284  N  N   . PRO A 1 40 ? 5.669   10.466  -17.572 1.00 19.62  ? 40  PRO A N   1 
ATOM   285  C  CA  . PRO A 1 40 ? 6.335   9.563   -16.636 1.00 17.44  ? 40  PRO A CA  1 
ATOM   286  C  C   . PRO A 1 40 ? 5.963   9.829   -15.183 1.00 18.62  ? 40  PRO A C   1 
ATOM   287  O  O   . PRO A 1 40 ? 5.583   10.941  -14.811 1.00 18.47  ? 40  PRO A O   1 
ATOM   288  C  CB  . PRO A 1 40 ? 7.816   9.838   -16.889 1.00 15.92  ? 40  PRO A CB  1 
ATOM   289  C  CG  . PRO A 1 40 ? 7.859   11.229  -17.295 1.00 17.77  ? 40  PRO A CG  1 
ATOM   290  C  CD  . PRO A 1 40 ? 6.617   11.459  -18.107 1.00 21.21  ? 40  PRO A CD  1 
ATOM   291  N  N   . PHE A 1 41 ? 6.063   8.777   -14.381 1.00 19.13  ? 41  PHE A N   1 
ATOM   292  C  CA  . PHE A 1 41 ? 5.827   8.861   -12.959 1.00 19.00  ? 41  PHE A CA  1 
ATOM   293  C  C   . PHE A 1 41 ? 6.662   9.909   -12.265 1.00 22.02  ? 41  PHE A C   1 
ATOM   294  O  O   . PHE A 1 41 ? 7.768   10.222  -12.694 1.00 23.15  ? 41  PHE A O   1 
ATOM   295  C  CB  . PHE A 1 41 ? 6.093   7.516   -12.314 1.00 21.03  ? 41  PHE A CB  1 
ATOM   296  C  CG  . PHE A 1 41 ? 4.858   6.809   -11.928 1.00 22.88  ? 41  PHE A CG  1 
ATOM   297  C  CD1 . PHE A 1 41 ? 3.871   6.581   -12.859 1.00 19.46  ? 41  PHE A CD1 1 
ATOM   298  C  CD2 . PHE A 1 41 ? 4.657   6.413   -10.623 1.00 23.24  ? 41  PHE A CD2 1 
ATOM   299  C  CE1 . PHE A 1 41 ? 2.723   5.942   -12.504 1.00 17.61  ? 41  PHE A CE1 1 
ATOM   300  C  CE2 . PHE A 1 41 ? 3.510   5.778   -10.257 1.00 21.34  ? 41  PHE A CE2 1 
ATOM   301  C  CZ  . PHE A 1 41 ? 2.540   5.532   -11.199 1.00 23.39  ? 41  PHE A CZ  1 
ATOM   302  N  N   . PRO A 1 42 ? 6.119   10.473  -11.184 1.00 22.67  ? 42  PRO A N   1 
ATOM   303  C  CA  . PRO A 1 42 ? 6.964   11.267  -10.301 1.00 22.03  ? 42  PRO A CA  1 
ATOM   304  C  C   . PRO A 1 42 ? 7.957   10.361  -9.595  1.00 18.80  ? 42  PRO A C   1 
ATOM   305  O  O   . PRO A 1 42 ? 7.718   9.156   -9.492  1.00 21.23  ? 42  PRO A O   1 
ATOM   306  C  CB  . PRO A 1 42 ? 5.960   11.880  -9.315  1.00 23.39  ? 42  PRO A CB  1 
ATOM   307  C  CG  . PRO A 1 42 ? 4.827   10.941  -9.312  1.00 21.91  ? 42  PRO A CG  1 
ATOM   308  C  CD  . PRO A 1 42 ? 4.721   10.438  -10.722 1.00 22.01  ? 42  PRO A CD  1 
ATOM   309  N  N   . THR A 1 43 ? 9.063   10.917  -9.127  1.00 19.87  ? 43  THR A N   1 
ATOM   310  C  CA  . THR A 1 43 ? 9.929   10.160  -8.244  1.00 18.39  ? 43  THR A CA  1 
ATOM   311  C  C   . THR A 1 43 ? 9.163   9.878   -6.957  1.00 15.67  ? 43  THR A C   1 
ATOM   312  O  O   . THR A 1 43 ? 8.483   10.745  -6.438  1.00 18.52  ? 43  THR A O   1 
ATOM   313  C  CB  . THR A 1 43 ? 11.218  10.915  -7.938  1.00 17.77  ? 43  THR A CB  1 
ATOM   314  O  OG1 . THR A 1 43 ? 11.808  11.366  -9.164  1.00 25.32  ? 43  THR A OG1 1 
ATOM   315  C  CG2 . THR A 1 43 ? 12.185  10.018  -7.211  1.00 18.49  ? 43  THR A CG2 1 
ATOM   316  N  N   . ILE A 1 44 ? 9.248   8.658   -6.454  1.00 17.75  ? 44  ILE A N   1 
ATOM   317  C  CA  . ILE A 1 44 ? 8.548   8.317   -5.230  1.00 17.47  ? 44  ILE A CA  1 
ATOM   318  C  C   . ILE A 1 44 ? 9.510   8.098   -4.063  1.00 15.61  ? 44  ILE A C   1 
ATOM   319  O  O   . ILE A 1 44 ? 10.385  7.249   -4.108  1.00 17.49  ? 44  ILE A O   1 
ATOM   320  C  CB  . ILE A 1 44 ? 7.690   7.058   -5.394  1.00 16.33  ? 44  ILE A CB  1 
ATOM   321  C  CG1 . ILE A 1 44 ? 6.721   7.209   -6.558  1.00 22.44  ? 44  ILE A CG1 1 
ATOM   322  C  CG2 . ILE A 1 44 ? 6.921   6.770   -4.119  1.00 14.88  ? 44  ILE A CG2 1 
ATOM   323  C  CD1 . ILE A 1 44 ? 5.994   5.929   -6.872  1.00 16.59  ? 44  ILE A CD1 1 
ATOM   324  N  N   . TYR A 1 45 ? 9.313   8.878   -3.012  1.00 19.80  ? 45  TYR A N   1 
ATOM   325  C  CA  . TYR A 1 45 ? 10.077  8.763   -1.780  1.00 19.51  ? 45  TYR A CA  1 
ATOM   326  C  C   . TYR A 1 45 ? 9.228   8.173   -0.653  1.00 19.17  ? 45  TYR A C   1 
ATOM   327  O  O   . TYR A 1 45 ? 8.094   8.604   -0.439  1.00 17.86  ? 45  TYR A O   1 
ATOM   328  C  CB  . TYR A 1 45 ? 10.610  10.132  -1.369  1.00 20.23  ? 45  TYR A CB  1 
ATOM   329  C  CG  . TYR A 1 45 ? 11.462  10.796  -2.428  1.00 20.30  ? 45  TYR A CG  1 
ATOM   330  C  CD1 . TYR A 1 45 ? 12.752  10.343  -2.690  1.00 25.40  ? 45  TYR A CD1 1 
ATOM   331  C  CD2 . TYR A 1 45 ? 10.987  11.882  -3.156  1.00 18.69  ? 45  TYR A CD2 1 
ATOM   332  C  CE1 . TYR A 1 45 ? 13.540  10.940  -3.653  1.00 22.53  ? 45  TYR A CE1 1 
ATOM   333  C  CE2 . TYR A 1 45 ? 11.775  12.485  -4.127  1.00 24.44  ? 45  TYR A CE2 1 
ATOM   334  C  CZ  . TYR A 1 45 ? 13.054  12.006  -4.365  1.00 24.88  ? 45  TYR A CZ  1 
ATOM   335  O  OH  . TYR A 1 45 ? 13.851  12.588  -5.322  1.00 25.47  ? 45  TYR A OH  1 
ATOM   336  N  N   . VAL A 1 46 ? 9.775   7.190   0.057   1.00 20.61  ? 46  VAL A N   1 
ATOM   337  C  CA  . VAL A 1 46 ? 9.100   6.579   1.201   1.00 17.39  ? 46  VAL A CA  1 
ATOM   338  C  C   . VAL A 1 46 ? 9.928   6.729   2.483   1.00 21.45  ? 46  VAL A C   1 
ATOM   339  O  O   . VAL A 1 46 ? 11.136  6.983   2.433   1.00 19.89  ? 46  VAL A O   1 
ATOM   340  C  CB  . VAL A 1 46 ? 8.813   5.082   0.957   1.00 15.83  ? 46  VAL A CB  1 
ATOM   341  C  CG1 . VAL A 1 46 ? 7.919   4.905   -0.258  1.00 19.91  ? 46  VAL A CG1 1 
ATOM   342  C  CG2 . VAL A 1 46 ? 10.095  4.305   0.773   1.00 16.58  ? 46  VAL A CG2 1 
ATOM   343  N  N   . ASP A 1 47 ? 9.285   6.568   3.633   1.00 22.13  ? 47  ASP A N   1 
ATOM   344  C  CA  . ASP A 1 47 ? 10.012  6.612   4.898   1.00 23.39  ? 47  ASP A CA  1 
ATOM   345  C  C   . ASP A 1 47 ? 11.000  5.462   5.028   1.00 26.38  ? 47  ASP A C   1 
ATOM   346  O  O   . ASP A 1 47 ? 10.712  4.346   4.601   1.00 37.02  ? 47  ASP A O   1 
ATOM   347  C  CB  . ASP A 1 47 ? 9.041   6.583   6.062   1.00 27.76  ? 47  ASP A CB  1 
ATOM   348  C  CG  . ASP A 1 47 ? 8.690   7.962   6.551   1.00 29.08  ? 47  ASP A CG  1 
ATOM   349  O  OD1 . ASP A 1 47 ? 9.588   8.685   7.034   1.00 24.43  ? 47  ASP A OD1 1 
ATOM   350  O  OD2 . ASP A 1 47 ? 7.512   8.330   6.424   1.00 30.04  ? 47  ASP A OD2 1 
ATOM   351  N  N   . SER A 1 48 ? 12.171  5.739   5.596   1.00 29.36  ? 48  SER A N   1 
ATOM   352  C  CA  . SER A 1 48 ? 13.126  4.683   5.926   1.00 22.87  ? 48  SER A CA  1 
ATOM   353  C  C   . SER A 1 48 ? 13.090  4.392   7.418   1.00 26.00  ? 48  SER A C   1 
ATOM   354  O  O   . SER A 1 48 ? 12.154  4.791   8.111   1.00 26.12  ? 48  SER A O   1 
ATOM   355  C  CB  . SER A 1 48 ? 14.542  5.057   5.486   1.00 27.37  ? 48  SER A CB  1 
ATOM   356  O  OG  . SER A 1 48 ? 15.093  6.104   6.264   1.00 28.51  ? 48  SER A OG  1 
ATOM   357  N  N   . ARG A 1 54 ? 15.640  9.683   6.933   1.00 38.92  ? 54  ARG A N   1 
ATOM   358  C  CA  . ARG A 1 54 ? 14.186  9.840   6.916   1.00 33.19  ? 54  ARG A CA  1 
ATOM   359  C  C   . ARG A 1 54 ? 13.589  9.346   5.597   1.00 27.48  ? 54  ARG A C   1 
ATOM   360  O  O   . ARG A 1 54 ? 12.796  8.416   5.582   1.00 25.84  ? 54  ARG A O   1 
ATOM   361  C  CB  . ARG A 1 54 ? 13.802  11.309  7.157   1.00 34.16  ? 54  ARG A CB  1 
ATOM   362  C  CG  . ARG A 1 54 ? 12.309  11.634  6.962   1.00 32.38  ? 54  ARG A CG  1 
ATOM   363  C  CD  . ARG A 1 54 ? 11.421  11.005  8.024   1.00 29.02  ? 54  ARG A CD  1 
ATOM   364  N  NE  . ARG A 1 54 ? 10.007  11.149  7.700   1.00 26.91  ? 54  ARG A NE  1 
ATOM   365  C  CZ  . ARG A 1 54 ? 9.255   12.175  8.081   1.00 26.03  ? 54  ARG A CZ  1 
ATOM   366  N  NH1 . ARG A 1 54 ? 7.972   12.234  7.737   1.00 24.78  ? 54  ARG A NH1 1 
ATOM   367  N  NH2 . ARG A 1 54 ? 9.787   13.141  8.813   1.00 31.65  ? 54  ARG A NH2 1 
ATOM   368  N  N   . TRP A 1 55 ? 13.978  9.970   4.492   1.00 27.73  ? 55  TRP A N   1 
ATOM   369  C  CA  . TRP A 1 55 ? 13.422  9.623   3.196   1.00 23.93  ? 55  TRP A CA  1 
ATOM   370  C  C   . TRP A 1 55 ? 14.428  8.886   2.321   1.00 28.08  ? 55  TRP A C   1 
ATOM   371  O  O   . TRP A 1 55 ? 15.514  9.386   2.061   1.00 29.38  ? 55  TRP A O   1 
ATOM   372  C  CB  . TRP A 1 55 ? 12.924  10.871  2.465   1.00 17.19  ? 55  TRP A CB  1 
ATOM   373  C  CG  . TRP A 1 55 ? 11.880  11.676  3.193   1.00 20.54  ? 55  TRP A CG  1 
ATOM   374  C  CD1 . TRP A 1 55 ? 12.079  12.837  3.874   1.00 20.59  ? 55  TRP A CD1 1 
ATOM   375  C  CD2 . TRP A 1 55 ? 10.479  11.393  3.290   1.00 25.31  ? 55  TRP A CD2 1 
ATOM   376  N  NE1 . TRP A 1 55 ? 10.897  13.295  4.400   1.00 22.97  ? 55  TRP A NE1 1 
ATOM   377  C  CE2 . TRP A 1 55 ? 9.893   12.425  4.057   1.00 24.82  ? 55  TRP A CE2 1 
ATOM   378  C  CE3 . TRP A 1 55 ? 9.655   10.366  2.807   1.00 22.26  ? 55  TRP A CE3 1 
ATOM   379  C  CZ2 . TRP A 1 55 ? 8.530   12.463  4.356   1.00 25.31  ? 55  TRP A CZ2 1 
ATOM   380  C  CZ3 . TRP A 1 55 ? 8.296   10.405  3.106   1.00 18.43  ? 55  TRP A CZ3 1 
ATOM   381  C  CH2 . TRP A 1 55 ? 7.751   11.446  3.869   1.00 22.47  ? 55  TRP A CH2 1 
ATOM   382  N  N   . ASN A 1 56 ? 14.048  7.691   1.879   1.00 27.40  ? 56  ASN A N   1 
ATOM   383  C  CA  . ASN A 1 56 ? 14.775  6.952   0.864   1.00 22.56  ? 56  ASN A CA  1 
ATOM   384  C  C   . ASN A 1 56 ? 13.887  6.829   -0.362  1.00 23.27  ? 56  ASN A C   1 
ATOM   385  O  O   . ASN A 1 56 ? 12.688  6.642   -0.228  1.00 24.20  ? 56  ASN A O   1 
ATOM   386  C  CB  . ASN A 1 56 ? 15.167  5.565   1.364   1.00 24.05  ? 56  ASN A CB  1 
ATOM   387  C  CG  . ASN A 1 56 ? 16.205  5.601   2.474   1.00 26.24  ? 56  ASN A CG  1 
ATOM   388  O  OD1 . ASN A 1 56 ? 16.790  6.636   2.769   1.00 22.99  ? 56  ASN A OD1 1 
ATOM   389  N  ND2 . ASN A 1 56 ? 16.444  4.448   3.086   1.00 37.46  ? 56  ASN A ND2 1 
ATOM   390  N  N   . VAL A 1 57 ? 14.457  6.942   -1.554  1.00 20.05  ? 57  VAL A N   1 
ATOM   391  C  CA  . VAL A 1 57 ? 13.680  6.716   -2.770  1.00 20.96  ? 57  VAL A CA  1 
ATOM   392  C  C   . VAL A 1 57 ? 13.057  5.323   -2.733  1.00 23.67  ? 57  VAL A C   1 
ATOM   393  O  O   . VAL A 1 57 ? 13.591  4.422   -2.091  1.00 27.91  ? 57  VAL A O   1 
ATOM   394  C  CB  . VAL A 1 57 ? 14.546  6.873   -4.024  1.00 21.21  ? 57  VAL A CB  1 
ATOM   395  C  CG1 . VAL A 1 57 ? 13.680  7.027   -5.250  1.00 23.10  ? 57  VAL A CG1 1 
ATOM   396  C  CG2 . VAL A 1 57 ? 15.427  8.083   -3.881  1.00 28.02  ? 57  VAL A CG2 1 
ATOM   397  N  N   . ILE A 1 58 ? 11.918  5.152   -3.394  1.00 20.83  ? 58  ILE A N   1 
ATOM   398  C  CA  . ILE A 1 58 ? 11.185  3.893   -3.333  1.00 20.05  ? 58  ILE A CA  1 
ATOM   399  C  C   . ILE A 1 58 ? 11.977  2.713   -3.908  1.00 26.64  ? 58  ILE A C   1 
ATOM   400  O  O   . ILE A 1 58 ? 12.588  2.816   -4.977  1.00 27.86  ? 58  ILE A O   1 
ATOM   401  C  CB  . ILE A 1 58 ? 9.825   4.006   -4.074  1.00 21.00  ? 58  ILE A CB  1 
ATOM   402  C  CG1 . ILE A 1 58 ? 9.060   2.694   -4.005  1.00 23.06  ? 58  ILE A CG1 1 
ATOM   403  C  CG2 . ILE A 1 58 ? 10.008  4.396   -5.522  1.00 20.04  ? 58  ILE A CG2 1 
ATOM   404  C  CD1 . ILE A 1 58 ? 7.832   2.710   -4.826  1.00 23.23  ? 58  ILE A CD1 1 
ATOM   405  N  N   . SER A 1 59 ? 11.968  1.594   -3.187  1.00 28.40  ? 59  SER A N   1 
ATOM   406  C  CA  . SER A 1 59 ? 12.614  0.381   -3.667  1.00 27.12  ? 59  SER A CA  1 
ATOM   407  C  C   . SER A 1 59 ? 11.986  -0.005  -4.984  1.00 30.18  ? 59  SER A C   1 
ATOM   408  O  O   . SER A 1 59 ? 10.763  -0.027  -5.112  1.00 32.85  ? 59  SER A O   1 
ATOM   409  C  CB  . SER A 1 59 ? 12.479  -0.764  -2.667  1.00 27.50  ? 59  SER A CB  1 
ATOM   410  O  OG  . SER A 1 59 ? 11.193  -1.341  -2.735  1.00 28.92  ? 59  SER A OG  1 
ATOM   411  N  N   . LYS A 1 60 ? 12.822  -0.305  -5.967  1.00 33.29  ? 60  LYS A N   1 
ATOM   412  C  CA  . LYS A 1 60 ? 12.331  -0.728  -7.267  1.00 32.52  ? 60  LYS A CA  1 
ATOM   413  C  C   . LYS A 1 60 ? 11.378  -1.900  -7.116  1.00 31.25  ? 60  LYS A C   1 
ATOM   414  O  O   . LYS A 1 60 ? 10.506  -2.102  -7.946  1.00 38.88  ? 60  LYS A O   1 
ATOM   415  C  CB  . LYS A 1 60 ? 13.495  -1.101  -8.182  1.00 35.05  ? 60  LYS A CB  1 
ATOM   416  C  CG  . LYS A 1 60 ? 13.397  -0.506  -9.581  1.00 37.54  ? 60  LYS A CG  1 
ATOM   417  C  CD  . LYS A 1 60 ? 13.166  0.998   -9.524  1.00 30.89  ? 60  LYS A CD  1 
ATOM   418  C  CE  . LYS A 1 60 ? 13.421  1.658   -10.865 1.00 26.72  ? 60  LYS A CE  1 
ATOM   419  N  NZ  . LYS A 1 60 ? 12.597  1.072   -11.951 1.00 32.61  ? 60  LYS A NZ  1 
ATOM   420  N  N   . SER A 1 61 ? 11.543  -2.658  -6.038  1.00 33.20  ? 61  SER A N   1 
ATOM   421  C  CA  . SER A 1 61 ? 10.730  -3.839  -5.778  1.00 32.89  ? 61  SER A CA  1 
ATOM   422  C  C   . SER A 1 61 ? 9.265   -3.496  -5.531  1.00 31.66  ? 61  SER A C   1 
ATOM   423  O  O   . SER A 1 61 ? 8.371   -4.296  -5.797  1.00 36.61  ? 61  SER A O   1 
ATOM   424  C  CB  . SER A 1 61 ? 11.302  -4.610  -4.586  1.00 34.63  ? 61  SER A CB  1 
ATOM   425  O  OG  . SER A 1 61 ? 10.724  -4.185  -3.363  1.00 33.62  ? 61  SER A OG  1 
ATOM   426  N  N   . GLN A 1 62 ? 9.008   -2.301  -5.025  1.00 33.98  ? 62  GLN A N   1 
ATOM   427  C  CA  . GLN A 1 62 ? 7.634   -1.899  -4.761  1.00 30.00  ? 62  GLN A CA  1 
ATOM   428  C  C   . GLN A 1 62 ? 7.136   -0.955  -5.866  1.00 27.39  ? 62  GLN A C   1 
ATOM   429  O  O   . GLN A 1 62 ? 5.940   -0.876  -6.150  1.00 26.32  ? 62  GLN A O   1 
ATOM   430  C  CB  . GLN A 1 62 ? 7.534   -1.253  -3.377  1.00 29.90  ? 62  GLN A CB  1 
ATOM   431  C  CG  . GLN A 1 62 ? 6.154   -0.693  -3.045  1.00 24.98  ? 62  GLN A CG  1 
ATOM   432  C  CD  . GLN A 1 62 ? 6.154   0.165   -1.800  1.00 28.95  ? 62  GLN A CD  1 
ATOM   433  O  OE1 . GLN A 1 62 ? 7.177   0.296   -1.113  1.00 34.59  ? 62  GLN A OE1 1 
ATOM   434  N  NE2 . GLN A 1 62 ? 5.006   0.763   -1.500  1.00 23.95  ? 62  GLN A NE2 1 
ATOM   435  N  N   . LEU A 1 63 ? 8.077   -0.263  -6.503  1.00 32.64  ? 63  LEU A N   1 
ATOM   436  C  CA  . LEU A 1 63 ? 7.763   0.624   -7.612  1.00 24.00  ? 63  LEU A CA  1 
ATOM   437  C  C   . LEU A 1 63 ? 7.231   -0.182  -8.779  1.00 24.56  ? 63  LEU A C   1 
ATOM   438  O  O   . LEU A 1 63 ? 6.317   0.248   -9.474  1.00 21.34  ? 63  LEU A O   1 
ATOM   439  C  CB  . LEU A 1 63 ? 8.995   1.433   -8.021  1.00 21.07  ? 63  LEU A CB  1 
ATOM   440  C  CG  . LEU A 1 63 ? 8.868   2.390   -9.208  1.00 20.88  ? 63  LEU A CG  1 
ATOM   441  C  CD1 . LEU A 1 63 ? 7.708   3.368   -9.038  1.00 20.62  ? 63  LEU A CD1 1 
ATOM   442  C  CD2 . LEU A 1 63 ? 10.168  3.142   -9.407  1.00 25.50  ? 63  LEU A CD2 1 
ATOM   443  N  N   . LYS A 1 64 ? 7.798   -1.363  -8.978  1.00 27.64  ? 64  LYS A N   1 
ATOM   444  C  CA  . LYS A 1 64 ? 7.351   -2.248  -10.042 1.00 31.82  ? 64  LYS A CA  1 
ATOM   445  C  C   . LYS A 1 64 ? 5.890   -2.636  -9.842  1.00 32.41  ? 64  LYS A C   1 
ATOM   446  O  O   . LYS A 1 64 ? 5.119   -2.688  -10.807 1.00 29.40  ? 64  LYS A O   1 
ATOM   447  C  CB  . LYS A 1 64 ? 8.227   -3.501  -10.115 1.00 32.27  ? 64  LYS A CB  1 
ATOM   448  C  CG  . LYS A 1 64 ? 9.584   -3.264  -10.760 1.00 32.04  ? 64  LYS A CG  1 
ATOM   449  C  CD  . LYS A 1 64 ? 10.626  -4.221  -10.191 1.00 40.36  ? 64  LYS A CD  1 
ATOM   450  C  CE  . LYS A 1 64 ? 11.712  -4.525  -11.203 1.00 47.12  ? 64  LYS A CE  1 
ATOM   451  N  NZ  . LYS A 1 64 ? 12.719  -3.425  -11.272 1.00 48.31  ? 64  LYS A NZ  1 
ATOM   452  N  N   . ASN A 1 65 ? 5.510   -2.890  -8.589  1.00 30.80  ? 65  ASN A N   1 
ATOM   453  C  CA  . ASN A 1 65 ? 4.133   -3.250  -8.268  1.00 26.27  ? 65  ASN A CA  1 
ATOM   454  C  C   . ASN A 1 65 ? 3.170   -2.107  -8.469  1.00 23.99  ? 65  ASN A C   1 
ATOM   455  O  O   . ASN A 1 65 ? 2.069   -2.297  -8.960  1.00 26.77  ? 65  ASN A O   1 
ATOM   456  C  CB  . ASN A 1 65 ? 4.017   -3.753  -6.836  1.00 26.87  ? 65  ASN A CB  1 
ATOM   457  C  CG  . ASN A 1 65 ? 3.842   -5.247  -6.774  1.00 31.57  ? 65  ASN A CG  1 
ATOM   458  O  OD1 . ASN A 1 65 ? 3.535   -5.873  -7.783  1.00 30.82  ? 65  ASN A OD1 1 
ATOM   459  N  ND2 . ASN A 1 65 ? 4.001   -5.827  -5.586  1.00 32.59  ? 65  ASN A ND2 1 
ATOM   460  N  N   . ILE A 1 66 ? 3.599   -0.920  -8.071  1.00 22.62  ? 66  ILE A N   1 
ATOM   461  C  CA  . ILE A 1 66 ? 2.813   0.298   -8.235  1.00 23.21  ? 66  ILE A CA  1 
ATOM   462  C  C   . ILE A 1 66 ? 2.606   0.644   -9.698  1.00 24.94  ? 66  ILE A C   1 
ATOM   463  O  O   . ILE A 1 66 ? 1.506   1.016   -10.101 1.00 22.08  ? 66  ILE A O   1 
ATOM   464  C  CB  . ILE A 1 66 ? 3.500   1.486   -7.533  1.00 20.71  ? 66  ILE A CB  1 
ATOM   465  C  CG1 . ILE A 1 66 ? 3.458   1.298   -6.024  1.00 21.23  ? 66  ILE A CG1 1 
ATOM   466  C  CG2 . ILE A 1 66 ? 2.847   2.798   -7.901  1.00 23.28  ? 66  ILE A CG2 1 
ATOM   467  C  CD1 . ILE A 1 66 ? 4.296   2.280   -5.314  1.00 20.70  ? 66  ILE A CD1 1 
ATOM   468  N  N   . LYS A 1 67 ? 3.675   0.529   -10.485 1.00 25.98  ? 67  LYS A N   1 
ATOM   469  C  CA  . LYS A 1 67 ? 3.611   0.847   -11.905 1.00 23.12  ? 67  LYS A CA  1 
ATOM   470  C  C   . LYS A 1 67 ? 2.915   -0.262  -12.690 1.00 26.45  ? 67  LYS A C   1 
ATOM   471  O  O   . LYS A 1 67 ? 2.414   -0.028  -13.780 1.00 29.10  ? 67  LYS A O   1 
ATOM   472  C  CB  . LYS A 1 67 ? 5.004   1.109   -12.481 1.00 22.52  ? 67  LYS A CB  1 
ATOM   473  C  CG  . LYS A 1 67 ? 5.541   2.485   -12.144 1.00 24.45  ? 67  LYS A CG  1 
ATOM   474  C  CD  . LYS A 1 67 ? 6.303   3.130   -13.296 1.00 22.43  ? 67  LYS A CD  1 
ATOM   475  C  CE  . LYS A 1 67 ? 7.666   2.515   -13.493 1.00 22.61  ? 67  LYS A CE  1 
ATOM   476  N  NZ  . LYS A 1 67 ? 8.433   3.252   -14.521 1.00 21.39  ? 67  LYS A NZ  1 
ATOM   477  N  N   . LYS A 1 68 ? 2.875   -1.470  -12.146 1.00 26.31  ? 68  LYS A N   1 
ATOM   478  C  CA  . LYS A 1 68 ? 2.115   -2.535  -12.784 1.00 24.93  ? 68  LYS A CA  1 
ATOM   479  C  C   . LYS A 1 68 ? 0.610   -2.325  -12.595 1.00 24.83  ? 68  LYS A C   1 
ATOM   480  O  O   . LYS A 1 68 ? -0.171  -2.380  -13.547 1.00 26.53  ? 68  LYS A O   1 
ATOM   481  C  CB  . LYS A 1 68 ? 2.551   -3.896  -12.241 1.00 26.06  ? 68  LYS A CB  1 
ATOM   482  C  CG  . LYS A 1 68 ? 1.579   -5.029  -12.512 1.00 26.82  ? 68  LYS A CG  1 
ATOM   483  C  CD  . LYS A 1 68 ? 2.094   -6.351  -11.989 1.00 27.97  ? 68  LYS A CD  1 
ATOM   484  C  CE  . LYS A 1 68 ? 0.985   -7.148  -11.347 1.00 33.99  ? 68  LYS A CE  1 
ATOM   485  N  NZ  . LYS A 1 68 ? 1.305   -8.588  -11.262 1.00 37.07  ? 68  LYS A NZ  1 
HETATM 486  N  N   A MSE A 1 69 ? 0.221   -2.083  -11.335 0.49 24.85  ? 69  MSE A N   1 
HETATM 487  N  N   B MSE A 1 69 ? 0.187   -2.067  -11.353 0.51 24.83  ? 69  MSE A N   1 
HETATM 488  C  CA  A MSE A 1 69 ? -1.164  -1.853  -10.940 0.49 22.36  ? 69  MSE A CA  1 
HETATM 489  C  CA  B MSE A 1 69 ? -1.236  -1.924  -11.068 0.51 22.35  ? 69  MSE A CA  1 
HETATM 490  C  C   A MSE A 1 69 ? -1.768  -0.637  -11.627 0.49 23.40  ? 69  MSE A C   1 
HETATM 491  C  C   B MSE A 1 69 ? -1.803  -0.607  -11.603 0.51 23.16  ? 69  MSE A C   1 
HETATM 492  O  O   A MSE A 1 69 ? -2.951  -0.618  -11.968 0.49 24.76  ? 69  MSE A O   1 
HETATM 493  O  O   B MSE A 1 69 ? -3.008  -0.490  -11.816 0.51 24.75  ? 69  MSE A O   1 
HETATM 494  C  CB  A MSE A 1 69 ? -1.237  -1.679  -9.421  0.49 24.04  ? 69  MSE A CB  1 
HETATM 495  C  CB  B MSE A 1 69 ? -1.484  -2.037  -9.565  0.51 24.44  ? 69  MSE A CB  1 
HETATM 496  C  CG  A MSE A 1 69 ? -2.610  -1.330  -8.879  0.49 25.20  ? 69  MSE A CG  1 
HETATM 497  C  CG  B MSE A 1 69 ? -0.810  -3.256  -8.924  0.51 28.02  ? 69  MSE A CG  1 
HETATM 498  SE SE  A MSE A 1 69 ? -3.947  -2.634  -9.387  0.49 41.87  ? 69  MSE A SE  1 
HETATM 499  SE SE  B MSE A 1 69 ? -1.479  -5.024  -9.457  0.51 32.69  ? 69  MSE A SE  1 
HETATM 500  C  CE  A MSE A 1 69 ? -3.097  -4.244  -8.678  0.49 31.45  ? 69  MSE A CE  1 
HETATM 501  C  CE  B MSE A 1 69 ? -2.998  -5.146  -8.236  0.51 30.95  ? 69  MSE A CE  1 
ATOM   502  N  N   . TRP A 1 70 ? -0.936  0.378   -11.824 1.00 21.69  ? 70  TRP A N   1 
ATOM   503  C  CA  . TRP A 1 70 ? -1.344  1.642   -12.422 1.00 18.23  ? 70  TRP A CA  1 
ATOM   504  C  C   . TRP A 1 70 ? -1.736  1.491   -13.892 1.00 20.36  ? 70  TRP A C   1 
ATOM   505  O  O   . TRP A 1 70 ? -2.664  2.134   -14.355 1.00 21.22  ? 70  TRP A O   1 
ATOM   506  C  CB  . TRP A 1 70 ? -0.220  2.666   -12.281 1.00 19.68  ? 70  TRP A CB  1 
ATOM   507  C  CG  . TRP A 1 70 ? -0.525  4.006   -12.840 1.00 17.87  ? 70  TRP A CG  1 
ATOM   508  C  CD1 . TRP A 1 70 ? -1.039  5.079   -12.170 1.00 18.07  ? 70  TRP A CD1 1 
ATOM   509  C  CD2 . TRP A 1 70 ? -0.337  4.432   -14.189 1.00 20.92  ? 70  TRP A CD2 1 
ATOM   510  N  NE1 . TRP A 1 70 ? -1.180  6.145   -13.015 1.00 19.29  ? 70  TRP A NE1 1 
ATOM   511  C  CE2 . TRP A 1 70 ? -0.757  5.771   -14.269 1.00 21.92  ? 70  TRP A CE2 1 
ATOM   512  C  CE3 . TRP A 1 70 ? 0.151   3.813   -15.344 1.00 19.03  ? 70  TRP A CE3 1 
ATOM   513  C  CZ2 . TRP A 1 70 ? -0.714  6.497   -15.453 1.00 20.51  ? 70  TRP A CZ2 1 
ATOM   514  C  CZ3 . TRP A 1 70 ? 0.194   4.535   -16.512 1.00 18.21  ? 70  TRP A CZ3 1 
ATOM   515  C  CH2 . TRP A 1 70 ? -0.234  5.860   -16.560 1.00 18.26  ? 70  TRP A CH2 1 
ATOM   516  N  N   . HIS A 1 71 ? -1.032  0.643   -14.627 1.00 22.23  ? 71  HIS A N   1 
ATOM   517  C  CA  . HIS A 1 71 ? -1.345  0.412   -16.039 1.00 24.09  ? 71  HIS A CA  1 
ATOM   518  C  C   . HIS A 1 71 ? -2.677  -0.297  -16.233 1.00 25.50  ? 71  HIS A C   1 
ATOM   519  O  O   . HIS A 1 71 ? -3.397  -0.057  -17.205 1.00 23.67  ? 71  HIS A O   1 
ATOM   520  C  CB  . HIS A 1 71 ? -0.242  -0.405  -16.710 1.00 24.04  ? 71  HIS A CB  1 
ATOM   521  C  CG  . HIS A 1 71 ? 0.872   0.428   -17.265 1.00 24.11  ? 71  HIS A CG  1 
ATOM   522  N  ND1 . HIS A 1 71 ? 2.095   0.534   -16.648 1.00 21.98  ? 71  HIS A ND1 1 
ATOM   523  C  CD2 . HIS A 1 71 ? 0.932   1.199   -18.374 1.00 23.25  ? 71  HIS A CD2 1 
ATOM   524  C  CE1 . HIS A 1 71 ? 2.871   1.336   -17.361 1.00 25.19  ? 71  HIS A CE1 1 
ATOM   525  N  NE2 . HIS A 1 71 ? 2.194   1.752   -18.407 1.00 25.80  ? 71  HIS A NE2 1 
ATOM   526  N  N   . ARG A 1 72 ? -2.985  -1.189  -15.303 1.00 24.63  ? 72  ARG A N   1 
ATOM   527  C  CA  . ARG A 1 72 ? -4.246  -1.901  -15.314 1.00 25.25  ? 72  ARG A CA  1 
ATOM   528  C  C   . ARG A 1 72 ? -5.405  -0.925  -15.123 1.00 22.77  ? 72  ARG A C   1 
ATOM   529  O  O   . ARG A 1 72 ? -6.435  -1.028  -15.776 1.00 25.08  ? 72  ARG A O   1 
ATOM   530  C  CB  . ARG A 1 72 ? -4.216  -2.984  -14.236 1.00 23.04  ? 72  ARG A CB  1 
ATOM   531  C  CG  . ARG A 1 72 ? -3.068  -3.987  -14.464 1.00 29.07  ? 72  ARG A CG  1 
ATOM   532  C  CD  . ARG A 1 72 ? -3.018  -5.110  -13.431 1.00 31.06  ? 72  ARG A CD  1 
ATOM   533  N  NE  . ARG A 1 72 ? -2.115  -6.196  -13.830 1.00 37.07  ? 72  ARG A NE  1 
ATOM   534  C  CZ  . ARG A 1 72 ? -1.873  -7.286  -13.105 1.00 40.06  ? 72  ARG A CZ  1 
ATOM   535  N  NH1 . ARG A 1 72 ? -2.457  -7.453  -11.925 1.00 38.69  ? 72  ARG A NH1 1 
ATOM   536  N  NH2 . ARG A 1 72 ? -1.046  -8.217  -13.560 1.00 39.81  ? 72  ARG A NH2 1 
ATOM   537  N  N   . GLU A 1 73 ? -5.218  0.051   -14.248 1.00 23.17  ? 73  GLU A N   1 
ATOM   538  C  CA  . GLU A 1 73 ? -6.235  1.076   -14.028 1.00 21.72  ? 73  GLU A CA  1 
ATOM   539  C  C   . GLU A 1 73 ? -6.595  1.867   -15.291 1.00 24.33  ? 73  GLU A C   1 
ATOM   540  O  O   . GLU A 1 73 ? -7.775  2.051   -15.590 1.00 27.39  ? 73  GLU A O   1 
ATOM   541  C  CB  . GLU A 1 73 ? -5.777  2.046   -12.937 1.00 20.73  ? 73  GLU A CB  1 
ATOM   542  C  CG  . GLU A 1 73 ? -5.935  1.500   -11.537 1.00 27.13  ? 73  GLU A CG  1 
ATOM   543  C  CD  . GLU A 1 73 ? -7.390  1.232   -11.164 1.00 36.95  ? 73  GLU A CD  1 
ATOM   544  O  OE1 . GLU A 1 73 ? -8.291  1.938   -11.676 1.00 36.24  ? 73  GLU A OE1 1 
ATOM   545  O  OE2 . GLU A 1 73 ? -7.627  0.316   -10.346 1.00 34.63  ? 73  GLU A OE2 1 
ATOM   546  N  N   . GLN A 1 74 ? -5.581  2.320   -16.026 1.00 25.38  ? 74  GLN A N   1 
ATOM   547  C  CA  . GLN A 1 74 ? -5.762  3.269   -17.127 1.00 25.33  ? 74  GLN A CA  1 
ATOM   548  C  C   . GLN A 1 74 ? -6.624  2.740   -18.271 1.00 29.46  ? 74  GLN A C   1 
ATOM   549  O  O   . GLN A 1 74 ? -7.068  3.497   -19.135 1.00 27.40  ? 74  GLN A O   1 
ATOM   550  C  CB  . GLN A 1 74 ? -4.405  3.681   -17.681 1.00 24.04  ? 74  GLN A CB  1 
ATOM   551  C  CG  . GLN A 1 74 ? -3.438  4.205   -16.634 1.00 24.78  ? 74  GLN A CG  1 
ATOM   552  C  CD  . GLN A 1 74 ? -3.955  5.414   -15.860 1.00 25.60  ? 74  GLN A CD  1 
ATOM   553  O  OE1 . GLN A 1 74 ? -4.470  5.272   -14.759 1.00 26.52  ? 74  GLN A OE1 1 
ATOM   554  N  NE2 . GLN A 1 74 ? -3.773  6.605   -16.415 1.00 23.15  ? 74  GLN A NE2 1 
HETATM 555  N  N   . MSE A 1 75 ? -6.842  1.433   -18.283 1.00 35.56  ? 75  MSE A N   1 
HETATM 556  C  CA  . MSE A 1 75 ? -7.729  0.832   -19.263 1.00 31.26  ? 75  MSE A CA  1 
HETATM 557  C  C   . MSE A 1 75 ? -9.186  0.990   -18.871 1.00 33.95  ? 75  MSE A C   1 
HETATM 558  O  O   . MSE A 1 75 ? -9.586  0.657   -17.751 1.00 32.13  ? 75  MSE A O   1 
HETATM 559  C  CB  . MSE A 1 75 ? -7.394  -0.634  -19.439 1.00 29.60  ? 75  MSE A CB  1 
HETATM 560  C  CG  . MSE A 1 75 ? -6.147  -0.850  -20.230 1.00 30.81  ? 75  MSE A CG  1 
HETATM 561  SE SE  . MSE A 1 75 ? -5.559  -2.670  -19.896 1.00 85.62  ? 75  MSE A SE  1 
HETATM 562  C  CE  . MSE A 1 75 ? -4.736  -3.042  -21.635 1.00 26.02  ? 75  MSE A CE  1 
ATOM   563  N  N   . LYS A 1 76 ? -9.973  1.509   -19.814 1.00 33.49  ? 76  LYS A N   1 
ATOM   564  C  CA  . LYS A 1 76 ? -11.385 1.787   -19.591 1.00 31.91  ? 76  LYS A CA  1 
ATOM   565  C  C   . LYS A 1 76 ? -12.194 1.445   -20.834 1.00 30.27  ? 76  LYS A C   1 
ATOM   566  O  O   . LYS A 1 76 ? -11.837 1.849   -21.942 1.00 30.34  ? 76  LYS A O   1 
ATOM   567  C  CB  . LYS A 1 76 ? -11.590 3.258   -19.227 1.00 35.54  ? 76  LYS A CB  1 
ATOM   568  C  CG  . LYS A 1 76 ? -10.399 3.923   -18.533 1.00 33.32  ? 76  LYS A CG  1 
ATOM   569  C  CD  . LYS A 1 76 ? -10.878 4.920   -17.514 1.00 38.90  ? 76  LYS A CD  1 
ATOM   570  C  CE  . LYS A 1 76 ? -11.082 4.231   -16.165 1.00 46.49  ? 76  LYS A CE  1 
ATOM   571  N  NZ  . LYS A 1 76 ? -11.708 5.108   -15.137 1.00 56.50  ? 76  LYS A NZ  1 
ATOM   572  N  N   . GLY B 1 1  ? -7.665  -22.348 0.548   1.00 40.43  ? 1   GLY B N   1 
ATOM   573  C  CA  . GLY B 1 1  ? -6.423  -22.626 1.250   1.00 55.73  ? 1   GLY B CA  1 
ATOM   574  C  C   . GLY B 1 1  ? -5.931  -21.383 1.967   1.00 52.87  ? 1   GLY B C   1 
ATOM   575  O  O   . GLY B 1 1  ? -5.136  -21.452 2.912   1.00 44.53  ? 1   GLY B O   1 
ATOM   576  N  N   . HIS B 1 2  ? -6.417  -20.243 1.491   1.00 43.23  ? 2   HIS B N   1 
ATOM   577  C  CA  . HIS B 1 2  ? -6.152  -18.941 2.074   1.00 39.15  ? 2   HIS B CA  1 
ATOM   578  C  C   . HIS B 1 2  ? -6.551  -18.883 3.555   1.00 46.79  ? 2   HIS B C   1 
ATOM   579  O  O   . HIS B 1 2  ? -7.431  -19.624 3.992   1.00 46.04  ? 2   HIS B O   1 
ATOM   580  C  CB  . HIS B 1 2  ? -6.918  -17.896 1.275   1.00 50.10  ? 2   HIS B CB  1 
ATOM   581  C  CG  . HIS B 1 2  ? -8.395  -18.089 1.306   1.00 47.53  ? 2   HIS B CG  1 
ATOM   582  N  ND1 . HIS B 1 2  ? -9.190  -17.565 2.324   1.00 42.17  ? 2   HIS B ND1 1 
ATOM   583  C  CD2 . HIS B 1 2  ? -9.236  -18.759 0.498   1.00 33.84  ? 2   HIS B CD2 1 
ATOM   584  C  CE1 . HIS B 1 2  ? -10.440 -17.910 2.111   1.00 31.47  ? 2   HIS B CE1 1 
ATOM   585  N  NE2 . HIS B 1 2  ? -10.498 -18.652 1.019   1.00 32.81  ? 2   HIS B NE2 1 
HETATM 586  N  N   . MSE B 1 3  ? -5.916  -18.003 4.323   1.00 47.72  ? 3   MSE B N   1 
HETATM 587  C  CA  . MSE B 1 3  ? -6.192  -17.927 5.756   1.00 48.82  ? 3   MSE B CA  1 
HETATM 588  C  C   . MSE B 1 3  ? -6.984  -16.703 6.187   1.00 41.06  ? 3   MSE B C   1 
HETATM 589  O  O   . MSE B 1 3  ? -7.295  -15.821 5.392   1.00 37.96  ? 3   MSE B O   1 
HETATM 590  C  CB  . MSE B 1 3  ? -4.896  -17.967 6.547   1.00 49.51  ? 3   MSE B CB  1 
HETATM 591  C  CG  . MSE B 1 3  ? -4.029  -16.770 6.327   1.00 56.65  ? 3   MSE B CG  1 
HETATM 592  SE SE  . MSE B 1 3  ? -2.311  -17.188 7.097   1.00 140.14 ? 3   MSE B SE  1 
HETATM 593  C  CE  . MSE B 1 3  ? -1.599  -18.139 5.537   1.00 78.31  ? 3   MSE B CE  1 
ATOM   594  N  N   . ALA B 1 4  ? -7.270  -16.657 7.482   1.00 36.50  ? 4   ALA B N   1 
ATOM   595  C  CA  . ALA B 1 4  ? -8.261  -15.746 8.019   1.00 31.20  ? 4   ALA B CA  1 
ATOM   596  C  C   . ALA B 1 4  ? -7.716  -14.355 8.360   1.00 29.96  ? 4   ALA B C   1 
ATOM   597  O  O   . ALA B 1 4  ? -8.478  -13.386 8.371   1.00 26.55  ? 4   ALA B O   1 
ATOM   598  C  CB  . ALA B 1 4  ? -8.900  -16.374 9.234   1.00 27.73  ? 4   ALA B CB  1 
ATOM   599  N  N   . GLU B 1 5  ? -6.413  -14.257 8.630   1.00 25.80  ? 5   GLU B N   1 
ATOM   600  C  CA  . GLU B 1 5  ? -5.775  -12.968 8.905   1.00 23.36  ? 5   GLU B CA  1 
ATOM   601  C  C   . GLU B 1 5  ? -4.683  -12.659 7.882   1.00 18.59  ? 5   GLU B C   1 
ATOM   602  O  O   . GLU B 1 5  ? -4.207  -13.546 7.201   1.00 24.00  ? 5   GLU B O   1 
ATOM   603  C  CB  . GLU B 1 5  ? -5.170  -12.950 10.308  1.00 22.03  ? 5   GLU B CB  1 
ATOM   604  C  CG  . GLU B 1 5  ? -6.118  -13.327 11.418  1.00 25.38  ? 5   GLU B CG  1 
ATOM   605  C  CD  . GLU B 1 5  ? -5.423  -13.440 12.757  1.00 26.93  ? 5   GLU B CD  1 
ATOM   606  O  OE1 . GLU B 1 5  ? -5.972  -12.916 13.755  1.00 27.28  ? 5   GLU B OE1 1 
ATOM   607  O  OE2 . GLU B 1 5  ? -4.330  -14.049 12.808  1.00 20.11  ? 5   GLU B OE2 1 
ATOM   608  N  N   . LEU B 1 6  ? -4.281  -11.399 7.787   1.00 18.12  ? 6   LEU B N   1 
ATOM   609  C  CA  . LEU B 1 6  ? -3.117  -11.003 6.999   1.00 15.45  ? 6   LEU B CA  1 
ATOM   610  C  C   . LEU B 1 6  ? -2.372  -9.878  7.717   1.00 14.74  ? 6   LEU B C   1 
ATOM   611  O  O   . LEU B 1 6  ? -2.992  -8.961  8.257   1.00 17.42  ? 6   LEU B O   1 
ATOM   612  C  CB  . LEU B 1 6  ? -3.515  -10.543 5.595   1.00 16.79  ? 6   LEU B CB  1 
ATOM   613  C  CG  . LEU B 1 6  ? -3.782  -11.571 4.493   1.00 21.98  ? 6   LEU B CG  1 
ATOM   614  C  CD1 . LEU B 1 6  ? -4.029  -10.861 3.169   1.00 17.49  ? 6   LEU B CD1 1 
ATOM   615  C  CD2 . LEU B 1 6  ? -2.647  -12.574 4.361   1.00 15.65  ? 6   LEU B CD2 1 
ATOM   616  N  N   . TYR B 1 7  ? -1.046  -9.950  7.707   1.00 13.74  ? 7   TYR B N   1 
ATOM   617  C  CA  . TYR B 1 7  ? -0.222  -8.926  8.327   1.00 13.96  ? 7   TYR B CA  1 
ATOM   618  C  C   . TYR B 1 7  ? 0.534   -8.150  7.274   1.00 13.03  ? 7   TYR B C   1 
ATOM   619  O  O   . TYR B 1 7  ? 1.159   -8.703  6.390   1.00 13.84  ? 7   TYR B O   1 
ATOM   620  C  CB  . TYR B 1 7  ? 0.745   -9.536  9.352   1.00 12.31  ? 7   TYR B CB  1 
ATOM   621  C  CG  . TYR B 1 7  ? 0.004   -10.148 10.508  1.00 13.33  ? 7   TYR B CG  1 
ATOM   622  C  CD1 . TYR B 1 7  ? -0.501  -11.438 10.419  1.00 14.30  ? 7   TYR B CD1 1 
ATOM   623  C  CD2 . TYR B 1 7  ? -0.227  -9.433  11.669  1.00 14.10  ? 7   TYR B CD2 1 
ATOM   624  C  CE1 . TYR B 1 7  ? -1.200  -11.997 11.445  1.00 14.91  ? 7   TYR B CE1 1 
ATOM   625  C  CE2 . TYR B 1 7  ? -0.918  -9.988  12.703  1.00 16.13  ? 7   TYR B CE2 1 
ATOM   626  C  CZ  . TYR B 1 7  ? -1.405  -11.270 12.585  1.00 16.26  ? 7   TYR B CZ  1 
ATOM   627  O  OH  . TYR B 1 7  ? -2.101  -11.832 13.616  1.00 22.15  ? 7   TYR B OH  1 
ATOM   628  N  N   . VAL B 1 8  ? 0.435   -6.843  7.382   1.00 13.49  ? 8   VAL B N   1 
ATOM   629  C  CA  . VAL B 1 8  ? 1.190   -5.946  6.553   1.00 16.33  ? 8   VAL B CA  1 
ATOM   630  C  C   . VAL B 1 8  ? 1.995   -5.033  7.458   1.00 14.45  ? 8   VAL B C   1 
ATOM   631  O  O   . VAL B 1 8  ? 1.450   -4.408  8.351   1.00 15.35  ? 8   VAL B O   1 
ATOM   632  C  CB  . VAL B 1 8  ? 0.277   -5.134  5.651   1.00 16.84  ? 8   VAL B CB  1 
ATOM   633  C  CG1 . VAL B 1 8  ? 1.078   -4.107  4.895   1.00 16.31  ? 8   VAL B CG1 1 
ATOM   634  C  CG2 . VAL B 1 8  ? -0.475  -6.058  4.702   1.00 14.68  ? 8   VAL B CG2 1 
ATOM   635  N  N   . SER B 1 9  ? 3.301   -5.009  7.249   1.00 15.56  ? 9   SER B N   1 
ATOM   636  C  CA  . SER B 1 9  ? 4.186   -4.195  8.054   1.00 16.31  ? 9   SER B CA  1 
ATOM   637  C  C   . SER B 1 9  ? 5.115   -3.370  7.187   1.00 19.34  ? 9   SER B C   1 
ATOM   638  O  O   . SER B 1 9  ? 6.019   -3.900  6.556   1.00 16.50  ? 9   SER B O   1 
ATOM   639  C  CB  . SER B 1 9  ? 5.004   -5.059  8.995   1.00 15.93  ? 9   SER B CB  1 
ATOM   640  O  OG  . SER B 1 9  ? 6.072   -4.306  9.508   1.00 18.05  ? 9   SER B OG  1 
ATOM   641  N  N   . ASP B 1 10 ? 4.891   -2.067  7.162   1.00 17.89  ? 10  ASP B N   1 
ATOM   642  C  CA  . ASP B 1 10 ? 5.684   -1.210  6.317   1.00 19.05  ? 10  ASP B CA  1 
ATOM   643  C  C   . ASP B 1 10 ? 7.161   -1.320  6.635   1.00 21.67  ? 10  ASP B C   1 
ATOM   644  O  O   . ASP B 1 10 ? 7.990   -1.364  5.729   1.00 23.27  ? 10  ASP B O   1 
ATOM   645  C  CB  . ASP B 1 10 ? 5.249   0.235   6.451   1.00 22.08  ? 10  ASP B CB  1 
ATOM   646  C  CG  . ASP B 1 10 ? 5.984   1.138   5.491   1.00 26.30  ? 10  ASP B CG  1 
ATOM   647  O  OD1 . ASP B 1 10 ? 5.591   1.162   4.304   1.00 28.11  ? 10  ASP B OD1 1 
ATOM   648  O  OD2 . ASP B 1 10 ? 6.957   1.803   5.916   1.00 28.55  ? 10  ASP B OD2 1 
ATOM   649  N  N   . ARG B 1 11 ? 7.499   -1.384  7.917   1.00 24.85  ? 11  ARG B N   1 
ATOM   650  C  CA  . ARG B 1 11 ? 8.908   -1.343  8.284   1.00 24.40  ? 11  ARG B CA  1 
ATOM   651  C  C   . ARG B 1 11 ? 9.536   -2.726  8.420   1.00 22.57  ? 11  ARG B C   1 
ATOM   652  O  O   . ARG B 1 11 ? 10.743  -2.874  8.262   1.00 28.38  ? 11  ARG B O   1 
ATOM   653  C  CB  . ARG B 1 11 ? 9.101   -0.549  9.579   1.00 29.36  ? 11  ARG B CB  1 
ATOM   654  C  CG  . ARG B 1 11 ? 8.289   -1.024  10.753  1.00 25.21  ? 11  ARG B CG  1 
ATOM   655  C  CD  . ARG B 1 11 ? 8.760   -0.355  12.038  1.00 30.27  ? 11  ARG B CD  1 
ATOM   656  N  NE  . ARG B 1 11 ? 7.736   -0.452  13.067  1.00 31.58  ? 11  ARG B NE  1 
ATOM   657  C  CZ  . ARG B 1 11 ? 7.601   -1.497  13.866  1.00 27.15  ? 11  ARG B CZ  1 
ATOM   658  N  NH1 . ARG B 1 11 ? 8.435   -2.513  13.736  1.00 24.01  ? 11  ARG B NH1 1 
ATOM   659  N  NH2 . ARG B 1 11 ? 6.633   -1.527  14.773  1.00 31.52  ? 11  ARG B NH2 1 
ATOM   660  N  N   . GLU B 1 12 ? 8.735   -3.743  8.699   1.00 17.81  ? 12  GLU B N   1 
ATOM   661  C  CA  . GLU B 1 12 ? 9.328   -5.039  8.946   1.00 16.04  ? 12  GLU B CA  1 
ATOM   662  C  C   . GLU B 1 12 ? 8.945   -6.067  7.897   1.00 14.93  ? 12  GLU B C   1 
ATOM   663  O  O   . GLU B 1 12 ? 9.514   -7.148  7.844   1.00 18.76  ? 12  GLU B O   1 
ATOM   664  C  CB  . GLU B 1 12 ? 8.940   -5.535  10.334  1.00 18.03  ? 12  GLU B CB  1 
ATOM   665  C  CG  . GLU B 1 12 ? 9.103   -4.489  11.427  1.00 18.11  ? 12  GLU B CG  1 
ATOM   666  C  CD  . GLU B 1 12 ? 10.513  -3.956  11.536  1.00 20.11  ? 12  GLU B CD  1 
ATOM   667  O  OE1 . GLU B 1 12 ? 10.684  -2.793  11.939  1.00 16.96  ? 12  GLU B OE1 1 
ATOM   668  O  OE2 . GLU B 1 12 ? 11.454  -4.703  11.220  1.00 19.45  ? 12  GLU B OE2 1 
ATOM   669  N  N   . GLY B 1 13 ? 7.989   -5.733  7.054   1.00 14.03  ? 13  GLY B N   1 
ATOM   670  C  CA  . GLY B 1 13 ? 7.566   -6.676  6.058   1.00 12.51  ? 13  GLY B CA  1 
ATOM   671  C  C   . GLY B 1 13 ? 8.305   -6.466  4.767   1.00 15.75  ? 13  GLY B C   1 
ATOM   672  O  O   . GLY B 1 13 ? 8.925   -5.428  4.567   1.00 20.08  ? 13  GLY B O   1 
ATOM   673  N  N   . SER B 1 14 ? 8.253   -7.472  3.904   1.00 15.69  ? 14  SER B N   1 
ATOM   674  C  CA  . SER B 1 14 ? 8.695   -7.353  2.532   1.00 15.87  ? 14  SER B CA  1 
ATOM   675  C  C   . SER B 1 14 ? 7.584   -7.847  1.593   1.00 18.51  ? 14  SER B C   1 
ATOM   676  O  O   . SER B 1 14 ? 6.950   -8.856  1.869   1.00 19.06  ? 14  SER B O   1 
ATOM   677  C  CB  . SER B 1 14 ? 9.981   -8.156  2.314   1.00 21.17  ? 14  SER B CB  1 
ATOM   678  O  OG  . SER B 1 14 ? 10.506  -7.986  1.001   1.00 26.05  ? 14  SER B OG  1 
ATOM   679  N  N   . ASP B 1 15 ? 7.337   -7.130  0.499   1.00 18.95  ? 15  ASP B N   1 
ATOM   680  C  CA  . ASP B 1 15 ? 6.460   -7.631  -0.567  1.00 21.31  ? 15  ASP B CA  1 
ATOM   681  C  C   . ASP B 1 15 ? 7.197   -8.671  -1.397  1.00 22.63  ? 15  ASP B C   1 
ATOM   682  O  O   . ASP B 1 15 ? 6.593   -9.537  -2.034  1.00 23.42  ? 15  ASP B O   1 
ATOM   683  C  CB  . ASP B 1 15 ? 5.981   -6.505  -1.486  1.00 22.75  ? 15  ASP B CB  1 
ATOM   684  C  CG  . ASP B 1 15 ? 5.041   -5.552  -0.806  1.00 16.36  ? 15  ASP B CG  1 
ATOM   685  O  OD1 . ASP B 1 15 ? 4.548   -5.894  0.277   1.00 16.93  ? 15  ASP B OD1 1 
ATOM   686  O  OD2 . ASP B 1 15 ? 4.791   -4.475  -1.367  1.00 15.89  ? 15  ASP B OD2 1 
ATOM   687  N  N   . ALA B 1 16 ? 8.519   -8.556  -1.378  1.00 21.80  ? 16  ALA B N   1 
ATOM   688  C  CA  . ALA B 1 16 ? 9.394   -9.452  -2.102  1.00 24.25  ? 16  ALA B CA  1 
ATOM   689  C  C   . ALA B 1 16 ? 9.431   -10.832 -1.450  1.00 23.22  ? 16  ALA B C   1 
ATOM   690  O  O   . ALA B 1 16 ? 9.148   -11.834 -2.107  1.00 25.03  ? 16  ALA B O   1 
ATOM   691  C  CB  . ALA B 1 16 ? 10.788  -8.853  -2.181  1.00 22.03  ? 16  ALA B CB  1 
ATOM   692  N  N   . THR B 1 17 ? 9.745   -10.877 -0.156  1.00 19.08  ? 17  THR B N   1 
ATOM   693  C  CA  . THR B 1 17 ? 9.992   -12.143 0.531   1.00 22.57  ? 17  THR B CA  1 
ATOM   694  C  C   . THR B 1 17 ? 9.041   -12.428 1.691   1.00 29.65  ? 17  THR B C   1 
ATOM   695  O  O   . THR B 1 17 ? 9.336   -13.271 2.545   1.00 29.61  ? 17  THR B O   1 
ATOM   696  C  CB  . THR B 1 17 ? 11.421  -12.200 1.100   1.00 27.08  ? 17  THR B CB  1 
ATOM   697  O  OG1 . THR B 1 17 ? 11.549  -11.236 2.147   1.00 29.18  ? 17  THR B OG1 1 
ATOM   698  C  CG2 . THR B 1 17 ? 12.446  -11.895 0.023   1.00 23.56  ? 17  THR B CG2 1 
ATOM   699  N  N   . GLY B 1 18 ? 7.908   -11.729 1.728   1.00 27.77  ? 18  GLY B N   1 
ATOM   700  C  CA  . GLY B 1 18 ? 6.952   -11.878 2.815   1.00 20.98  ? 18  GLY B CA  1 
ATOM   701  C  C   . GLY B 1 18 ? 5.745   -12.693 2.411   1.00 21.75  ? 18  GLY B C   1 
ATOM   702  O  O   . GLY B 1 18 ? 5.477   -12.858 1.219   1.00 23.84  ? 18  GLY B O   1 
ATOM   703  N  N   . ASP B 1 19 ? 5.008   -13.207 3.390   1.00 19.23  ? 19  ASP B N   1 
ATOM   704  C  CA  . ASP B 1 19 ? 3.860   -14.039 3.057   1.00 17.74  ? 19  ASP B CA  1 
ATOM   705  C  C   . ASP B 1 19 ? 2.576   -13.646 3.769   1.00 16.90  ? 19  ASP B C   1 
ATOM   706  O  O   . ASP B 1 19 ? 1.572   -14.336 3.629   1.00 17.70  ? 19  ASP B O   1 
ATOM   707  C  CB  . ASP B 1 19 ? 4.175   -15.524 3.314   1.00 20.57  ? 19  ASP B CB  1 
ATOM   708  C  CG  . ASP B 1 19 ? 4.177   -15.907 4.785   1.00 23.28  ? 19  ASP B CG  1 
ATOM   709  O  OD1 . ASP B 1 19 ? 4.283   -15.032 5.669   1.00 24.40  ? 19  ASP B OD1 1 
ATOM   710  O  OD2 . ASP B 1 19 ? 4.102   -17.123 5.060   1.00 26.04  ? 19  ASP B OD2 1 
ATOM   711  N  N   . GLY B 1 20 ? 2.605   -12.541 4.512   1.00 17.49  ? 20  GLY B N   1 
ATOM   712  C  CA  . GLY B 1 20 ? 1.414   -12.034 5.172   1.00 17.51  ? 20  GLY B CA  1 
ATOM   713  C  C   . GLY B 1 20 ? 1.106   -12.743 6.467   1.00 14.85  ? 20  GLY B C   1 
ATOM   714  O  O   . GLY B 1 20 ? 0.009   -12.640 6.994   1.00 15.88  ? 20  GLY B O   1 
ATOM   715  N  N   . THR B 1 21 ? 2.078   -13.492 6.965   1.00 17.71  ? 21  THR B N   1 
ATOM   716  C  CA  . THR B 1 21 ? 1.983   -14.038 8.306   1.00 18.70  ? 21  THR B CA  1 
ATOM   717  C  C   . THR B 1 21 ? 2.539   -13.003 9.277   1.00 16.51  ? 21  THR B C   1 
ATOM   718  O  O   . THR B 1 21 ? 3.144   -12.015 8.870   1.00 14.69  ? 21  THR B O   1 
ATOM   719  C  CB  . THR B 1 21 ? 2.733   -15.364 8.449   1.00 16.11  ? 21  THR B CB  1 
ATOM   720  O  OG1 . THR B 1 21 ? 3.994   -15.272 7.786   1.00 23.03  ? 21  THR B OG1 1 
ATOM   721  C  CG2 . THR B 1 21 ? 1.955   -16.474 7.821   1.00 18.39  ? 21  THR B CG2 1 
ATOM   722  N  N   . LYS B 1 22 ? 2.310   -13.223 10.561  1.00 16.82  ? 22  LYS B N   1 
ATOM   723  C  CA  . LYS B 1 22 ? 2.757   -12.285 11.564  1.00 15.35  ? 22  LYS B CA  1 
ATOM   724  C  C   . LYS B 1 22 ? 4.273   -12.296 11.618  1.00 17.03  ? 22  LYS B C   1 
ATOM   725  O  O   . LYS B 1 22 ? 4.911   -11.273 11.870  1.00 20.13  ? 22  LYS B O   1 
ATOM   726  C  CB  . LYS B 1 22 ? 2.157   -12.629 12.923  1.00 14.48  ? 22  LYS B CB  1 
ATOM   727  C  CG  . LYS B 1 22 ? 2.318   -11.530 13.937  1.00 17.06  ? 22  LYS B CG  1 
ATOM   728  C  CD  . LYS B 1 22 ? 1.464   -11.791 15.140  1.00 16.94  ? 22  LYS B CD  1 
ATOM   729  C  CE  . LYS B 1 22 ? 1.973   -12.988 15.883  1.00 18.47  ? 22  LYS B CE  1 
ATOM   730  N  NZ  . LYS B 1 22 ? 0.988   -13.454 16.864  1.00 20.29  ? 22  LYS B NZ  1 
ATOM   731  N  N   . GLU B 1 23 ? 4.841   -13.469 11.376  1.00 15.82  ? 23  GLU B N   1 
ATOM   732  C  CA  . GLU B 1 23 ? 6.274   -13.642 11.362  1.00 15.46  ? 23  GLU B CA  1 
ATOM   733  C  C   . GLU B 1 23 ? 6.900   -12.975 10.153  1.00 16.81  ? 23  GLU B C   1 
ATOM   734  O  O   . GLU B 1 23 ? 7.952   -12.346 10.248  1.00 18.19  ? 23  GLU B O   1 
ATOM   735  C  CB  . GLU B 1 23 ? 6.606   -15.126 11.388  1.00 18.17  ? 23  GLU B CB  1 
ATOM   736  C  CG  . GLU B 1 23 ? 6.437   -15.712 12.751  1.00 19.50  ? 23  GLU B CG  1 
ATOM   737  C  CD  . GLU B 1 23 ? 7.276   -14.976 13.768  1.00 21.48  ? 23  GLU B CD  1 
ATOM   738  O  OE1 . GLU B 1 23 ? 6.715   -14.489 14.773  1.00 24.89  ? 23  GLU B OE1 1 
ATOM   739  O  OE2 . GLU B 1 23 ? 8.502   -14.880 13.556  1.00 22.65  ? 23  GLU B OE2 1 
ATOM   740  N  N   . LYS B 1 24 ? 6.235   -13.111 9.012   1.00 16.60  ? 24  LYS B N   1 
ATOM   741  C  CA  . LYS B 1 24 ? 6.739   -12.576 7.762   1.00 15.87  ? 24  LYS B CA  1 
ATOM   742  C  C   . LYS B 1 24 ? 5.693   -11.735 7.050   1.00 16.28  ? 24  LYS B C   1 
ATOM   743  O  O   . LYS B 1 24 ? 5.173   -12.140 6.015   1.00 19.85  ? 24  LYS B O   1 
ATOM   744  C  CB  . LYS B 1 24 ? 7.197   -13.716 6.855   1.00 22.95  ? 24  LYS B CB  1 
ATOM   745  C  CG  . LYS B 1 24 ? 8.164   -14.688 7.516   1.00 21.14  ? 24  LYS B CG  1 
ATOM   746  C  CD  . LYS B 1 24 ? 8.799   -15.592 6.502   1.00 24.73  ? 24  LYS B CD  1 
ATOM   747  C  CE  . LYS B 1 24 ? 9.865   -16.464 7.141   1.00 25.57  ? 24  LYS B CE  1 
ATOM   748  N  NZ  . LYS B 1 24 ? 10.668  -17.182 6.109   1.00 27.80  ? 24  LYS B NZ  1 
ATOM   749  N  N   . PRO B 1 25 ? 5.384   -10.551 7.591   1.00 16.04  ? 25  PRO B N   1 
ATOM   750  C  CA  . PRO B 1 25 ? 4.291   -9.781  6.998   1.00 13.22  ? 25  PRO B CA  1 
ATOM   751  C  C   . PRO B 1 25 ? 4.613   -9.321  5.577   1.00 16.77  ? 25  PRO B C   1 
ATOM   752  O  O   . PRO B 1 25 ? 5.770   -9.368  5.164   1.00 19.48  ? 25  PRO B O   1 
ATOM   753  C  CB  . PRO B 1 25 ? 4.143   -8.593  7.954   1.00 13.73  ? 25  PRO B CB  1 
ATOM   754  C  CG  . PRO B 1 25 ? 5.433   -8.471  8.612   1.00 14.40  ? 25  PRO B CG  1 
ATOM   755  C  CD  . PRO B 1 25 ? 6.022   -9.834  8.708   1.00 14.16  ? 25  PRO B CD  1 
ATOM   756  N  N   . PHE B 1 26 ? 3.596   -8.905  4.833   1.00 15.18  ? 26  PHE B N   1 
ATOM   757  C  CA  . PHE B 1 26 ? 3.837   -8.176  3.605   1.00 15.37  ? 26  PHE B CA  1 
ATOM   758  C  C   . PHE B 1 26 ? 4.374   -6.819  3.981   1.00 13.58  ? 26  PHE B C   1 
ATOM   759  O  O   . PHE B 1 26 ? 4.394   -6.463  5.145   1.00 15.84  ? 26  PHE B O   1 
ATOM   760  C  CB  . PHE B 1 26 ? 2.561   -8.020  2.782   1.00 13.12  ? 26  PHE B CB  1 
ATOM   761  C  CG  . PHE B 1 26 ? 2.035   -9.298  2.221   1.00 13.69  ? 26  PHE B CG  1 
ATOM   762  C  CD1 . PHE B 1 26 ? 2.779   -10.034 1.325   1.00 12.96  ? 26  PHE B CD1 1 
ATOM   763  C  CD2 . PHE B 1 26 ? 0.772   -9.739  2.555   1.00 14.21  ? 26  PHE B CD2 1 
ATOM   764  C  CE1 . PHE B 1 26 ? 2.286   -11.194 0.799   1.00 14.97  ? 26  PHE B CE1 1 
ATOM   765  C  CE2 . PHE B 1 26 ? 0.269   -10.893 2.026   1.00 13.71  ? 26  PHE B CE2 1 
ATOM   766  C  CZ  . PHE B 1 26 ? 1.028   -11.629 1.152   1.00 15.44  ? 26  PHE B CZ  1 
ATOM   767  N  N   . LYS B 1 27 ? 4.798   -6.045  2.998   1.00 16.73  ? 27  LYS B N   1 
ATOM   768  C  CA  . LYS B 1 27 ? 5.173   -4.668  3.270   1.00 15.55  ? 27  LYS B CA  1 
ATOM   769  C  C   . LYS B 1 27 ? 3.986   -3.734  2.967   1.00 16.47  ? 27  LYS B C   1 
ATOM   770  O  O   . LYS B 1 27 ? 3.737   -2.770  3.701   1.00 16.42  ? 27  LYS B O   1 
ATOM   771  C  CB  . LYS B 1 27 ? 6.411   -4.270  2.457   1.00 14.17  ? 27  LYS B CB  1 
ATOM   772  C  CG  . LYS B 1 27 ? 6.913   -2.866  2.726   1.00 14.39  ? 27  LYS B CG  1 
ATOM   773  C  CD  . LYS B 1 27 ? 7.923   -2.402  1.687   1.00 21.12  ? 27  LYS B CD  1 
ATOM   774  C  CE  . LYS B 1 27 ? 8.545   -1.077  2.095   1.00 28.16  ? 27  LYS B CE  1 
ATOM   775  N  NZ  . LYS B 1 27 ? 9.390   -1.205  3.328   1.00 27.33  ? 27  LYS B NZ  1 
ATOM   776  N  N   . THR B 1 28 ? 3.246   -4.030  1.896   1.00 14.03  ? 28  THR B N   1 
ATOM   777  C  CA  . THR B 1 28 ? 2.202   -3.111  1.450   1.00 15.40  ? 28  THR B CA  1 
ATOM   778  C  C   . THR B 1 28 ? 0.827   -3.733  1.324   1.00 15.58  ? 28  THR B C   1 
ATOM   779  O  O   . THR B 1 28 ? 0.689   -4.950  1.171   1.00 16.04  ? 28  THR B O   1 
ATOM   780  C  CB  . THR B 1 28 ? 2.538   -2.489  0.091   1.00 16.06  ? 28  THR B CB  1 
ATOM   781  O  OG1 . THR B 1 28 ? 2.541   -3.500  -0.923  1.00 17.09  ? 28  THR B OG1 1 
ATOM   782  C  CG2 . THR B 1 28 ? 3.904   -1.820  0.145   1.00 22.23  ? 28  THR B CG2 1 
ATOM   783  N  N   . GLY B 1 29 ? -0.184  -2.864  1.375   1.00 15.77  ? 29  GLY B N   1 
ATOM   784  C  CA  . GLY B 1 29 ? -1.565  -3.245  1.147   1.00 14.31  ? 29  GLY B CA  1 
ATOM   785  C  C   . GLY B 1 29 ? -1.851  -3.587  -0.306  1.00 16.14  ? 29  GLY B C   1 
ATOM   786  O  O   . GLY B 1 29 ? -2.718  -4.397  -0.591  1.00 19.46  ? 29  GLY B O   1 
ATOM   787  N  N   . LEU B 1 30 ? -1.122  -2.969  -1.226  1.00 17.68  ? 30  LEU B N   1 
ATOM   788  C  CA  . LEU B 1 30 ? -1.234  -3.321  -2.630  1.00 16.90  ? 30  LEU B CA  1 
ATOM   789  C  C   . LEU B 1 30 ? -0.783  -4.757  -2.837  1.00 16.32  ? 30  LEU B C   1 
ATOM   790  O  O   . LEU B 1 30 ? -1.420  -5.510  -3.554  1.00 18.87  ? 30  LEU B O   1 
ATOM   791  C  CB  . LEU B 1 30 ? -0.413  -2.380  -3.516  1.00 19.14  ? 30  LEU B CB  1 
ATOM   792  C  CG  . LEU B 1 30 ? -0.505  -2.711  -5.018  1.00 17.32  ? 30  LEU B CG  1 
ATOM   793  C  CD1 . LEU B 1 30 ? -1.951  -2.682  -5.456  1.00 18.32  ? 30  LEU B CD1 1 
ATOM   794  C  CD2 . LEU B 1 30 ? 0.328   -1.778  -5.876  1.00 17.59  ? 30  LEU B CD2 1 
ATOM   795  N  N   . LYS B 1 31 ? 0.322   -5.142  -2.214  1.00 15.18  ? 31  LYS B N   1 
ATOM   796  C  CA  . LYS B 1 31 ? 0.762   -6.522  -2.317  1.00 21.30  ? 31  LYS B CA  1 
ATOM   797  C  C   . LYS B 1 31 ? -0.285  -7.463  -1.741  1.00 20.19  ? 31  LYS B C   1 
ATOM   798  O  O   . LYS B 1 31 ? -0.601  -8.493  -2.340  1.00 19.66  ? 31  LYS B O   1 
ATOM   799  C  CB  . LYS B 1 31 ? 2.096   -6.740  -1.610  1.00 15.08  ? 31  LYS B CB  1 
ATOM   800  C  CG  . LYS B 1 31 ? 2.542   -8.176  -1.647  1.00 15.33  ? 31  LYS B CG  1 
ATOM   801  C  CD  . LYS B 1 31 ? 2.601   -8.645  -3.082  1.00 20.61  ? 31  LYS B CD  1 
ATOM   802  C  CE  . LYS B 1 31 ? 2.790   -10.134 -3.174  1.00 26.77  ? 31  LYS B CE  1 
ATOM   803  N  NZ  . LYS B 1 31 ? 3.219   -10.517 -4.531  1.00 28.31  ? 31  LYS B NZ  1 
ATOM   804  N  N   . ALA B 1 32 ? -0.830  -7.104  -0.584  1.00 17.54  ? 32  ALA B N   1 
ATOM   805  C  CA  . ALA B 1 32 ? -1.778  -7.973  0.103   1.00 19.29  ? 32  ALA B CA  1 
ATOM   806  C  C   . ALA B 1 32 ? -3.008  -8.275  -0.754  1.00 22.97  ? 32  ALA B C   1 
ATOM   807  O  O   . ALA B 1 32 ? -3.359  -9.435  -0.937  1.00 21.38  ? 32  ALA B O   1 
ATOM   808  C  CB  . ALA B 1 32 ? -2.190  -7.360  1.414   1.00 15.04  ? 32  ALA B CB  1 
ATOM   809  N  N   . LEU B 1 33 ? -3.647  -7.245  -1.305  1.00 22.77  ? 33  LEU B N   1 
ATOM   810  C  CA  . LEU B 1 33 ? -4.915  -7.455  -1.999  1.00 18.24  ? 33  LEU B CA  1 
ATOM   811  C  C   . LEU B 1 33 ? -4.707  -8.312  -3.242  1.00 22.10  ? 33  LEU B C   1 
ATOM   812  O  O   . LEU B 1 33 ? -5.631  -8.988  -3.705  1.00 23.20  ? 33  LEU B O   1 
ATOM   813  C  CB  . LEU B 1 33 ? -5.569  -6.118  -2.349  1.00 16.34  ? 33  LEU B CB  1 
ATOM   814  C  CG  . LEU B 1 33 ? -4.951  -5.222  -3.418  1.00 16.48  ? 33  LEU B CG  1 
ATOM   815  C  CD1 . LEU B 1 33 ? -5.480  -5.563  -4.809  1.00 16.67  ? 33  LEU B CD1 1 
ATOM   816  C  CD2 . LEU B 1 33 ? -5.186  -3.759  -3.102  1.00 17.50  ? 33  LEU B CD2 1 
HETATM 817  N  N   . MSE B 1 34 ? -3.487  -8.281  -3.770  1.00 20.33  ? 34  MSE B N   1 
HETATM 818  C  CA  . MSE B 1 34 ? -3.120  -9.132  -4.899  1.00 24.72  ? 34  MSE B CA  1 
HETATM 819  C  C   . MSE B 1 34 ? -3.185  -10.600 -4.558  1.00 28.84  ? 34  MSE B C   1 
HETATM 820  O  O   . MSE B 1 34 ? -3.406  -11.458 -5.406  1.00 35.11  ? 34  MSE B O   1 
HETATM 821  C  CB  . MSE B 1 34 ? -1.713  -8.799  -5.399  1.00 28.07  ? 34  MSE B CB  1 
HETATM 822  C  CG  . MSE B 1 34 ? -1.544  -7.411  -5.942  1.00 33.35  ? 34  MSE B CG  1 
HETATM 823  SE SE  . MSE B 1 34 ? 0.301   -7.046  -6.449  1.00 83.82  ? 34  MSE B SE  1 
HETATM 824  C  CE  . MSE B 1 34 ? 0.480   -8.325  -7.911  1.00 38.19  ? 34  MSE B CE  1 
ATOM   825  N  N   . THR B 1 35 ? -2.969  -10.894 -3.298  1.00 25.46  ? 35  THR B N   1 
ATOM   826  C  CA  . THR B 1 35 ? -3.016  -12.257 -2.811  1.00 26.05  ? 35  THR B CA  1 
ATOM   827  C  C   . THR B 1 35 ? -4.429  -12.751 -2.600  1.00 23.02  ? 35  THR B C   1 
ATOM   828  O  O   . THR B 1 35 ? -4.669  -13.952 -2.668  1.00 25.00  ? 35  THR B O   1 
ATOM   829  C  CB  . THR B 1 35 ? -2.253  -12.357 -1.492  1.00 28.76  ? 35  THR B CB  1 
ATOM   830  O  OG1 . THR B 1 35 ? -3.044  -11.780 -0.445  1.00 27.90  ? 35  THR B OG1 1 
ATOM   831  C  CG2 . THR B 1 35 ? -0.948  -11.593 -1.592  1.00 21.36  ? 35  THR B CG2 1 
ATOM   832  N  N   . VAL B 1 36 ? -5.344  -11.833 -2.292  1.00 21.00  ? 36  VAL B N   1 
ATOM   833  C  CA  . VAL B 1 36 ? -6.697  -12.207 -1.879  1.00 23.92  ? 36  VAL B CA  1 
ATOM   834  C  C   . VAL B 1 36 ? -7.485  -12.824 -3.039  1.00 22.96  ? 36  VAL B C   1 
ATOM   835  O  O   . VAL B 1 36 ? -7.910  -12.124 -3.956  1.00 25.12  ? 36  VAL B O   1 
ATOM   836  C  CB  . VAL B 1 36 ? -7.459  -10.995 -1.306  1.00 23.34  ? 36  VAL B CB  1 
ATOM   837  C  CG1 . VAL B 1 36 ? -8.907  -11.369 -0.928  1.00 18.87  ? 36  VAL B CG1 1 
ATOM   838  C  CG2 . VAL B 1 36 ? -6.718  -10.428 -0.115  1.00 18.81  ? 36  VAL B CG2 1 
ATOM   839  N  N   . GLY B 1 37 ? -7.680  -14.138 -2.975  1.00 22.88  ? 37  GLY B N   1 
ATOM   840  C  CA  . GLY B 1 37 ? -8.310  -14.883 -4.049  1.00 23.40  ? 37  GLY B CA  1 
ATOM   841  C  C   . GLY B 1 37 ? -9.824  -14.912 -4.020  1.00 28.26  ? 37  GLY B C   1 
ATOM   842  O  O   . GLY B 1 37 ? -10.468 -15.073 -5.063  1.00 26.19  ? 37  GLY B O   1 
ATOM   843  N  N   . LYS B 1 38 ? -10.391 -14.759 -2.825  1.00 27.68  ? 38  LYS B N   1 
ATOM   844  C  CA  . LYS B 1 38 ? -11.838 -14.715 -2.655  1.00 24.04  ? 38  LYS B CA  1 
ATOM   845  C  C   . LYS B 1 38 ? -12.263 -13.855 -1.466  1.00 22.59  ? 38  LYS B C   1 
ATOM   846  O  O   . LYS B 1 38 ? -11.505 -13.650 -0.524  1.00 26.23  ? 38  LYS B O   1 
ATOM   847  C  CB  . LYS B 1 38 ? -12.398 -16.130 -2.487  1.00 24.87  ? 38  LYS B CB  1 
ATOM   848  C  CG  . LYS B 1 38 ? -12.335 -16.674 -1.077  1.00 21.36  ? 38  LYS B CG  1 
ATOM   849  C  CD  . LYS B 1 38 ? -12.947 -18.051 -1.020  1.00 26.87  ? 38  LYS B CD  1 
ATOM   850  C  CE  . LYS B 1 38 ? -13.531 -18.360 0.350   1.00 26.31  ? 38  LYS B CE  1 
ATOM   851  N  NZ  . LYS B 1 38 ? -13.962 -19.783 0.435   1.00 27.32  ? 38  LYS B NZ  1 
ATOM   852  N  N   . GLU B 1 39 ? -13.488 -13.347 -1.534  1.00 26.91  ? 39  GLU B N   1 
ATOM   853  C  CA  . GLU B 1 39 ? -14.135 -12.691 -0.404  1.00 21.61  ? 39  GLU B CA  1 
ATOM   854  C  C   . GLU B 1 39 ? -14.844 -13.719 0.475   1.00 25.79  ? 39  GLU B C   1 
ATOM   855  O  O   . GLU B 1 39 ? -15.308 -14.739 -0.024  1.00 23.53  ? 39  GLU B O   1 
ATOM   856  C  CB  . GLU B 1 39 ? -15.118 -11.626 -0.882  1.00 17.79  ? 39  GLU B CB  1 
ATOM   857  C  CG  . GLU B 1 39 ? -14.439 -10.327 -1.256  1.00 20.97  ? 39  GLU B CG  1 
ATOM   858  C  CD  . GLU B 1 39 ? -15.403 -9.236  -1.644  1.00 18.59  ? 39  GLU B CD  1 
ATOM   859  O  OE1 . GLU B 1 39 ? -15.476 -8.239  -0.902  1.00 23.97  ? 39  GLU B OE1 1 
ATOM   860  O  OE2 . GLU B 1 39 ? -16.069 -9.364  -2.701  1.00 20.48  ? 39  GLU B OE2 1 
ATOM   861  N  N   . PRO B 1 40 ? -14.934 -13.454 1.793   1.00 27.80  ? 40  PRO B N   1 
ATOM   862  C  CA  . PRO B 1 40 ? -14.558 -12.222 2.484   1.00 22.12  ? 40  PRO B CA  1 
ATOM   863  C  C   . PRO B 1 40 ? -13.057 -11.997 2.584   1.00 17.53  ? 40  PRO B C   1 
ATOM   864  O  O   . PRO B 1 40 ? -12.288 -12.929 2.687   1.00 19.05  ? 40  PRO B O   1 
ATOM   865  C  CB  . PRO B 1 40 ? -15.165 -12.405 3.881   1.00 20.56  ? 40  PRO B CB  1 
ATOM   866  C  CG  . PRO B 1 40 ? -16.003 -13.598 3.826   1.00 19.63  ? 40  PRO B CG  1 
ATOM   867  C  CD  . PRO B 1 40 ? -15.452 -14.447 2.744   1.00 24.26  ? 40  PRO B CD  1 
ATOM   868  N  N   . PHE B 1 41 ? -12.669 -10.733 2.532   1.00 23.94  ? 41  PHE B N   1 
ATOM   869  C  CA  . PHE B 1 41 ? -11.305 -10.328 2.793   1.00 20.41  ? 41  PHE B CA  1 
ATOM   870  C  C   . PHE B 1 41 ? -10.854 -10.833 4.127   1.00 22.00  ? 41  PHE B C   1 
ATOM   871  O  O   . PHE B 1 41 ? -11.630 -10.807 5.093   1.00 23.58  ? 41  PHE B O   1 
ATOM   872  C  CB  . PHE B 1 41 ? -11.180 -8.814  2.775   1.00 22.04  ? 41  PHE B CB  1 
ATOM   873  C  CG  . PHE B 1 41 ? -10.628 -8.291  1.519   1.00 24.52  ? 41  PHE B CG  1 
ATOM   874  C  CD1 . PHE B 1 41 ? -9.451  -7.571  1.511   1.00 23.06  ? 41  PHE B CD1 1 
ATOM   875  C  CD2 . PHE B 1 41 ? -11.276 -8.550  0.331   1.00 25.54  ? 41  PHE B CD2 1 
ATOM   876  C  CE1 . PHE B 1 41 ? -8.943  -7.100  0.339   1.00 23.40  ? 41  PHE B CE1 1 
ATOM   877  C  CE2 . PHE B 1 41 ? -10.776 -8.085  -0.844  1.00 23.90  ? 41  PHE B CE2 1 
ATOM   878  C  CZ  . PHE B 1 41 ? -9.610  -7.358  -0.843  1.00 23.24  ? 41  PHE B CZ  1 
ATOM   879  N  N   . PRO B 1 42 ? -9.600  -11.286 4.204   1.00 24.24  ? 42  PRO B N   1 
ATOM   880  C  CA  . PRO B 1 42 ? -9.086  -11.650 5.518   1.00 23.26  ? 42  PRO B CA  1 
ATOM   881  C  C   . PRO B 1 42 ? -8.996  -10.399 6.364   1.00 21.17  ? 42  PRO B C   1 
ATOM   882  O  O   . PRO B 1 42 ? -9.015  -9.300  5.802   1.00 20.62  ? 42  PRO B O   1 
ATOM   883  C  CB  . PRO B 1 42 ? -7.711  -12.230 5.207   1.00 18.69  ? 42  PRO B CB  1 
ATOM   884  C  CG  . PRO B 1 42 ? -7.313  -11.532 3.990   1.00 22.11  ? 42  PRO B CG  1 
ATOM   885  C  CD  . PRO B 1 42 ? -8.550  -11.332 3.180   1.00 23.94  ? 42  PRO B CD  1 
ATOM   886  N  N   . THR B 1 43 ? -8.953  -10.547 7.683   1.00 21.62  ? 43  THR B N   1 
ATOM   887  C  CA  . THR B 1 43 ? -8.745  -9.388  8.530   1.00 19.77  ? 43  THR B CA  1 
ATOM   888  C  C   . THR B 1 43 ? -7.285  -9.003  8.434   1.00 19.32  ? 43  THR B C   1 
ATOM   889  O  O   . THR B 1 43 ? -6.410  -9.801  8.747   1.00 22.35  ? 43  THR B O   1 
ATOM   890  C  CB  . THR B 1 43 ? -9.141  -9.662  9.982   1.00 18.59  ? 43  THR B CB  1 
ATOM   891  O  OG1 . THR B 1 43 ? -10.572 -9.738  10.081  1.00 21.66  ? 43  THR B OG1 1 
ATOM   892  C  CG2 . THR B 1 43 ? -8.636  -8.558  10.878  1.00 17.62  ? 43  THR B CG2 1 
ATOM   893  N  N   . ILE B 1 44 ? -7.034  -7.784  7.976   1.00 17.12  ? 44  ILE B N   1 
ATOM   894  C  CA  . ILE B 1 44 ? -5.680  -7.280  7.807   1.00 18.01  ? 44  ILE B CA  1 
ATOM   895  C  C   . ILE B 1 44 ? -5.193  -6.453  9.010   1.00 16.61  ? 44  ILE B C   1 
ATOM   896  O  O   . ILE B 1 44 ? -5.875  -5.549  9.494   1.00 18.50  ? 44  ILE B O   1 
ATOM   897  C  CB  . ILE B 1 44 ? -5.576  -6.427  6.538   1.00 18.28  ? 44  ILE B CB  1 
ATOM   898  C  CG1 . ILE B 1 44 ? -5.924  -7.268  5.315   1.00 17.25  ? 44  ILE B CG1 1 
ATOM   899  C  CG2 . ILE B 1 44 ? -4.185  -5.797  6.404   1.00 15.62  ? 44  ILE B CG2 1 
ATOM   900  C  CD1 . ILE B 1 44 ? -6.212  -6.439  4.116   1.00 15.16  ? 44  ILE B CD1 1 
ATOM   901  N  N   . TYR B 1 45 ? -3.998  -6.781  9.479   1.00 19.37  ? 45  TYR B N   1 
ATOM   902  C  CA  . TYR B 1 45 ? -3.355  -6.043  10.556  1.00 16.64  ? 45  TYR B CA  1 
ATOM   903  C  C   . TYR B 1 45 ? -2.161  -5.241  10.049  1.00 17.55  ? 45  TYR B C   1 
ATOM   904  O  O   . TYR B 1 45 ? -1.450  -5.652  9.136   1.00 16.14  ? 45  TYR B O   1 
ATOM   905  C  CB  . TYR B 1 45 ? -2.935  -7.000  11.658  1.00 16.87  ? 45  TYR B CB  1 
ATOM   906  C  CG  . TYR B 1 45 ? -4.119  -7.597  12.360  1.00 19.51  ? 45  TYR B CG  1 
ATOM   907  C  CD1 . TYR B 1 45 ? -4.860  -6.844  13.259  1.00 20.78  ? 45  TYR B CD1 1 
ATOM   908  C  CD2 . TYR B 1 45 ? -4.514  -8.906  12.120  1.00 19.83  ? 45  TYR B CD2 1 
ATOM   909  C  CE1 . TYR B 1 45 ? -5.953  -7.375  13.901  1.00 17.86  ? 45  TYR B CE1 1 
ATOM   910  C  CE2 . TYR B 1 45 ? -5.614  -9.444  12.766  1.00 20.04  ? 45  TYR B CE2 1 
ATOM   911  C  CZ  . TYR B 1 45 ? -6.322  -8.667  13.659  1.00 17.66  ? 45  TYR B CZ  1 
ATOM   912  O  OH  . TYR B 1 45 ? -7.413  -9.180  14.308  1.00 18.66  ? 45  TYR B OH  1 
ATOM   913  N  N   . VAL B 1 46 ? -1.963  -4.072  10.632  1.00 17.78  ? 46  VAL B N   1 
ATOM   914  C  CA  . VAL B 1 46 ? -0.911  -3.174  10.202  1.00 16.08  ? 46  VAL B CA  1 
ATOM   915  C  C   . VAL B 1 46 ? -0.028  -2.816  11.399  1.00 21.36  ? 46  VAL B C   1 
ATOM   916  O  O   . VAL B 1 46 ? -0.326  -3.202  12.523  1.00 20.32  ? 46  VAL B O   1 
ATOM   917  C  CB  . VAL B 1 46 ? -1.507  -1.908  9.571   1.00 19.17  ? 46  VAL B CB  1 
ATOM   918  C  CG1 . VAL B 1 46 ? -2.265  -2.271  8.311   1.00 23.11  ? 46  VAL B CG1 1 
ATOM   919  C  CG2 . VAL B 1 46 ? -2.449  -1.231  10.530  1.00 16.63  ? 46  VAL B CG2 1 
ATOM   920  N  N   . ASP B 1 47 ? 1.067   -2.110  11.151  1.00 23.26  ? 47  ASP B N   1 
ATOM   921  C  CA  . ASP B 1 47 ? 1.853   -1.532  12.232  1.00 24.18  ? 47  ASP B CA  1 
ATOM   922  C  C   . ASP B 1 47 ? 0.974   -0.738  13.169  1.00 23.41  ? 47  ASP B C   1 
ATOM   923  O  O   . ASP B 1 47 ? 0.150   0.053   12.724  1.00 30.33  ? 47  ASP B O   1 
ATOM   924  C  CB  . ASP B 1 47 ? 2.935   -0.614  11.683  1.00 21.03  ? 47  ASP B CB  1 
ATOM   925  C  CG  . ASP B 1 47 ? 3.936   -1.347  10.882  1.00 18.88  ? 47  ASP B CG  1 
ATOM   926  O  OD1 . ASP B 1 47 ? 3.985   -2.580  11.049  1.00 23.35  ? 47  ASP B OD1 1 
ATOM   927  O  OD2 . ASP B 1 47 ? 4.687   -0.721  10.116  1.00 18.85  ? 47  ASP B OD2 1 
ATOM   928  N  N   . SER B 1 48 ? 1.126   -0.951  14.466  1.00 24.01  ? 48  SER B N   1 
ATOM   929  C  CA  . SER B 1 48 ? 0.528   -0.026  15.412  1.00 26.89  ? 48  SER B CA  1 
ATOM   930  C  C   . SER B 1 48 ? 1.388   1.210   15.374  1.00 30.59  ? 48  SER B C   1 
ATOM   931  O  O   . SER B 1 48 ? 2.612   1.121   15.301  1.00 28.83  ? 48  SER B O   1 
ATOM   932  C  CB  . SER B 1 48 ? 0.468   -0.604  16.823  1.00 26.90  ? 48  SER B CB  1 
ATOM   933  O  OG  . SER B 1 48 ? -0.074  0.336   17.734  1.00 32.03  ? 48  SER B OG  1 
ATOM   934  N  N   . GLN B 1 49 ? 0.768   2.373   15.412  1.00 30.35  ? 49  GLN B N   1 
ATOM   935  C  CA  . GLN B 1 49 ? 1.580   3.573   15.407  1.00 33.29  ? 49  GLN B CA  1 
ATOM   936  C  C   . GLN B 1 49 ? 2.040   3.900   16.818  1.00 37.51  ? 49  GLN B C   1 
ATOM   937  O  O   . GLN B 1 49 ? 2.721   4.898   17.040  1.00 32.01  ? 49  GLN B O   1 
ATOM   938  C  CB  . GLN B 1 49 ? 0.816   4.739   14.797  1.00 38.08  ? 49  GLN B CB  1 
ATOM   939  C  CG  . GLN B 1 49 ? 0.945   4.820   13.283  1.00 35.86  ? 49  GLN B CG  1 
ATOM   940  C  CD  . GLN B 1 49 ? -0.376  5.077   12.606  1.00 37.37  ? 49  GLN B CD  1 
ATOM   941  O  OE1 . GLN B 1 49 ? -1.417  4.624   13.075  1.00 44.15  ? 49  GLN B OE1 1 
ATOM   942  N  NE2 . GLN B 1 49 ? -0.348  5.800   11.496  1.00 31.81  ? 49  GLN B NE2 1 
ATOM   943  N  N   . LYS B 1 50 ? 1.669   3.037   17.762  1.00 40.62  ? 50  LYS B N   1 
ATOM   944  C  CA  . LYS B 1 50 ? 2.039   3.191   19.162  1.00 37.63  ? 50  LYS B CA  1 
ATOM   945  C  C   . LYS B 1 50 ? 3.201   2.292   19.521  1.00 36.35  ? 50  LYS B C   1 
ATOM   946  O  O   . LYS B 1 50 ? 3.275   1.158   19.047  1.00 29.61  ? 50  LYS B O   1 
ATOM   947  C  CB  . LYS B 1 50 ? 0.855   2.880   20.073  1.00 33.21  ? 50  LYS B CB  1 
ATOM   948  C  CG  . LYS B 1 50 ? -0.387  3.674   19.746  1.00 32.57  ? 50  LYS B CG  1 
ATOM   949  C  CD  . LYS B 1 50 ? -1.481  3.321   20.688  1.00 33.20  ? 50  LYS B CD  1 
ATOM   950  C  CE  . LYS B 1 50 ? -2.795  3.207   19.947  1.00 47.02  ? 50  LYS B CE  1 
ATOM   951  N  NZ  . LYS B 1 50 ? -3.447  1.877   20.151  1.00 47.36  ? 50  LYS B NZ  1 
ATOM   952  N  N   . GLU B 1 51 ? 4.090   2.820   20.367  1.00 49.99  ? 51  GLU B N   1 
ATOM   953  C  CA  . GLU B 1 51 ? 5.270   2.101   20.857  1.00 53.06  ? 51  GLU B CA  1 
ATOM   954  C  C   . GLU B 1 51 ? 4.827   0.857   21.586  1.00 46.97  ? 51  GLU B C   1 
ATOM   955  O  O   . GLU B 1 51 ? 5.521   -0.178  21.574  1.00 41.10  ? 51  GLU B O   1 
ATOM   956  C  CB  . GLU B 1 51 ? 6.118   2.989   21.799  1.00 50.86  ? 51  GLU B CB  1 
ATOM   957  C  CG  . GLU B 1 51 ? 5.268   3.821   22.798  1.00 49.77  ? 51  GLU B CG  1 
ATOM   958  C  CD  . GLU B 1 51 ? 4.762   5.109   22.148  1.00 45.36  ? 51  GLU B CD  1 
ATOM   959  O  OE1 . GLU B 1 51 ? 5.138   5.344   20.959  1.00 30.71  ? 51  GLU B OE1 1 
ATOM   960  O  OE2 . GLU B 1 51 ? 3.992   5.791   22.838  1.00 55.22  ? 51  GLU B OE2 1 
ATOM   961  N  N   . ASN B 1 52 ? 3.661   0.970   22.213  1.00 44.39  ? 52  ASN B N   1 
ATOM   962  C  CA  . ASN B 1 52 ? 3.136   -0.078  23.050  1.00 45.55  ? 52  ASN B CA  1 
ATOM   963  C  C   . ASN B 1 52 ? 2.762   -1.347  22.322  1.00 41.93  ? 52  ASN B C   1 
ATOM   964  O  O   . ASN B 1 52 ? 2.968   -2.437  22.833  1.00 38.71  ? 52  ASN B O   1 
ATOM   965  C  CB  . ASN B 1 52 ? 1.934   0.463   23.781  1.00 43.43  ? 52  ASN B CB  1 
ATOM   966  C  CG  . ASN B 1 52 ? 2.102   0.387   25.232  1.00 55.08  ? 52  ASN B CG  1 
ATOM   967  O  OD1 . ASN B 1 52 ? 3.213   0.214   25.704  1.00 63.08  ? 52  ASN B OD1 1 
ATOM   968  N  ND2 . ASN B 1 52 ? 1.005   0.484   25.974  1.00 54.70  ? 52  ASN B ND2 1 
ATOM   969  N  N   . GLU B 1 53 ? 2.218   -1.188  21.123  1.00 40.13  ? 53  GLU B N   1 
ATOM   970  C  CA  . GLU B 1 53 ? 1.693   -2.308  20.367  1.00 34.59  ? 53  GLU B CA  1 
ATOM   971  C  C   . GLU B 1 53 ? 2.537   -2.498  19.128  1.00 31.40  ? 53  GLU B C   1 
ATOM   972  O  O   . GLU B 1 53 ? 3.133   -1.562  18.615  1.00 32.48  ? 53  GLU B O   1 
ATOM   973  C  CB  . GLU B 1 53 ? 0.216   -2.084  20.008  1.00 31.68  ? 53  GLU B CB  1 
ATOM   974  C  CG  . GLU B 1 53 ? -0.711  -2.256  21.206  1.00 38.17  ? 53  GLU B CG  1 
ATOM   975  C  CD  . GLU B 1 53 ? -1.865  -1.272  21.239  1.00 42.42  ? 53  GLU B CD  1 
ATOM   976  O  OE1 . GLU B 1 53 ? -1.950  -0.507  22.230  1.00 28.33  ? 53  GLU B OE1 1 
ATOM   977  O  OE2 . GLU B 1 53 ? -2.700  -1.290  20.304  1.00 40.52  ? 53  GLU B OE2 1 
ATOM   978  N  N   . ARG B 1 54 ? 2.635   -3.735  18.685  1.00 24.15  ? 54  ARG B N   1 
ATOM   979  C  CA  . ARG B 1 54 ? 3.295   -4.033  17.443  1.00 22.24  ? 54  ARG B CA  1 
ATOM   980  C  C   . ARG B 1 54 ? 2.277   -3.860  16.339  1.00 22.50  ? 54  ARG B C   1 
ATOM   981  O  O   . ARG B 1 54 ? 2.513   -3.179  15.348  1.00 25.98  ? 54  ARG B O   1 
ATOM   982  C  CB  . ARG B 1 54 ? 3.847   -5.454  17.471  1.00 23.72  ? 54  ARG B CB  1 
ATOM   983  C  CG  . ARG B 1 54 ? 4.359   -5.970  16.139  1.00 26.50  ? 54  ARG B CG  1 
ATOM   984  C  CD  . ARG B 1 54 ? 5.584   -5.225  15.691  1.00 20.06  ? 54  ARG B CD  1 
ATOM   985  N  NE  . ARG B 1 54 ? 6.048   -5.714  14.403  1.00 21.15  ? 54  ARG B NE  1 
ATOM   986  C  CZ  . ARG B 1 54 ? 5.577   -5.296  13.234  1.00 20.42  ? 54  ARG B CZ  1 
ATOM   987  N  NH1 . ARG B 1 54 ? 4.616   -4.381  13.193  1.00 22.81  ? 54  ARG B NH1 1 
ATOM   988  N  NH2 . ARG B 1 54 ? 6.058   -5.788  12.101  1.00 22.39  ? 54  ARG B NH2 1 
ATOM   989  N  N   . TRP B 1 55 ? 1.118   -4.463  16.562  1.00 23.36  ? 55  TRP B N   1 
ATOM   990  C  CA  . TRP B 1 55 ? 0.111   -4.631  15.539  1.00 20.53  ? 55  TRP B CA  1 
ATOM   991  C  C   . TRP B 1 55 ? -1.183  -3.916  15.846  1.00 22.28  ? 55  TRP B C   1 
ATOM   992  O  O   . TRP B 1 55 ? -1.522  -3.659  16.993  1.00 24.41  ? 55  TRP B O   1 
ATOM   993  C  CB  . TRP B 1 55 ? -0.200  -6.105  15.338  1.00 16.87  ? 55  TRP B CB  1 
ATOM   994  C  CG  . TRP B 1 55 ? 0.913   -6.921  14.841  1.00 18.53  ? 55  TRP B CG  1 
ATOM   995  C  CD1 . TRP B 1 55 ? 1.586   -7.877  15.525  1.00 19.30  ? 55  TRP B CD1 1 
ATOM   996  C  CD2 . TRP B 1 55 ? 1.471   -6.900  13.530  1.00 22.88  ? 55  TRP B CD2 1 
ATOM   997  N  NE1 . TRP B 1 55 ? 2.545   -8.450  14.732  1.00 17.97  ? 55  TRP B NE1 1 
ATOM   998  C  CE2 . TRP B 1 55 ? 2.495   -7.862  13.488  1.00 16.19  ? 55  TRP B CE2 1 
ATOM   999  C  CE3 . TRP B 1 55 ? 1.217   -6.148  12.374  1.00 19.55  ? 55  TRP B CE3 1 
ATOM   1000 C  CZ2 . TRP B 1 55 ? 3.255   -8.103  12.363  1.00 17.98  ? 55  TRP B CZ2 1 
ATOM   1001 C  CZ3 . TRP B 1 55 ? 1.976   -6.385  11.256  1.00 15.91  ? 55  TRP B CZ3 1 
ATOM   1002 C  CH2 . TRP B 1 55 ? 2.982   -7.353  11.258  1.00 16.78  ? 55  TRP B CH2 1 
ATOM   1003 N  N   . ASN B 1 56 ? -1.927  -3.649  14.787  1.00 23.23  ? 56  ASN B N   1 
ATOM   1004 C  CA  . ASN B 1 56 ? -3.169  -2.925  14.861  1.00 21.84  ? 56  ASN B CA  1 
ATOM   1005 C  C   . ASN B 1 56 ? -4.016  -3.289  13.648  1.00 22.94  ? 56  ASN B C   1 
ATOM   1006 O  O   . ASN B 1 56 ? -3.485  -3.502  12.564  1.00 23.38  ? 56  ASN B O   1 
ATOM   1007 C  CB  . ASN B 1 56 ? -2.878  -1.433  14.916  1.00 28.12  ? 56  ASN B CB  1 
ATOM   1008 C  CG  . ASN B 1 56 ? -4.066  -0.632  15.291  1.00 29.05  ? 56  ASN B CG  1 
ATOM   1009 O  OD1 . ASN B 1 56 ? -4.897  -1.057  16.095  1.00 26.41  ? 56  ASN B OD1 1 
ATOM   1010 N  ND2 . ASN B 1 56 ? -4.173  0.550   14.704  1.00 34.42  ? 56  ASN B ND2 1 
ATOM   1011 N  N   . VAL B 1 57 ? -5.323  -3.393  13.824  1.00 24.65  ? 57  VAL B N   1 
ATOM   1012 C  CA  . VAL B 1 57 ? -6.203  -3.681  12.698  1.00 21.96  ? 57  VAL B CA  1 
ATOM   1013 C  C   . VAL B 1 57 ? -6.174  -2.518  11.696  1.00 24.51  ? 57  VAL B C   1 
ATOM   1014 O  O   . VAL B 1 57 ? -6.100  -1.352  12.087  1.00 26.72  ? 57  VAL B O   1 
ATOM   1015 C  CB  . VAL B 1 57 ? -7.647  -3.953  13.182  1.00 22.88  ? 57  VAL B CB  1 
ATOM   1016 C  CG1 . VAL B 1 57 ? -8.173  -2.780  13.999  1.00 16.90  ? 57  VAL B CG1 1 
ATOM   1017 C  CG2 . VAL B 1 57 ? -8.569  -4.268  12.014  1.00 20.09  ? 57  VAL B CG2 1 
ATOM   1018 N  N   . ILE B 1 58 ? -6.201  -2.842  10.406  1.00 20.17  ? 58  ILE B N   1 
ATOM   1019 C  CA  . ILE B 1 58 ? -6.172  -1.838  9.349   1.00 19.81  ? 58  ILE B CA  1 
ATOM   1020 C  C   . ILE B 1 58 ? -7.256  -0.784  9.604   1.00 22.22  ? 58  ILE B C   1 
ATOM   1021 O  O   . ILE B 1 58 ? -8.271  -1.091  10.223  1.00 25.08  ? 58  ILE B O   1 
ATOM   1022 C  CB  . ILE B 1 58 ? -6.360  -2.510  7.950   1.00 17.81  ? 58  ILE B CB  1 
ATOM   1023 C  CG1 . ILE B 1 58 ? -6.127  -1.517  6.816   1.00 20.60  ? 58  ILE B CG1 1 
ATOM   1024 C  CG2 . ILE B 1 58 ? -7.726  -3.160  7.818   1.00 16.67  ? 58  ILE B CG2 1 
ATOM   1025 C  CD1 . ILE B 1 58 ? -6.197  -2.137  5.472   1.00 19.10  ? 58  ILE B CD1 1 
ATOM   1026 N  N   . SER B 1 59 ? -7.051  0.455   9.164   1.00 19.99  ? 59  SER B N   1 
ATOM   1027 C  CA  . SER B 1 59 ? -8.109  1.453   9.313   1.00 23.11  ? 59  SER B CA  1 
ATOM   1028 C  C   . SER B 1 59 ? -9.266  1.183   8.349   1.00 22.62  ? 59  SER B C   1 
ATOM   1029 O  O   . SER B 1 59 ? -9.116  0.504   7.340   1.00 24.17  ? 59  SER B O   1 
ATOM   1030 C  CB  . SER B 1 59 ? -7.572  2.863   9.096   1.00 23.53  ? 59  SER B CB  1 
ATOM   1031 O  OG  . SER B 1 59 ? -7.217  3.056   7.750   1.00 30.62  ? 59  SER B OG  1 
ATOM   1032 N  N   . LYS B 1 60 ? -10.435 1.720   8.670   1.00 24.84  ? 60  LYS B N   1 
ATOM   1033 C  CA  . LYS B 1 60 ? -11.597 1.545   7.811   1.00 30.46  ? 60  LYS B CA  1 
ATOM   1034 C  C   . LYS B 1 60 ? -11.414 2.234   6.456   1.00 27.79  ? 60  LYS B C   1 
ATOM   1035 O  O   . LYS B 1 60 ? -11.957 1.778   5.443   1.00 25.12  ? 60  LYS B O   1 
ATOM   1036 C  CB  . LYS B 1 60 ? -12.861 2.068   8.501   1.00 31.40  ? 60  LYS B CB  1 
ATOM   1037 C  CG  . LYS B 1 60 ? -13.133 1.394   9.821   1.00 40.18  ? 60  LYS B CG  1 
ATOM   1038 C  CD  . LYS B 1 60 ? -14.406 1.887   10.462  1.00 49.53  ? 60  LYS B CD  1 
ATOM   1039 C  CE  . LYS B 1 60 ? -14.941 0.862   11.447  1.00 51.79  ? 60  LYS B CE  1 
ATOM   1040 N  NZ  . LYS B 1 60 ? -13.997 0.701   12.591  1.00 55.88  ? 60  LYS B NZ  1 
ATOM   1041 N  N   . SER B 1 61 ? -10.641 3.317   6.441   1.00 26.76  ? 61  SER B N   1 
ATOM   1042 C  CA  . SER B 1 61 ? -10.387 4.039   5.204   1.00 26.14  ? 61  SER B CA  1 
ATOM   1043 C  C   . SER B 1 61 ? -9.427  3.262   4.339   1.00 22.00  ? 61  SER B C   1 
ATOM   1044 O  O   . SER B 1 61 ? -9.565  3.233   3.127   1.00 22.90  ? 61  SER B O   1 
ATOM   1045 C  CB  . SER B 1 61 ? -9.820  5.437   5.473   1.00 25.06  ? 61  SER B CB  1 
ATOM   1046 O  OG  . SER B 1 61 ? -8.442  5.395   5.789   1.00 25.33  ? 61  SER B OG  1 
ATOM   1047 N  N   . GLN B 1 62 ? -8.446  2.638   4.973   1.00 22.56  ? 62  GLN B N   1 
ATOM   1048 C  CA  . GLN B 1 62 ? -7.371  1.990   4.247   1.00 20.14  ? 62  GLN B CA  1 
ATOM   1049 C  C   . GLN B 1 62 ? -7.903  0.692   3.664   1.00 19.41  ? 62  GLN B C   1 
ATOM   1050 O  O   . GLN B 1 62 ? -7.515  0.269   2.571   1.00 20.56  ? 62  GLN B O   1 
ATOM   1051 C  CB  . GLN B 1 62 ? -6.175  1.743   5.176   1.00 22.50  ? 62  GLN B CB  1 
ATOM   1052 C  CG  . GLN B 1 62 ? -4.825  2.051   4.561   1.00 26.74  ? 62  GLN B CG  1 
ATOM   1053 C  CD  . GLN B 1 62 ? -3.672  1.398   5.318   1.00 26.55  ? 62  GLN B CD  1 
ATOM   1054 O  OE1 . GLN B 1 62 ? -3.469  1.642   6.507   1.00 24.73  ? 62  GLN B OE1 1 
ATOM   1055 N  NE2 . GLN B 1 62 ? -2.923  0.545   4.627   1.00 22.05  ? 62  GLN B NE2 1 
ATOM   1056 N  N   . LEU B 1 63 ? -8.811  0.075   4.414   1.00 25.23  ? 63  LEU B N   1 
ATOM   1057 C  CA  . LEU B 1 63 ? -9.459  -1.164  4.013   1.00 22.60  ? 63  LEU B CA  1 
ATOM   1058 C  C   . LEU B 1 63 ? -10.359 -0.944  2.796   1.00 20.74  ? 63  LEU B C   1 
ATOM   1059 O  O   . LEU B 1 63 ? -10.288 -1.667  1.803   1.00 19.67  ? 63  LEU B O   1 
ATOM   1060 C  CB  . LEU B 1 63 ? -10.258 -1.722  5.181   1.00 18.84  ? 63  LEU B CB  1 
ATOM   1061 C  CG  . LEU B 1 63 ? -10.959 -3.040  4.910   1.00 18.14  ? 63  LEU B CG  1 
ATOM   1062 C  CD1 . LEU B 1 63 ? -9.950  -4.056  4.394   1.00 23.85  ? 63  LEU B CD1 1 
ATOM   1063 C  CD2 . LEU B 1 63 ? -11.621 -3.529  6.169   1.00 17.35  ? 63  LEU B CD2 1 
ATOM   1064 N  N   . LYS B 1 64 ? -11.202 0.071   2.886   1.00 19.86  ? 64  LYS B N   1 
ATOM   1065 C  CA  . LYS B 1 64 ? -12.083 0.443   1.802   1.00 22.07  ? 64  LYS B CA  1 
ATOM   1066 C  C   . LYS B 1 64 ? -11.335 0.714   0.493   1.00 23.71  ? 64  LYS B C   1 
ATOM   1067 O  O   . LYS B 1 64 ? -11.793 0.340   -0.587  1.00 25.80  ? 64  LYS B O   1 
ATOM   1068 C  CB  . LYS B 1 64 ? -12.887 1.668   2.210   1.00 27.29  ? 64  LYS B CB  1 
ATOM   1069 C  CG  . LYS B 1 64 ? -13.566 2.377   1.072   1.00 22.02  ? 64  LYS B CG  1 
ATOM   1070 C  CD  . LYS B 1 64 ? -14.365 3.508   1.605   1.00 22.52  ? 64  LYS B CD  1 
ATOM   1071 C  CE  . LYS B 1 64 ? -15.145 4.161   0.506   1.00 32.28  ? 64  LYS B CE  1 
ATOM   1072 N  NZ  . LYS B 1 64 ? -16.587 3.865   0.669   1.00 44.12  ? 64  LYS B NZ  1 
ATOM   1073 N  N   . ASN B 1 65 ? -10.181 1.361   0.596   1.00 24.48  ? 65  ASN B N   1 
ATOM   1074 C  CA  . ASN B 1 65 ? -9.364  1.681   -0.572  1.00 22.67  ? 65  ASN B CA  1 
ATOM   1075 C  C   . ASN B 1 65 ? -8.739  0.443   -1.224  1.00 20.18  ? 65  ASN B C   1 
ATOM   1076 O  O   . ASN B 1 65 ? -8.646  0.336   -2.445  1.00 22.63  ? 65  ASN B O   1 
ATOM   1077 C  CB  . ASN B 1 65 ? -8.275  2.667   -0.171  1.00 19.90  ? 65  ASN B CB  1 
ATOM   1078 C  CG  . ASN B 1 65 ? -7.672  3.374   -1.352  1.00 28.44  ? 65  ASN B CG  1 
ATOM   1079 O  OD1 . ASN B 1 65 ? -6.951  2.777   -2.148  1.00 26.86  ? 65  ASN B OD1 1 
ATOM   1080 N  ND2 . ASN B 1 65 ? -7.972  4.663   -1.482  1.00 34.75  ? 65  ASN B ND2 1 
ATOM   1081 N  N   . ILE B 1 66 ? -8.309  -0.484  -0.381  1.00 16.74  ? 66  ILE B N   1 
ATOM   1082 C  CA  . ILE B 1 66 ? -7.767  -1.762  -0.806  1.00 13.03  ? 66  ILE B CA  1 
ATOM   1083 C  C   . ILE B 1 66 ? -8.823  -2.588  -1.504  1.00 15.80  ? 66  ILE B C   1 
ATOM   1084 O  O   . ILE B 1 66 ? -8.570  -3.192  -2.533  1.00 16.26  ? 66  ILE B O   1 
ATOM   1085 C  CB  . ILE B 1 66 ? -7.217  -2.542  0.401   1.00 15.49  ? 66  ILE B CB  1 
ATOM   1086 C  CG1 . ILE B 1 66 ? -5.896  -1.935  0.842   1.00 18.67  ? 66  ILE B CG1 1 
ATOM   1087 C  CG2 . ILE B 1 66 ? -7.013  -4.011  0.084   1.00 17.16  ? 66  ILE B CG2 1 
ATOM   1088 C  CD1 . ILE B 1 66 ? -5.269  -2.674  1.958   1.00 21.44  ? 66  ILE B CD1 1 
ATOM   1089 N  N   . LYS B 1 67 ? -10.016 -2.602  -0.928  1.00 17.92  ? 67  LYS B N   1 
ATOM   1090 C  CA  . LYS B 1 67 ? -11.115 -3.381  -1.474  1.00 16.63  ? 67  LYS B CA  1 
ATOM   1091 C  C   . LYS B 1 67 ? -11.621 -2.809  -2.802  1.00 19.53  ? 67  LYS B C   1 
ATOM   1092 O  O   . LYS B 1 67 ? -11.965 -3.566  -3.703  1.00 18.15  ? 67  LYS B O   1 
ATOM   1093 C  CB  . LYS B 1 67 ? -12.246 -3.469  -0.468  1.00 13.27  ? 67  LYS B CB  1 
ATOM   1094 C  CG  . LYS B 1 67 ? -11.996 -4.474  0.599   1.00 16.15  ? 67  LYS B CG  1 
ATOM   1095 C  CD  . LYS B 1 67 ? -13.215 -4.646  1.452   1.00 19.86  ? 67  LYS B CD  1 
ATOM   1096 C  CE  . LYS B 1 67 ? -12.880 -5.343  2.743   1.00 20.39  ? 67  LYS B CE  1 
ATOM   1097 N  NZ  . LYS B 1 67 ? -14.060 -5.405  3.640   1.00 24.67  ? 67  LYS B NZ  1 
ATOM   1098 N  N   . LYS B 1 68 ? -11.668 -1.482  -2.914  1.00 20.39  ? 68  LYS B N   1 
ATOM   1099 C  CA  . LYS B 1 68 ? -12.004 -0.825  -4.174  1.00 17.83  ? 68  LYS B CA  1 
ATOM   1100 C  C   . LYS B 1 68 ? -11.113 -1.320  -5.281  1.00 16.34  ? 68  LYS B C   1 
ATOM   1101 O  O   . LYS B 1 68 ? -11.565 -1.680  -6.357  1.00 17.94  ? 68  LYS B O   1 
ATOM   1102 C  CB  . LYS B 1 68 ? -11.849 0.694   -4.074  1.00 27.78  ? 68  LYS B CB  1 
ATOM   1103 C  CG  . LYS B 1 68 ? -13.016 1.435   -3.476  1.00 26.76  ? 68  LYS B CG  1 
ATOM   1104 C  CD  . LYS B 1 68 ? -13.292 2.690   -4.284  1.00 28.04  ? 68  LYS B CD  1 
ATOM   1105 C  CE  . LYS B 1 68 ? -14.220 3.647   -3.552  1.00 30.17  ? 68  LYS B CE  1 
ATOM   1106 N  NZ  . LYS B 1 68 ? -13.477 4.754   -2.910  1.00 34.20  ? 68  LYS B NZ  1 
HETATM 1107 N  N   . MSE B 1 69 ? -9.825  -1.300  -4.999  1.00 16.85  ? 69  MSE B N   1 
HETATM 1108 C  CA  . MSE B 1 69 ? -8.804  -1.759  -5.915  1.00 14.26  ? 69  MSE B CA  1 
HETATM 1109 C  C   . MSE B 1 69 ? -8.940  -3.232  -6.219  1.00 14.32  ? 69  MSE B C   1 
HETATM 1110 O  O   . MSE B 1 69 ? -8.745  -3.651  -7.345  1.00 20.14  ? 69  MSE B O   1 
HETATM 1111 C  CB  . MSE B 1 69 ? -7.437  -1.484  -5.317  1.00 17.15  ? 69  MSE B CB  1 
HETATM 1112 C  CG  . MSE B 1 69 ? -6.307  -1.708  -6.250  1.00 24.32  ? 69  MSE B CG  1 
HETATM 1113 SE SE  . MSE B 1 69 ? -5.080  -0.225  -6.125  1.00 87.80  ? 69  MSE B SE  1 
HETATM 1114 C  CE  . MSE B 1 69 ? -6.241  1.230   -6.740  1.00 34.39  ? 69  MSE B CE  1 
ATOM   1115 N  N   . TRP B 1 70 ? -9.279  -4.013  -5.200  1.00 14.40  ? 70  TRP B N   1 
ATOM   1116 C  CA  . TRP B 1 70 ? -9.402  -5.451  -5.330  1.00 14.35  ? 70  TRP B CA  1 
ATOM   1117 C  C   . TRP B 1 70 ? -10.545 -5.832  -6.250  1.00 14.87  ? 70  TRP B C   1 
ATOM   1118 O  O   . TRP B 1 70 ? -10.396 -6.684  -7.110  1.00 17.37  ? 70  TRP B O   1 
ATOM   1119 C  CB  . TRP B 1 70 ? -9.606  -6.101  -3.962  1.00 15.36  ? 70  TRP B CB  1 
ATOM   1120 C  CG  . TRP B 1 70 ? -9.625  -7.585  -4.029  1.00 16.51  ? 70  TRP B CG  1 
ATOM   1121 C  CD1 . TRP B 1 70 ? -8.555  -8.421  -3.906  1.00 17.87  ? 70  TRP B CD1 1 
ATOM   1122 C  CD2 . TRP B 1 70 ? -10.766 -8.424  -4.226  1.00 17.94  ? 70  TRP B CD2 1 
ATOM   1123 N  NE1 . TRP B 1 70 ? -8.957  -9.726  -4.031  1.00 21.24  ? 70  TRP B NE1 1 
ATOM   1124 C  CE2 . TRP B 1 70 ? -10.312 -9.754  -4.227  1.00 19.42  ? 70  TRP B CE2 1 
ATOM   1125 C  CE3 . TRP B 1 70 ? -12.126 -8.177  -4.408  1.00 17.57  ? 70  TRP B CE3 1 
ATOM   1126 C  CZ2 . TRP B 1 70 ? -11.170 -10.829 -4.407  1.00 16.01  ? 70  TRP B CZ2 1 
ATOM   1127 C  CZ3 . TRP B 1 70 ? -12.967 -9.244  -4.584  1.00 14.98  ? 70  TRP B CZ3 1 
ATOM   1128 C  CH2 . TRP B 1 70 ? -12.489 -10.552 -4.580  1.00 15.64  ? 70  TRP B CH2 1 
ATOM   1129 N  N   . HIS B 1 71 ? -11.694 -5.203  -6.061  1.00 16.97  ? 71  HIS B N   1 
ATOM   1130 C  CA  . HIS B 1 71 ? -12.855 -5.481  -6.903  1.00 18.66  ? 71  HIS B CA  1 
ATOM   1131 C  C   . HIS B 1 71 ? -12.587 -5.117  -8.352  1.00 22.32  ? 71  HIS B C   1 
ATOM   1132 O  O   . HIS B 1 71 ? -12.938 -5.856  -9.271  1.00 23.14  ? 71  HIS B O   1 
ATOM   1133 C  CB  . HIS B 1 71 ? -14.082 -4.712  -6.427  1.00 19.83  ? 71  HIS B CB  1 
ATOM   1134 C  CG  . HIS B 1 71 ? -14.751 -5.307  -5.231  1.00 17.35  ? 71  HIS B CG  1 
ATOM   1135 N  ND1 . HIS B 1 71 ? -14.505 -4.878  -3.949  1.00 15.24  ? 71  HIS B ND1 1 
ATOM   1136 C  CD2 . HIS B 1 71 ? -15.676 -6.291  -5.132  1.00 19.08  ? 71  HIS B CD2 1 
ATOM   1137 C  CE1 . HIS B 1 71 ? -15.242 -5.577  -3.104  1.00 19.77  ? 71  HIS B CE1 1 
ATOM   1138 N  NE2 . HIS B 1 71 ? -15.962 -6.438  -3.799  1.00 22.50  ? 71  HIS B NE2 1 
ATOM   1139 N  N   . ARG B 1 72 ? -11.977 -3.956  -8.550  1.00 17.41  ? 72  ARG B N   1 
ATOM   1140 C  CA  . ARG B 1 72 ? -11.704 -3.488  -9.890  1.00 22.07  ? 72  ARG B CA  1 
ATOM   1141 C  C   . ARG B 1 72 ? -10.660 -4.365  -10.544 1.00 23.40  ? 72  ARG B C   1 
ATOM   1142 O  O   . ARG B 1 72 ? -10.691 -4.572  -11.753 1.00 28.10  ? 72  ARG B O   1 
ATOM   1143 C  CB  . ARG B 1 72 ? -11.278 -2.028  -9.863  1.00 21.84  ? 72  ARG B CB  1 
ATOM   1144 C  CG  . ARG B 1 72 ? -12.477 -1.087  -9.754  1.00 21.05  ? 72  ARG B CG  1 
ATOM   1145 C  CD  . ARG B 1 72 ? -12.079 0.369   -9.852  1.00 26.03  ? 72  ARG B CD  1 
ATOM   1146 N  NE  . ARG B 1 72 ? -11.749 0.921   -8.542  1.00 30.80  ? 72  ARG B NE  1 
ATOM   1147 C  CZ  . ARG B 1 72 ? -10.511 1.058   -8.075  1.00 27.74  ? 72  ARG B CZ  1 
ATOM   1148 N  NH1 . ARG B 1 72 ? -10.304 1.568   -6.870  1.00 28.58  ? 72  ARG B NH1 1 
ATOM   1149 N  NH2 . ARG B 1 72 ? -9.479  0.684   -8.812  1.00 24.27  ? 72  ARG B NH2 1 
ATOM   1150 N  N   . GLU B 1 73 ? -9.755  -4.910  -9.736  1.00 19.81  ? 73  GLU B N   1 
ATOM   1151 C  CA  . GLU B 1 73 ? -8.791  -5.903  -10.211 1.00 20.44  ? 73  GLU B CA  1 
ATOM   1152 C  C   . GLU B 1 73 ? -9.435  -7.263  -10.495 1.00 25.29  ? 73  GLU B C   1 
ATOM   1153 O  O   . GLU B 1 73 ? -8.869  -8.070  -11.222 1.00 29.63  ? 73  GLU B O   1 
ATOM   1154 C  CB  . GLU B 1 73 ? -7.650  -6.077  -9.203  1.00 24.90  ? 73  GLU B CB  1 
ATOM   1155 C  CG  . GLU B 1 73 ? -6.385  -5.298  -9.533  1.00 36.37  ? 73  GLU B CG  1 
ATOM   1156 C  CD  . GLU B 1 73 ? -5.664  -5.806  -10.786 1.00 36.88  ? 73  GLU B CD  1 
ATOM   1157 O  OE1 . GLU B 1 73 ? -5.812  -5.166  -11.853 1.00 35.18  ? 73  GLU B OE1 1 
ATOM   1158 O  OE2 . GLU B 1 73 ? -4.942  -6.827  -10.700 1.00 26.59  ? 73  GLU B OE2 1 
ATOM   1159 N  N   . GLN B 1 74 ? -10.610 -7.527  -9.931  1.00 26.50  ? 74  GLN B N   1 
ATOM   1160 C  CA  . GLN B 1 74 ? -11.313 -8.773  -10.241 1.00 25.69  ? 74  GLN B CA  1 
ATOM   1161 C  C   . GLN B 1 74 ? -12.145 -8.645  -11.510 1.00 27.79  ? 74  GLN B C   1 
ATOM   1162 O  O   . GLN B 1 74 ? -12.897 -9.550  -11.852 1.00 28.44  ? 74  GLN B O   1 
ATOM   1163 C  CB  . GLN B 1 74 ? -12.199 -9.211  -9.079  1.00 19.31  ? 74  GLN B CB  1 
ATOM   1164 C  CG  . GLN B 1 74 ? -11.436 -9.872  -7.958  1.00 23.70  ? 74  GLN B CG  1 
ATOM   1165 C  CD  . GLN B 1 74 ? -10.921 -11.253 -8.328  1.00 26.98  ? 74  GLN B CD  1 
ATOM   1166 O  OE1 . GLN B 1 74 ? -11.628 -12.039 -8.952  1.00 31.69  ? 74  GLN B OE1 1 
ATOM   1167 N  NE2 . GLN B 1 74 ? -9.688  -11.558 -7.935  1.00 27.97  ? 74  GLN B NE2 1 
HETATM 1168 N  N   . MSE B 1 75 ? -11.993 -7.525  -12.213 1.00 26.94  ? 75  MSE B N   1 
HETATM 1169 C  CA  . MSE B 1 75 ? -12.672 -7.328  -13.493 1.00 28.30  ? 75  MSE B CA  1 
HETATM 1170 C  C   . MSE B 1 75 ? -11.731 -7.142  -14.687 1.00 35.06  ? 75  MSE B C   1 
HETATM 1171 O  O   . MSE B 1 75 ? -12.053 -6.399  -15.617 1.00 38.10  ? 75  MSE B O   1 
HETATM 1172 C  CB  . MSE B 1 75 ? -13.618 -6.142  -13.398 1.00 27.08  ? 75  MSE B CB  1 
HETATM 1173 C  CG  . MSE B 1 75 ? -14.834 -6.463  -12.555 1.00 30.82  ? 75  MSE B CG  1 
HETATM 1174 SE SE  . MSE B 1 75 ? -15.865 -4.885  -12.143 1.00 44.79  ? 75  MSE B SE  1 
HETATM 1175 C  CE  . MSE B 1 75 ? -16.668 -4.494  -13.866 1.00 23.50  ? 75  MSE B CE  1 
ATOM   1176 N  N   . LYS B 1 76 ? -10.574 -7.805  -14.622 1.00 34.17  ? 76  LYS B N   1 
ATOM   1177 C  CA  . LYS B 1 76 ? -9.703  -8.101  -15.764 1.00 29.97  ? 76  LYS B CA  1 
ATOM   1178 C  C   . LYS B 1 76 ? -9.622  -7.010  -16.829 1.00 35.07  ? 76  LYS B C   1 
ATOM   1179 O  O   . LYS B 1 76 ? -9.883  -7.261  -18.008 1.00 34.06  ? 76  LYS B O   1 
ATOM   1180 C  CB  . LYS B 1 76 ? -10.165 -9.402  -16.416 1.00 26.11  ? 76  LYS B CB  1 
ATOM   1181 C  CG  . LYS B 1 76 ? -10.682 -10.455 -15.433 1.00 27.85  ? 76  LYS B CG  1 
ATOM   1182 C  CD  . LYS B 1 76 ? -11.594 -11.469 -16.120 1.00 28.93  ? 76  LYS B CD  1 
ATOM   1183 C  CE  . LYS B 1 76 ? -12.176 -12.486 -15.133 1.00 29.62  ? 76  LYS B CE  1 
ATOM   1184 N  NZ  . LYS B 1 76 ? -11.309 -13.695 -14.946 1.00 25.17  ? 76  LYS B NZ  1 
HETATM 1185 ZN ZN  . ZN  C 2 .  ? 3.376   3.122   -19.340 1.00 23.08  ? 101 ZN  A ZN  1 
HETATM 1186 ZN ZN  . ZN  D 2 .  ? -17.192 -7.926  -3.298  1.00 24.68  ? 101 ZN  B ZN  1 
HETATM 1187 C  C1  . GOL E 3 .  ? -8.032  -21.936 -3.194  1.00 31.89  ? 102 GOL B C1  1 
HETATM 1188 O  O1  . GOL E 3 .  ? -9.313  -22.455 -2.907  1.00 35.26  ? 102 GOL B O1  1 
HETATM 1189 C  C2  . GOL E 3 .  ? -8.060  -20.450 -2.892  1.00 36.31  ? 102 GOL B C2  1 
HETATM 1190 O  O2  . GOL E 3 .  ? -7.013  -19.789 -3.554  1.00 35.06  ? 102 GOL B O2  1 
HETATM 1191 C  C3  . GOL E 3 .  ? -9.381  -19.899 -3.391  1.00 25.33  ? 102 GOL B C3  1 
HETATM 1192 O  O3  . GOL E 3 .  ? -9.272  -18.510 -3.514  1.00 22.40  ? 102 GOL B O3  1 
HETATM 1193 CL CL  . CL  F 4 .  ? -0.004  0.181   -0.476  1.00 18.88  ? 103 CL  B CL  1 
HETATM 1194 O  O   . HOH G 5 .  ? -5.723  12.494  0.154   1.00 21.10  ? 201 HOH A O   1 
HETATM 1195 O  O   . HOH G 5 .  ? 8.727   -5.626  -4.102  1.00 26.25  ? 202 HOH A O   1 
HETATM 1196 O  O   . HOH G 5 .  ? -9.759  1.665   -22.730 1.00 33.30  ? 203 HOH A O   1 
HETATM 1197 O  O   . HOH G 5 .  ? -7.313  -1.808  -11.019 1.00 34.13  ? 204 HOH A O   1 
HETATM 1198 O  O   . HOH G 5 .  ? -4.343  18.104  1.858   1.00 22.95  ? 205 HOH A O   1 
HETATM 1199 O  O   . HOH G 5 .  ? 3.609   12.004  -21.373 1.00 17.17  ? 206 HOH A O   1 
HETATM 1200 O  O   . HOH G 5 .  ? 9.366   12.413  11.472  1.00 19.24  ? 207 HOH A O   1 
HETATM 1201 O  O   . HOH G 5 .  ? -3.414  -9.390  -12.848 1.00 52.06  ? 208 HOH A O   1 
HETATM 1202 O  O   . HOH G 5 .  ? 2.033   18.050  7.678   1.00 22.78  ? 209 HOH A O   1 
HETATM 1203 O  O   . HOH G 5 .  ? -2.204  -9.133  -10.221 1.00 33.98  ? 210 HOH A O   1 
HETATM 1204 O  O   . HOH G 5 .  ? 1.606   20.362  1.512   1.00 16.60  ? 211 HOH A O   1 
HETATM 1205 O  O   . HOH G 5 .  ? 11.430  2.586   3.042   1.00 38.24  ? 212 HOH A O   1 
HETATM 1206 O  O   . HOH G 5 .  ? 8.538   6.789   -9.441  1.00 20.67  ? 213 HOH A O   1 
HETATM 1207 O  O   . HOH G 5 .  ? -10.403 0.476   -15.278 1.00 20.78  ? 214 HOH A O   1 
HETATM 1208 O  O   . HOH G 5 .  ? 10.607  21.203  0.628   1.00 40.21  ? 215 HOH A O   1 
HETATM 1209 O  O   . HOH G 5 .  ? 6.873   -6.230  -4.830  1.00 33.14  ? 216 HOH A O   1 
HETATM 1210 O  O   . HOH G 5 .  ? 2.529   14.087  9.095   1.00 24.01  ? 217 HOH A O   1 
HETATM 1211 O  O   . HOH G 5 .  ? -5.148  15.670  -1.401  1.00 29.28  ? 218 HOH A O   1 
HETATM 1212 O  O   . HOH G 5 .  ? -6.150  4.351   1.659   1.00 19.32  ? 219 HOH A O   1 
HETATM 1213 O  O   . HOH G 5 .  ? 12.686  17.432  -1.152  1.00 24.18  ? 220 HOH A O   1 
HETATM 1214 O  O   . HOH G 5 .  ? 5.563   23.769  6.851   1.00 18.60  ? 221 HOH A O   1 
HETATM 1215 O  O   . HOH G 5 .  ? 6.893   15.980  6.689   1.00 24.68  ? 222 HOH A O   1 
HETATM 1216 O  O   . HOH G 5 .  ? 7.103   6.393   -15.283 1.00 24.69  ? 223 HOH A O   1 
HETATM 1217 O  O   . HOH G 5 .  ? 8.845   21.420  4.177   1.00 34.73  ? 224 HOH A O   1 
HETATM 1218 O  O   . HOH G 5 .  ? 5.457   -8.181  -5.889  1.00 27.12  ? 225 HOH A O   1 
HETATM 1219 O  O   . HOH G 5 .  ? 2.646   -0.024  -2.762  1.00 18.77  ? 226 HOH A O   1 
HETATM 1220 O  O   . HOH G 5 .  ? 9.547   19.304  7.061   1.00 25.32  ? 227 HOH A O   1 
HETATM 1221 O  O   . HOH G 5 .  ? 9.547   13.215  -12.060 1.00 23.98  ? 228 HOH A O   1 
HETATM 1222 O  O   . HOH G 5 .  ? 6.333   5.439   7.198   1.00 24.72  ? 229 HOH A O   1 
HETATM 1223 O  O   . HOH G 5 .  ? 2.645   2.049   0.593   1.00 17.45  ? 230 HOH A O   1 
HETATM 1224 O  O   . HOH G 5 .  ? 0.873   8.461   -19.736 1.00 21.41  ? 231 HOH A O   1 
HETATM 1225 O  O   . HOH G 5 .  ? 10.004  -0.152  -11.718 1.00 25.19  ? 232 HOH A O   1 
HETATM 1226 O  O   . HOH G 5 .  ? 6.285   19.968  1.271   1.00 19.23  ? 233 HOH A O   1 
HETATM 1227 O  O   . HOH G 5 .  ? 2.844   12.193  -13.407 1.00 19.18  ? 234 HOH A O   1 
HETATM 1228 O  O   . HOH G 5 .  ? -4.797  22.446  6.064   1.00 30.35  ? 235 HOH A O   1 
HETATM 1229 O  O   . HOH G 5 .  ? 6.894   18.189  -1.837  1.00 21.37  ? 236 HOH A O   1 
HETATM 1230 O  O   . HOH G 5 .  ? 10.866  6.682   -7.937  1.00 18.25  ? 237 HOH A O   1 
HETATM 1231 O  O   . HOH G 5 .  ? 7.942   14.624  11.944  1.00 33.78  ? 238 HOH A O   1 
HETATM 1232 O  O   . HOH G 5 .  ? -10.366 12.412  1.927   1.00 21.97  ? 239 HOH A O   1 
HETATM 1233 O  O   . HOH G 5 .  ? 8.862   5.935   -13.197 1.00 18.85  ? 240 HOH A O   1 
HETATM 1234 O  O   . HOH G 5 .  ? 10.200  1.067   -0.788  1.00 29.55  ? 241 HOH A O   1 
HETATM 1235 O  O   . HOH G 5 .  ? -1.199  14.656  -5.617  1.00 25.85  ? 242 HOH A O   1 
HETATM 1236 O  O   . HOH G 5 .  ? 12.945  4.431   -7.526  1.00 22.38  ? 243 HOH A O   1 
HETATM 1237 O  O   . HOH G 5 .  ? 2.858   2.546   3.105   1.00 20.19  ? 244 HOH A O   1 
HETATM 1238 O  O   . HOH G 5 .  ? 11.944  15.337  8.068   1.00 25.48  ? 245 HOH A O   1 
HETATM 1239 O  O   . HOH G 5 .  ? 0.386   21.510  0.078   1.00 25.52  ? 246 HOH A O   1 
HETATM 1240 O  O   . HOH G 5 .  ? 6.297   4.859   4.030   1.00 20.17  ? 247 HOH A O   1 
HETATM 1241 O  O   . HOH G 5 .  ? 4.958   -0.799  -15.618 1.00 20.48  ? 248 HOH A O   1 
HETATM 1242 O  O   . HOH G 5 .  ? -4.818  7.275   5.567   1.00 17.85  ? 249 HOH A O   1 
HETATM 1243 O  O   . HOH G 5 .  ? 6.260   2.201   -17.304 1.00 30.13  ? 250 HOH A O   1 
HETATM 1244 O  O   . HOH G 5 .  ? 7.604   13.482  -13.495 1.00 23.18  ? 251 HOH A O   1 
HETATM 1245 O  O   . HOH G 5 .  ? 2.564   9.830   -21.562 1.00 24.44  ? 252 HOH A O   1 
HETATM 1246 O  O   . HOH G 5 .  ? 4.133   14.796  7.875   1.00 29.03  ? 253 HOH A O   1 
HETATM 1247 O  O   . HOH G 5 .  ? 13.940  8.912   -10.568 1.00 20.27  ? 254 HOH A O   1 
HETATM 1248 O  O   . HOH G 5 .  ? 7.946   18.515  -5.831  1.00 24.86  ? 255 HOH A O   1 
HETATM 1249 O  O   . HOH G 5 .  ? 7.916   18.424  -3.823  1.00 28.47  ? 256 HOH A O   1 
HETATM 1250 O  O   . HOH G 5 .  ? 10.867  17.113  10.380  1.00 27.26  ? 257 HOH A O   1 
HETATM 1251 O  O   . HOH H 5 .  ? -6.915  6.323   5.278   1.00 25.00  ? 201 HOH B O   1 
HETATM 1252 O  O   . HOH H 5 .  ? 12.588  -7.540  0.766   1.00 26.32  ? 202 HOH B O   1 
HETATM 1253 O  O   . HOH H 5 .  ? 5.888   -2.822  12.071  1.00 68.27  ? 203 HOH B O   1 
HETATM 1254 O  O   . HOH H 5 .  ? 4.840   -0.301  14.986  1.00 30.57  ? 204 HOH B O   1 
HETATM 1255 O  O   . HOH H 5 .  ? -4.790  1.467   8.236   1.00 25.83  ? 205 HOH B O   1 
HETATM 1256 O  O   . HOH H 5 .  ? 8.497   -10.390 11.066  1.00 25.34  ? 206 HOH B O   1 
HETATM 1257 O  O   . HOH H 5 .  ? -8.339  -17.794 -1.648  1.00 43.04  ? 207 HOH B O   1 
HETATM 1258 O  O   . HOH H 5 .  ? 0.077   -15.843 4.260   1.00 31.30  ? 208 HOH B O   1 
HETATM 1259 O  O   . HOH H 5 .  ? -0.225  0.969   27.810  1.00 51.46  ? 209 HOH B O   1 
HETATM 1260 O  O   . HOH H 5 .  ? 5.728   -10.190 -4.036  1.00 26.79  ? 210 HOH B O   1 
HETATM 1261 O  O   . HOH H 5 .  ? 4.190   -18.646 6.778   1.00 44.30  ? 211 HOH B O   1 
HETATM 1262 O  O   . HOH H 5 .  ? -1.193  -13.633 16.044  1.00 19.88  ? 212 HOH B O   1 
HETATM 1263 O  O   . HOH H 5 .  ? -13.806 0.334   5.700   1.00 24.29  ? 213 HOH B O   1 
HETATM 1264 O  O   . HOH H 5 .  ? 4.913   -15.580 15.861  1.00 23.35  ? 214 HOH B O   1 
HETATM 1265 O  O   . HOH H 5 .  ? 7.528   2.976   7.992   1.00 40.71  ? 215 HOH B O   1 
HETATM 1266 O  O   . HOH H 5 .  ? 9.741   -3.008  4.954   1.00 23.48  ? 216 HOH B O   1 
HETATM 1267 O  O   . HOH H 5 .  ? -7.362  -15.703 -1.062  1.00 28.97  ? 217 HOH B O   1 
HETATM 1268 O  O   . HOH H 5 .  ? -14.865 -7.532  -8.798  1.00 20.28  ? 218 HOH B O   1 
HETATM 1269 O  O   . HOH H 5 .  ? 10.731  -15.140 3.705   1.00 30.22  ? 219 HOH B O   1 
HETATM 1270 O  O   . HOH H 5 .  ? 11.605  -7.201  11.981  1.00 19.20  ? 220 HOH B O   1 
HETATM 1271 O  O   . HOH H 5 .  ? 11.526  -2.526  2.583   1.00 25.36  ? 221 HOH B O   1 
HETATM 1272 O  O   . HOH H 5 .  ? -11.857 -11.264 11.785  1.00 25.87  ? 222 HOH B O   1 
HETATM 1273 O  O   . HOH H 5 .  ? 0.838   -16.062 16.516  1.00 22.80  ? 223 HOH B O   1 
HETATM 1274 O  O   . HOH H 5 .  ? -14.257 -0.535  -0.926  1.00 23.89  ? 224 HOH B O   1 
HETATM 1275 O  O   . HOH H 5 .  ? -1.724  2.047   12.559  1.00 54.73  ? 225 HOH B O   1 
HETATM 1276 O  O   . HOH H 5 .  ? -8.298  -11.753 13.244  1.00 24.62  ? 226 HOH B O   1 
HETATM 1277 O  O   . HOH H 5 .  ? -13.172 -7.033  5.703   1.00 23.14  ? 227 HOH B O   1 
HETATM 1278 O  O   . HOH H 5 .  ? -4.872  1.139   11.846  1.00 23.86  ? 228 HOH B O   1 
HETATM 1279 O  O   . HOH H 5 .  ? -14.237 -2.618  3.629   1.00 24.38  ? 229 HOH B O   1 
HETATM 1280 O  O   . HOH H 5 .  ? -8.608  -8.727  -7.821  1.00 23.21  ? 230 HOH B O   1 
HETATM 1281 O  O   . HOH H 5 .  ? -2.495  -14.040 1.130   1.00 31.57  ? 231 HOH B O   1 
HETATM 1282 O  O   . HOH H 5 .  ? 8.733   -5.032  14.998  1.00 25.45  ? 232 HOH B O   1 
HETATM 1283 O  O   . HOH H 5 .  ? -4.501  -8.427  -8.397  1.00 30.16  ? 233 HOH B O   1 
HETATM 1284 O  O   . HOH H 5 .  ? -6.439  -9.450  -6.401  1.00 24.05  ? 234 HOH B O   1 
HETATM 1285 O  O   . HOH H 5 .  ? 5.684   -12.057 15.882  1.00 23.23  ? 235 HOH B O   1 
HETATM 1286 O  O   . HOH H 5 .  ? -9.334  -4.496  -18.621 1.00 30.72  ? 236 HOH B O   1 
HETATM 1287 O  O   . HOH H 5 .  ? -10.094 -14.838 2.050   1.00 36.77  ? 237 HOH B O   1 
HETATM 1288 O  O   . HOH H 5 .  ? -9.943  -7.784  14.215  1.00 25.30  ? 238 HOH B O   1 
HETATM 1289 O  O   . HOH H 5 .  ? 10.351  -8.321  10.360  1.00 24.80  ? 239 HOH B O   1 
HETATM 1290 O  O   . HOH H 5 .  ? -10.983 -7.125  6.129   1.00 22.23  ? 240 HOH B O   1 
HETATM 1291 O  O   . HOH H 5 .  ? 0.240   1.766   10.304  1.00 26.46  ? 241 HOH B O   1 
HETATM 1292 O  O   . HOH H 5 .  ? -14.762 -8.682  1.946   1.00 21.48  ? 242 HOH B O   1 
HETATM 1293 O  O   . HOH H 5 .  ? 3.465   -2.480  -3.580  1.00 17.26  ? 243 HOH B O   1 
HETATM 1294 O  O   . HOH H 5 .  ? 6.715   -13.084 17.455  1.00 31.40  ? 244 HOH B O   1 
HETATM 1295 O  O   . HOH H 5 .  ? -0.411  0.012   2.298   1.00 24.59  ? 245 HOH B O   1 
HETATM 1296 O  O   . HOH H 5 .  ? 0.510   -15.483 11.473  1.00 17.83  ? 246 HOH B O   1 
HETATM 1297 O  O   . HOH H 5 .  ? 9.104   -4.737  -0.121  1.00 22.28  ? 247 HOH B O   1 
HETATM 1298 O  O   . HOH H 5 .  ? 4.327   -10.038 16.683  1.00 17.36  ? 248 HOH B O   1 
HETATM 1299 O  O   . HOH H 5 .  ? -15.014 -2.108  -2.613  1.00 17.86  ? 249 HOH B O   1 
HETATM 1300 O  O   . HOH H 5 .  ? -14.858 -14.627 -4.042  1.00 20.95  ? 250 HOH B O   1 
HETATM 1301 O  O   . HOH H 5 .  ? 10.561  -15.423 11.241  1.00 20.33  ? 251 HOH B O   1 
HETATM 1302 O  O   . HOH H 5 .  ? -10.750 3.662   11.132  1.00 31.71  ? 252 HOH B O   1 
HETATM 1303 O  O   . HOH H 5 .  ? -9.598  -5.951  8.023   1.00 20.28  ? 253 HOH B O   1 
HETATM 1304 O  O   . HOH H 5 .  ? 5.291   -18.060 8.716   1.00 23.09  ? 254 HOH B O   1 
HETATM 1305 O  O   . HOH H 5 .  ? -0.190  -6.049  19.031  1.00 28.61  ? 255 HOH B O   1 
HETATM 1306 O  O   . HOH H 5 .  ? -11.011 5.351   1.150   1.00 24.40  ? 256 HOH B O   1 
HETATM 1307 O  O   . HOH H 5 .  ? -9.794  5.327   8.911   1.00 27.42  ? 257 HOH B O   1 
HETATM 1308 O  O   . HOH H 5 .  ? -7.057  7.275   8.167   1.00 34.62  ? 258 HOH B O   1 
HETATM 1309 O  O   . HOH H 5 .  ? 8.663   -7.792  -4.625  1.00 25.86  ? 259 HOH B O   1 
HETATM 1310 O  O   . HOH H 5 .  ? -5.628  5.905   8.534   1.00 26.49  ? 260 HOH B O   1 
HETATM 1311 O  O   . HOH H 5 .  ? -14.603 -4.902  6.961   1.00 34.31  ? 261 HOH B O   1 
HETATM 1312 O  O   . HOH H 5 .  ? -2.822  -0.224  1.247   1.00 43.20  ? 262 HOH B O   1 
HETATM 1313 O  O   . HOH H 5 .  ? -7.417  -14.599 1.645   1.00 28.83  ? 263 HOH B O   1 
HETATM 1314 O  O   . HOH H 5 .  ? 3.036   -16.464 11.897  1.00 25.01  ? 264 HOH B O   1 
HETATM 1315 O  O   . HOH H 5 .  ? 0.827   -0.909  4.883   1.00 27.74  ? 265 HOH B O   1 
HETATM 1316 O  O   . HOH H 5 .  ? -3.717  3.374   10.452  1.00 25.86  ? 266 HOH B O   1 
HETATM 1317 O  O   . HOH H 5 .  ? -15.925 -1.307  -4.510  1.00 19.75  ? 267 HOH B O   1 
HETATM 1318 O  O   . HOH H 5 .  ? 2.278   -7.525  19.469  1.00 22.35  ? 268 HOH B O   1 
HETATM 1319 O  O   . HOH H 5 .  ? 11.278  -3.821  1.054   1.00 24.80  ? 269 HOH B O   1 
HETATM 1320 O  O   . HOH H 5 .  ? -8.538  7.022   1.641   1.00 42.97  ? 270 HOH B O   1 
HETATM 1321 O  O   . HOH H 5 .  ? -17.420 -2.470  -2.770  1.00 29.31  ? 271 HOH B O   1 
HETATM 1322 O  O   . HOH H 5 .  ? -13.557 -7.545  11.596  1.00 20.62  ? 272 HOH B O   1 
HETATM 1323 O  O   . HOH H 5 .  ? 10.424  -14.467 -5.010  1.00 23.26  ? 273 HOH B O   1 
HETATM 1324 O  O   . HOH H 5 .  ? -12.159 6.490   3.009   1.00 40.39  ? 274 HOH B O   1 
HETATM 1325 O  O   . HOH H 5 .  ? 4.357   -18.142 10.916  1.00 32.72  ? 275 HOH B O   1 
HETATM 1326 O  O   . HOH H 5 .  ? -15.559 -1.226  1.709   1.00 23.56  ? 276 HOH B O   1 
HETATM 1327 O  O   . HOH H 5 .  ? -11.140 -5.038  9.647   1.00 24.55  ? 277 HOH B O   1 
HETATM 1328 O  O   . HOH H 5 .  ? 5.824   -19.386 12.453  1.00 29.91  ? 278 HOH B O   1 
# 
